data_1R8I
# 
_entry.id   1R8I 
# 
_audit_conform.dict_name       mmcif_pdbx.dic 
_audit_conform.dict_version    5.386 
_audit_conform.dict_location   http://mmcif.pdb.org/dictionaries/ascii/mmcif_pdbx.dic 
# 
loop_
_database_2.database_id 
_database_2.database_code 
_database_2.pdbx_database_accession 
_database_2.pdbx_DOI 
PDB   1R8I         pdb_00001r8i 10.2210/pdb1r8i/pdb 
RCSB  RCSB020568   ?            ?                   
WWPDB D_1000020568 ?            ?                   
# 
loop_
_pdbx_audit_revision_history.ordinal 
_pdbx_audit_revision_history.data_content_type 
_pdbx_audit_revision_history.major_revision 
_pdbx_audit_revision_history.minor_revision 
_pdbx_audit_revision_history.revision_date 
1 'Structure model' 1 0 2004-01-06 
2 'Structure model' 1 1 2008-04-29 
3 'Structure model' 1 2 2011-07-13 
4 'Structure model' 1 3 2011-09-28 
5 'Structure model' 1 4 2024-02-14 
# 
_pdbx_audit_revision_details.ordinal             1 
_pdbx_audit_revision_details.revision_ordinal    1 
_pdbx_audit_revision_details.data_content_type   'Structure model' 
_pdbx_audit_revision_details.provider            repository 
_pdbx_audit_revision_details.type                'Initial release' 
_pdbx_audit_revision_details.description         ? 
_pdbx_audit_revision_details.details             ? 
# 
loop_
_pdbx_audit_revision_group.ordinal 
_pdbx_audit_revision_group.revision_ordinal 
_pdbx_audit_revision_group.data_content_type 
_pdbx_audit_revision_group.group 
1 2 'Structure model' 'Version format compliance' 
2 3 'Structure model' 'Version format compliance' 
3 4 'Structure model' 'Structure summary'         
4 5 'Structure model' 'Data collection'           
5 5 'Structure model' 'Database references'       
# 
loop_
_pdbx_audit_revision_category.ordinal 
_pdbx_audit_revision_category.revision_ordinal 
_pdbx_audit_revision_category.data_content_type 
_pdbx_audit_revision_category.category 
1 5 'Structure model' chem_comp_atom 
2 5 'Structure model' chem_comp_bond 
3 5 'Structure model' database_2     
# 
loop_
_pdbx_audit_revision_item.ordinal 
_pdbx_audit_revision_item.revision_ordinal 
_pdbx_audit_revision_item.data_content_type 
_pdbx_audit_revision_item.item 
1 5 'Structure model' '_database_2.pdbx_DOI'                
2 5 'Structure model' '_database_2.pdbx_database_accession' 
# 
_pdbx_database_status.status_code                     REL 
_pdbx_database_status.entry_id                        1R8I 
_pdbx_database_status.recvd_initial_deposition_date   2003-10-24 
_pdbx_database_status.deposit_site                    RCSB 
_pdbx_database_status.process_site                    RCSB 
_pdbx_database_status.status_code_sf                  REL 
_pdbx_database_status.SG_entry                        . 
_pdbx_database_status.status_code_mr                  ? 
_pdbx_database_status.status_code_cs                  ? 
_pdbx_database_status.pdb_format_compatible           Y 
_pdbx_database_status.status_code_nmr_data            ? 
_pdbx_database_status.methods_development_category    ? 
# 
loop_
_audit_author.name 
_audit_author.pdbx_ordinal 
'Yeo, H.-J.'  1 
'Yuan, Q.'    2 
'Beck, M.R.'  3 
'Baron, C.'   4 
'Waksman, G.' 5 
# 
_citation.id                        primary 
_citation.title                     
;Structural and functional characterization of the VirB5 protein from the type IV secretion system encoded by the conjugative plasmid pKM101
;
_citation.journal_abbrev            Proc.Natl.Acad.Sci.USA 
_citation.journal_volume            100 
_citation.page_first                15947 
_citation.page_last                 15952 
_citation.year                      2003 
_citation.journal_id_ASTM           PNASA6 
_citation.country                   US 
_citation.journal_id_ISSN           0027-8424 
_citation.journal_id_CSD            0040 
_citation.book_publisher            ? 
_citation.pdbx_database_id_PubMed   14673074 
_citation.pdbx_database_id_DOI      10.1073/pnas.2535211100 
# 
loop_
_citation_author.citation_id 
_citation_author.name 
_citation_author.ordinal 
_citation_author.identifier_ORCID 
primary 'Yeo, H.-J.'  1 ? 
primary 'Yuan, Q.'    2 ? 
primary 'Beck, M.R.'  3 ? 
primary 'Baron, C.'   4 ? 
primary 'Waksman, G.' 5 ? 
# 
_entity.id                         1 
_entity.type                       polymer 
_entity.src_method                 man 
_entity.pdbx_description           TraC 
_entity.formula_weight             23515.301 
_entity.pdbx_number_of_molecules   1 
_entity.pdbx_ec                    ? 
_entity.pdbx_mutation              ? 
_entity.pdbx_fragment              ? 
_entity.details                    ? 
# 
_entity_poly.entity_id                      1 
_entity_poly.type                           'polypeptide(L)' 
_entity_poly.nstd_linkage                   no 
_entity_poly.nstd_monomer                   no 
_entity_poly.pdbx_seq_one_letter_code       
;GIIVSNPTELIKQGEQLEQMAQQLEQLKSQLETQKNMYESMAKTTNLGDLLGTSTNTLANNLPDNWKEVYSDAMNSSSSV
TPSVNSMMGQFNAEVDDMTPSEAIAYMNKKLAEKGAYDRVMAEKAYNNQMQELSDMQALTEQIKSTPDLKSIADLQARIQ
TSQGAIQGEQAKLNLMNMLQQSQDKLLRAQKDRATRNFVFGTGGDVTASPSIN
;
_entity_poly.pdbx_seq_one_letter_code_can   
;GIIVSNPTELIKQGEQLEQMAQQLEQLKSQLETQKNMYESMAKTTNLGDLLGTSTNTLANNLPDNWKEVYSDAMNSSSSV
TPSVNSMMGQFNAEVDDMTPSEAIAYMNKKLAEKGAYDRVMAEKAYNNQMQELSDMQALTEQIKSTPDLKSIADLQARIQ
TSQGAIQGEQAKLNLMNMLQQSQDKLLRAQKDRATRNFVFGTGGDVTASPSIN
;
_entity_poly.pdbx_strand_id                 A 
_entity_poly.pdbx_target_identifier         ? 
# 
loop_
_entity_poly_seq.entity_id 
_entity_poly_seq.num 
_entity_poly_seq.mon_id 
_entity_poly_seq.hetero 
1 1   GLY n 
1 2   ILE n 
1 3   ILE n 
1 4   VAL n 
1 5   SER n 
1 6   ASN n 
1 7   PRO n 
1 8   THR n 
1 9   GLU n 
1 10  LEU n 
1 11  ILE n 
1 12  LYS n 
1 13  GLN n 
1 14  GLY n 
1 15  GLU n 
1 16  GLN n 
1 17  LEU n 
1 18  GLU n 
1 19  GLN n 
1 20  MET n 
1 21  ALA n 
1 22  GLN n 
1 23  GLN n 
1 24  LEU n 
1 25  GLU n 
1 26  GLN n 
1 27  LEU n 
1 28  LYS n 
1 29  SER n 
1 30  GLN n 
1 31  LEU n 
1 32  GLU n 
1 33  THR n 
1 34  GLN n 
1 35  LYS n 
1 36  ASN n 
1 37  MET n 
1 38  TYR n 
1 39  GLU n 
1 40  SER n 
1 41  MET n 
1 42  ALA n 
1 43  LYS n 
1 44  THR n 
1 45  THR n 
1 46  ASN n 
1 47  LEU n 
1 48  GLY n 
1 49  ASP n 
1 50  LEU n 
1 51  LEU n 
1 52  GLY n 
1 53  THR n 
1 54  SER n 
1 55  THR n 
1 56  ASN n 
1 57  THR n 
1 58  LEU n 
1 59  ALA n 
1 60  ASN n 
1 61  ASN n 
1 62  LEU n 
1 63  PRO n 
1 64  ASP n 
1 65  ASN n 
1 66  TRP n 
1 67  LYS n 
1 68  GLU n 
1 69  VAL n 
1 70  TYR n 
1 71  SER n 
1 72  ASP n 
1 73  ALA n 
1 74  MET n 
1 75  ASN n 
1 76  SER n 
1 77  SER n 
1 78  SER n 
1 79  SER n 
1 80  VAL n 
1 81  THR n 
1 82  PRO n 
1 83  SER n 
1 84  VAL n 
1 85  ASN n 
1 86  SER n 
1 87  MET n 
1 88  MET n 
1 89  GLY n 
1 90  GLN n 
1 91  PHE n 
1 92  ASN n 
1 93  ALA n 
1 94  GLU n 
1 95  VAL n 
1 96  ASP n 
1 97  ASP n 
1 98  MET n 
1 99  THR n 
1 100 PRO n 
1 101 SER n 
1 102 GLU n 
1 103 ALA n 
1 104 ILE n 
1 105 ALA n 
1 106 TYR n 
1 107 MET n 
1 108 ASN n 
1 109 LYS n 
1 110 LYS n 
1 111 LEU n 
1 112 ALA n 
1 113 GLU n 
1 114 LYS n 
1 115 GLY n 
1 116 ALA n 
1 117 TYR n 
1 118 ASP n 
1 119 ARG n 
1 120 VAL n 
1 121 MET n 
1 122 ALA n 
1 123 GLU n 
1 124 LYS n 
1 125 ALA n 
1 126 TYR n 
1 127 ASN n 
1 128 ASN n 
1 129 GLN n 
1 130 MET n 
1 131 GLN n 
1 132 GLU n 
1 133 LEU n 
1 134 SER n 
1 135 ASP n 
1 136 MET n 
1 137 GLN n 
1 138 ALA n 
1 139 LEU n 
1 140 THR n 
1 141 GLU n 
1 142 GLN n 
1 143 ILE n 
1 144 LYS n 
1 145 SER n 
1 146 THR n 
1 147 PRO n 
1 148 ASP n 
1 149 LEU n 
1 150 LYS n 
1 151 SER n 
1 152 ILE n 
1 153 ALA n 
1 154 ASP n 
1 155 LEU n 
1 156 GLN n 
1 157 ALA n 
1 158 ARG n 
1 159 ILE n 
1 160 GLN n 
1 161 THR n 
1 162 SER n 
1 163 GLN n 
1 164 GLY n 
1 165 ALA n 
1 166 ILE n 
1 167 GLN n 
1 168 GLY n 
1 169 GLU n 
1 170 GLN n 
1 171 ALA n 
1 172 LYS n 
1 173 LEU n 
1 174 ASN n 
1 175 LEU n 
1 176 MET n 
1 177 ASN n 
1 178 MET n 
1 179 LEU n 
1 180 GLN n 
1 181 GLN n 
1 182 SER n 
1 183 GLN n 
1 184 ASP n 
1 185 LYS n 
1 186 LEU n 
1 187 LEU n 
1 188 ARG n 
1 189 ALA n 
1 190 GLN n 
1 191 LYS n 
1 192 ASP n 
1 193 ARG n 
1 194 ALA n 
1 195 THR n 
1 196 ARG n 
1 197 ASN n 
1 198 PHE n 
1 199 VAL n 
1 200 PHE n 
1 201 GLY n 
1 202 THR n 
1 203 GLY n 
1 204 GLY n 
1 205 ASP n 
1 206 VAL n 
1 207 THR n 
1 208 ALA n 
1 209 SER n 
1 210 PRO n 
1 211 SER n 
1 212 ILE n 
1 213 ASN n 
# 
_entity_src_gen.entity_id                          1 
_entity_src_gen.pdbx_src_id                        1 
_entity_src_gen.pdbx_alt_source_flag               sample 
_entity_src_gen.pdbx_seq_type                      ? 
_entity_src_gen.pdbx_beg_seq_num                   ? 
_entity_src_gen.pdbx_end_seq_num                   ? 
_entity_src_gen.gene_src_common_name               ? 
_entity_src_gen.gene_src_genus                     Escherichia 
_entity_src_gen.pdbx_gene_src_gene                 trac 
_entity_src_gen.gene_src_species                   ? 
_entity_src_gen.gene_src_strain                    ? 
_entity_src_gen.gene_src_tissue                    ? 
_entity_src_gen.gene_src_tissue_fraction           ? 
_entity_src_gen.gene_src_details                   ? 
_entity_src_gen.pdbx_gene_src_fragment             ? 
_entity_src_gen.pdbx_gene_src_scientific_name      'Escherichia coli' 
_entity_src_gen.pdbx_gene_src_ncbi_taxonomy_id     562 
_entity_src_gen.pdbx_gene_src_variant              ? 
_entity_src_gen.pdbx_gene_src_cell_line            ? 
_entity_src_gen.pdbx_gene_src_atcc                 ? 
_entity_src_gen.pdbx_gene_src_organ                ? 
_entity_src_gen.pdbx_gene_src_organelle            ? 
_entity_src_gen.pdbx_gene_src_cell                 ? 
_entity_src_gen.pdbx_gene_src_cellular_location    ? 
_entity_src_gen.host_org_common_name               ? 
_entity_src_gen.pdbx_host_org_scientific_name      'Escherichia coli' 
_entity_src_gen.pdbx_host_org_ncbi_taxonomy_id     562 
_entity_src_gen.host_org_genus                     Escherichia 
_entity_src_gen.pdbx_host_org_gene                 ? 
_entity_src_gen.pdbx_host_org_organ                ? 
_entity_src_gen.host_org_species                   ? 
_entity_src_gen.pdbx_host_org_tissue               ? 
_entity_src_gen.pdbx_host_org_tissue_fraction      ? 
_entity_src_gen.pdbx_host_org_strain               'JM109, DL41' 
_entity_src_gen.pdbx_host_org_variant              ? 
_entity_src_gen.pdbx_host_org_cell_line            ? 
_entity_src_gen.pdbx_host_org_atcc                 ? 
_entity_src_gen.pdbx_host_org_culture_collection   ? 
_entity_src_gen.pdbx_host_org_cell                 ? 
_entity_src_gen.pdbx_host_org_organelle            ? 
_entity_src_gen.pdbx_host_org_cellular_location    ? 
_entity_src_gen.pdbx_host_org_vector_type          plasmid 
_entity_src_gen.pdbx_host_org_vector               ? 
_entity_src_gen.host_org_details                   ? 
_entity_src_gen.expression_system_id               ? 
_entity_src_gen.plasmid_name                       pTrcTraC 
_entity_src_gen.plasmid_details                    ? 
_entity_src_gen.pdbx_description                   ? 
# 
loop_
_chem_comp.id 
_chem_comp.type 
_chem_comp.mon_nstd_flag 
_chem_comp.name 
_chem_comp.pdbx_synonyms 
_chem_comp.formula 
_chem_comp.formula_weight 
ALA 'L-peptide linking' y ALANINE         ? 'C3 H7 N O2'     89.093  
ARG 'L-peptide linking' y ARGININE        ? 'C6 H15 N4 O2 1' 175.209 
ASN 'L-peptide linking' y ASPARAGINE      ? 'C4 H8 N2 O3'    132.118 
ASP 'L-peptide linking' y 'ASPARTIC ACID' ? 'C4 H7 N O4'     133.103 
GLN 'L-peptide linking' y GLUTAMINE       ? 'C5 H10 N2 O3'   146.144 
GLU 'L-peptide linking' y 'GLUTAMIC ACID' ? 'C5 H9 N O4'     147.129 
GLY 'peptide linking'   y GLYCINE         ? 'C2 H5 N O2'     75.067  
ILE 'L-peptide linking' y ISOLEUCINE      ? 'C6 H13 N O2'    131.173 
LEU 'L-peptide linking' y LEUCINE         ? 'C6 H13 N O2'    131.173 
LYS 'L-peptide linking' y LYSINE          ? 'C6 H15 N2 O2 1' 147.195 
MET 'L-peptide linking' y METHIONINE      ? 'C5 H11 N O2 S'  149.211 
PHE 'L-peptide linking' y PHENYLALANINE   ? 'C9 H11 N O2'    165.189 
PRO 'L-peptide linking' y PROLINE         ? 'C5 H9 N O2'     115.130 
SER 'L-peptide linking' y SERINE          ? 'C3 H7 N O3'     105.093 
THR 'L-peptide linking' y THREONINE       ? 'C4 H9 N O3'     119.119 
TRP 'L-peptide linking' y TRYPTOPHAN      ? 'C11 H12 N2 O2'  204.225 
TYR 'L-peptide linking' y TYROSINE        ? 'C9 H11 N O3'    181.189 
VAL 'L-peptide linking' y VALINE          ? 'C5 H11 N O2'    117.146 
# 
loop_
_pdbx_poly_seq_scheme.asym_id 
_pdbx_poly_seq_scheme.entity_id 
_pdbx_poly_seq_scheme.seq_id 
_pdbx_poly_seq_scheme.mon_id 
_pdbx_poly_seq_scheme.ndb_seq_num 
_pdbx_poly_seq_scheme.pdb_seq_num 
_pdbx_poly_seq_scheme.auth_seq_num 
_pdbx_poly_seq_scheme.pdb_mon_id 
_pdbx_poly_seq_scheme.auth_mon_id 
_pdbx_poly_seq_scheme.pdb_strand_id 
_pdbx_poly_seq_scheme.pdb_ins_code 
_pdbx_poly_seq_scheme.hetero 
A 1 1   GLY 1   25  ?   ?   ?   A . n 
A 1 2   ILE 2   26  ?   ?   ?   A . n 
A 1 3   ILE 3   27  ?   ?   ?   A . n 
A 1 4   VAL 4   28  ?   ?   ?   A . n 
A 1 5   SER 5   29  ?   ?   ?   A . n 
A 1 6   ASN 6   30  ?   ?   ?   A . n 
A 1 7   PRO 7   31  ?   ?   ?   A . n 
A 1 8   THR 8   32  32  THR THR A . n 
A 1 9   GLU 9   33  33  GLU GLU A . n 
A 1 10  LEU 10  34  34  LEU LEU A . n 
A 1 11  ILE 11  35  35  ILE ILE A . n 
A 1 12  LYS 12  36  36  LYS LYS A . n 
A 1 13  GLN 13  37  37  GLN GLN A . n 
A 1 14  GLY 14  38  38  GLY GLY A . n 
A 1 15  GLU 15  39  39  GLU GLU A . n 
A 1 16  GLN 16  40  40  GLN GLN A . n 
A 1 17  LEU 17  41  41  LEU LEU A . n 
A 1 18  GLU 18  42  42  GLU GLU A . n 
A 1 19  GLN 19  43  43  GLN GLN A . n 
A 1 20  MET 20  44  44  MET MET A . n 
A 1 21  ALA 21  45  45  ALA ALA A . n 
A 1 22  GLN 22  46  46  GLN GLN A . n 
A 1 23  GLN 23  47  47  GLN GLN A . n 
A 1 24  LEU 24  48  48  LEU LEU A . n 
A 1 25  GLU 25  49  49  GLU GLU A . n 
A 1 26  GLN 26  50  50  GLN GLN A . n 
A 1 27  LEU 27  51  51  LEU LEU A . n 
A 1 28  LYS 28  52  52  LYS LYS A . n 
A 1 29  SER 29  53  53  SER SER A . n 
A 1 30  GLN 30  54  54  GLN GLN A . n 
A 1 31  LEU 31  55  55  LEU LEU A . n 
A 1 32  GLU 32  56  56  GLU GLU A . n 
A 1 33  THR 33  57  57  THR THR A . n 
A 1 34  GLN 34  58  58  GLN GLN A . n 
A 1 35  LYS 35  59  59  LYS LYS A . n 
A 1 36  ASN 36  60  60  ASN ASN A . n 
A 1 37  MET 37  61  61  MET MET A . n 
A 1 38  TYR 38  62  62  TYR TYR A . n 
A 1 39  GLU 39  63  63  GLU GLU A . n 
A 1 40  SER 40  64  64  SER SER A . n 
A 1 41  MET 41  65  65  MET MET A . n 
A 1 42  ALA 42  66  66  ALA ALA A . n 
A 1 43  LYS 43  67  67  LYS LYS A . n 
A 1 44  THR 44  68  68  THR THR A . n 
A 1 45  THR 45  69  69  THR THR A . n 
A 1 46  ASN 46  70  70  ASN ASN A . n 
A 1 47  LEU 47  71  71  LEU LEU A . n 
A 1 48  GLY 48  72  72  GLY GLY A . n 
A 1 49  ASP 49  73  73  ASP ASP A . n 
A 1 50  LEU 50  74  74  LEU LEU A . n 
A 1 51  LEU 51  75  75  LEU LEU A . n 
A 1 52  GLY 52  76  76  GLY GLY A . n 
A 1 53  THR 53  77  77  THR THR A . n 
A 1 54  SER 54  78  78  SER SER A . n 
A 1 55  THR 55  79  79  THR THR A . n 
A 1 56  ASN 56  80  80  ASN ASN A . n 
A 1 57  THR 57  81  81  THR THR A . n 
A 1 58  LEU 58  82  82  LEU LEU A . n 
A 1 59  ALA 59  83  83  ALA ALA A . n 
A 1 60  ASN 60  84  84  ASN ASN A . n 
A 1 61  ASN 61  85  85  ASN ASN A . n 
A 1 62  LEU 62  86  86  LEU LEU A . n 
A 1 63  PRO 63  87  87  PRO PRO A . n 
A 1 64  ASP 64  88  88  ASP ASP A . n 
A 1 65  ASN 65  89  89  ASN ASN A . n 
A 1 66  TRP 66  90  90  TRP TRP A . n 
A 1 67  LYS 67  91  91  LYS LYS A . n 
A 1 68  GLU 68  92  92  GLU GLU A . n 
A 1 69  VAL 69  93  93  VAL VAL A . n 
A 1 70  TYR 70  94  94  TYR TYR A . n 
A 1 71  SER 71  95  95  SER SER A . n 
A 1 72  ASP 72  96  96  ASP ASP A . n 
A 1 73  ALA 73  97  97  ALA ALA A . n 
A 1 74  MET 74  98  98  MET MET A . n 
A 1 75  ASN 75  99  99  ASN ASN A . n 
A 1 76  SER 76  100 100 SER SER A . n 
A 1 77  SER 77  101 101 SER SER A . n 
A 1 78  SER 78  102 102 SER SER A . n 
A 1 79  SER 79  103 103 SER SER A . n 
A 1 80  VAL 80  104 104 VAL VAL A . n 
A 1 81  THR 81  105 105 THR THR A . n 
A 1 82  PRO 82  106 106 PRO PRO A . n 
A 1 83  SER 83  107 107 SER SER A . n 
A 1 84  VAL 84  108 108 VAL VAL A . n 
A 1 85  ASN 85  109 109 ASN ASN A . n 
A 1 86  SER 86  110 110 SER SER A . n 
A 1 87  MET 87  111 111 MET MET A . n 
A 1 88  MET 88  112 112 MET MET A . n 
A 1 89  GLY 89  113 113 GLY GLY A . n 
A 1 90  GLN 90  114 114 GLN GLN A . n 
A 1 91  PHE 91  115 115 PHE PHE A . n 
A 1 92  ASN 92  116 116 ASN ASN A . n 
A 1 93  ALA 93  117 117 ALA ALA A . n 
A 1 94  GLU 94  118 118 GLU GLU A . n 
A 1 95  VAL 95  119 119 VAL VAL A . n 
A 1 96  ASP 96  120 120 ASP ASP A . n 
A 1 97  ASP 97  121 121 ASP ASP A . n 
A 1 98  MET 98  122 122 MET MET A . n 
A 1 99  THR 99  123 123 THR THR A . n 
A 1 100 PRO 100 124 124 PRO PRO A . n 
A 1 101 SER 101 125 125 SER SER A . n 
A 1 102 GLU 102 126 126 GLU GLU A . n 
A 1 103 ALA 103 127 127 ALA ALA A . n 
A 1 104 ILE 104 128 128 ILE ILE A . n 
A 1 105 ALA 105 129 129 ALA ALA A . n 
A 1 106 TYR 106 130 130 TYR TYR A . n 
A 1 107 MET 107 131 131 MET MET A . n 
A 1 108 ASN 108 132 132 ASN ASN A . n 
A 1 109 LYS 109 133 133 LYS LYS A . n 
A 1 110 LYS 110 134 134 LYS LYS A . n 
A 1 111 LEU 111 135 135 LEU LEU A . n 
A 1 112 ALA 112 136 136 ALA ALA A . n 
A 1 113 GLU 113 137 137 GLU GLU A . n 
A 1 114 LYS 114 138 138 LYS LYS A . n 
A 1 115 GLY 115 139 139 GLY GLY A . n 
A 1 116 ALA 116 140 140 ALA ALA A . n 
A 1 117 TYR 117 141 141 TYR TYR A . n 
A 1 118 ASP 118 142 142 ASP ASP A . n 
A 1 119 ARG 119 143 143 ARG ARG A . n 
A 1 120 VAL 120 144 144 VAL VAL A . n 
A 1 121 MET 121 145 145 MET MET A . n 
A 1 122 ALA 122 146 146 ALA ALA A . n 
A 1 123 GLU 123 147 147 GLU GLU A . n 
A 1 124 LYS 124 148 148 LYS LYS A . n 
A 1 125 ALA 125 149 149 ALA ALA A . n 
A 1 126 TYR 126 150 150 TYR TYR A . n 
A 1 127 ASN 127 151 151 ASN ASN A . n 
A 1 128 ASN 128 152 152 ASN ASN A . n 
A 1 129 GLN 129 153 153 GLN GLN A . n 
A 1 130 MET 130 154 154 MET MET A . n 
A 1 131 GLN 131 155 155 GLN GLN A . n 
A 1 132 GLU 132 156 156 GLU GLU A . n 
A 1 133 LEU 133 157 157 LEU LEU A . n 
A 1 134 SER 134 158 158 SER SER A . n 
A 1 135 ASP 135 159 159 ASP ASP A . n 
A 1 136 MET 136 160 160 MET MET A . n 
A 1 137 GLN 137 161 161 GLN GLN A . n 
A 1 138 ALA 138 162 162 ALA ALA A . n 
A 1 139 LEU 139 163 163 LEU LEU A . n 
A 1 140 THR 140 164 164 THR THR A . n 
A 1 141 GLU 141 165 165 GLU GLU A . n 
A 1 142 GLN 142 166 166 GLN GLN A . n 
A 1 143 ILE 143 167 167 ILE ILE A . n 
A 1 144 LYS 144 168 168 LYS LYS A . n 
A 1 145 SER 145 169 169 SER SER A . n 
A 1 146 THR 146 170 170 THR THR A . n 
A 1 147 PRO 147 171 171 PRO PRO A . n 
A 1 148 ASP 148 172 172 ASP ASP A . n 
A 1 149 LEU 149 173 173 LEU LEU A . n 
A 1 150 LYS 150 174 174 LYS LYS A . n 
A 1 151 SER 151 175 175 SER SER A . n 
A 1 152 ILE 152 176 176 ILE ILE A . n 
A 1 153 ALA 153 177 177 ALA ALA A . n 
A 1 154 ASP 154 178 178 ASP ASP A . n 
A 1 155 LEU 155 179 179 LEU LEU A . n 
A 1 156 GLN 156 180 180 GLN GLN A . n 
A 1 157 ALA 157 181 181 ALA ALA A . n 
A 1 158 ARG 158 182 182 ARG ARG A . n 
A 1 159 ILE 159 183 183 ILE ILE A . n 
A 1 160 GLN 160 184 184 GLN GLN A . n 
A 1 161 THR 161 185 185 THR THR A . n 
A 1 162 SER 162 186 186 SER SER A . n 
A 1 163 GLN 163 187 187 GLN GLN A . n 
A 1 164 GLY 164 188 188 GLY GLY A . n 
A 1 165 ALA 165 189 189 ALA ALA A . n 
A 1 166 ILE 166 190 190 ILE ILE A . n 
A 1 167 GLN 167 191 191 GLN GLN A . n 
A 1 168 GLY 168 192 192 GLY GLY A . n 
A 1 169 GLU 169 193 193 GLU GLU A . n 
A 1 170 GLN 170 194 194 GLN GLN A . n 
A 1 171 ALA 171 195 195 ALA ALA A . n 
A 1 172 LYS 172 196 196 LYS LYS A . n 
A 1 173 LEU 173 197 197 LEU LEU A . n 
A 1 174 ASN 174 198 198 ASN ASN A . n 
A 1 175 LEU 175 199 199 LEU LEU A . n 
A 1 176 MET 176 200 200 MET MET A . n 
A 1 177 ASN 177 201 201 ASN ASN A . n 
A 1 178 MET 178 202 202 MET MET A . n 
A 1 179 LEU 179 203 203 LEU LEU A . n 
A 1 180 GLN 180 204 204 GLN GLN A . n 
A 1 181 GLN 181 205 205 GLN GLN A . n 
A 1 182 SER 182 206 206 SER SER A . n 
A 1 183 GLN 183 207 207 GLN GLN A . n 
A 1 184 ASP 184 208 208 ASP ASP A . n 
A 1 185 LYS 185 209 209 LYS LYS A . n 
A 1 186 LEU 186 210 210 LEU LEU A . n 
A 1 187 LEU 187 211 211 LEU LEU A . n 
A 1 188 ARG 188 212 212 ARG ARG A . n 
A 1 189 ALA 189 213 213 ALA ALA A . n 
A 1 190 GLN 190 214 214 GLN GLN A . n 
A 1 191 LYS 191 215 215 LYS LYS A . n 
A 1 192 ASP 192 216 216 ASP ASP A . n 
A 1 193 ARG 193 217 217 ARG ARG A . n 
A 1 194 ALA 194 218 218 ALA ALA A . n 
A 1 195 THR 195 219 ?   ?   ?   A . n 
A 1 196 ARG 196 220 ?   ?   ?   A . n 
A 1 197 ASN 197 221 ?   ?   ?   A . n 
A 1 198 PHE 198 222 ?   ?   ?   A . n 
A 1 199 VAL 199 223 ?   ?   ?   A . n 
A 1 200 PHE 200 224 ?   ?   ?   A . n 
A 1 201 GLY 201 225 ?   ?   ?   A . n 
A 1 202 THR 202 226 ?   ?   ?   A . n 
A 1 203 GLY 203 227 ?   ?   ?   A . n 
A 1 204 GLY 204 228 ?   ?   ?   A . n 
A 1 205 ASP 205 229 ?   ?   ?   A . n 
A 1 206 VAL 206 230 ?   ?   ?   A . n 
A 1 207 THR 207 231 ?   ?   ?   A . n 
A 1 208 ALA 208 232 ?   ?   ?   A . n 
A 1 209 SER 209 233 ?   ?   ?   A . n 
A 1 210 PRO 210 234 ?   ?   ?   A . n 
A 1 211 SER 211 235 ?   ?   ?   A . n 
A 1 212 ILE 212 236 ?   ?   ?   A . n 
A 1 213 ASN 213 237 ?   ?   ?   A . n 
# 
loop_
_pdbx_unobs_or_zero_occ_atoms.id 
_pdbx_unobs_or_zero_occ_atoms.PDB_model_num 
_pdbx_unobs_or_zero_occ_atoms.polymer_flag 
_pdbx_unobs_or_zero_occ_atoms.occupancy_flag 
_pdbx_unobs_or_zero_occ_atoms.auth_asym_id 
_pdbx_unobs_or_zero_occ_atoms.auth_comp_id 
_pdbx_unobs_or_zero_occ_atoms.auth_seq_id 
_pdbx_unobs_or_zero_occ_atoms.PDB_ins_code 
_pdbx_unobs_or_zero_occ_atoms.auth_atom_id 
_pdbx_unobs_or_zero_occ_atoms.label_alt_id 
_pdbx_unobs_or_zero_occ_atoms.label_asym_id 
_pdbx_unobs_or_zero_occ_atoms.label_comp_id 
_pdbx_unobs_or_zero_occ_atoms.label_seq_id 
_pdbx_unobs_or_zero_occ_atoms.label_atom_id 
1  1 Y 1 A THR 32  ? OG1 ? A THR 8   OG1 
2  1 Y 1 A THR 32  ? CG2 ? A THR 8   CG2 
3  1 Y 1 A GLU 33  ? CG  ? A GLU 9   CG  
4  1 Y 1 A GLU 33  ? CD  ? A GLU 9   CD  
5  1 Y 1 A GLU 33  ? OE1 ? A GLU 9   OE1 
6  1 Y 1 A GLU 33  ? OE2 ? A GLU 9   OE2 
7  1 Y 1 A LEU 34  ? CG  ? A LEU 10  CG  
8  1 Y 1 A LEU 34  ? CD1 ? A LEU 10  CD1 
9  1 Y 1 A LEU 34  ? CD2 ? A LEU 10  CD2 
10 1 Y 1 A ILE 35  ? CG1 ? A ILE 11  CG1 
11 1 Y 1 A ILE 35  ? CG2 ? A ILE 11  CG2 
12 1 Y 1 A ILE 35  ? CD1 ? A ILE 11  CD1 
13 1 Y 1 A LYS 36  ? CG  ? A LYS 12  CG  
14 1 Y 1 A LYS 36  ? CD  ? A LYS 12  CD  
15 1 Y 1 A LYS 36  ? CE  ? A LYS 12  CE  
16 1 Y 1 A LYS 36  ? NZ  ? A LYS 12  NZ  
17 1 Y 1 A GLN 37  ? CG  ? A GLN 13  CG  
18 1 Y 1 A GLN 37  ? CD  ? A GLN 13  CD  
19 1 Y 1 A GLN 37  ? OE1 ? A GLN 13  OE1 
20 1 Y 1 A GLN 37  ? NE2 ? A GLN 13  NE2 
21 1 Y 1 A LEU 82  ? CG  ? A LEU 58  CG  
22 1 Y 1 A LEU 82  ? CD1 ? A LEU 58  CD1 
23 1 Y 1 A LEU 82  ? CD2 ? A LEU 58  CD2 
24 1 Y 1 A ASN 84  ? CG  ? A ASN 60  CG  
25 1 Y 1 A ASN 84  ? OD1 ? A ASN 60  OD1 
26 1 Y 1 A ASN 84  ? ND2 ? A ASN 60  ND2 
27 1 Y 1 A TRP 90  ? CG  ? A TRP 66  CG  
28 1 Y 1 A TRP 90  ? CD1 ? A TRP 66  CD1 
29 1 Y 1 A TRP 90  ? CD2 ? A TRP 66  CD2 
30 1 Y 1 A TRP 90  ? NE1 ? A TRP 66  NE1 
31 1 Y 1 A TRP 90  ? CE2 ? A TRP 66  CE2 
32 1 Y 1 A TRP 90  ? CE3 ? A TRP 66  CE3 
33 1 Y 1 A TRP 90  ? CZ2 ? A TRP 66  CZ2 
34 1 Y 1 A TRP 90  ? CZ3 ? A TRP 66  CZ3 
35 1 Y 1 A TRP 90  ? CH2 ? A TRP 66  CH2 
36 1 Y 1 A GLN 114 ? CG  ? A GLN 90  CG  
37 1 Y 1 A GLN 114 ? CD  ? A GLN 90  CD  
38 1 Y 1 A GLN 114 ? OE1 ? A GLN 90  OE1 
39 1 Y 1 A GLN 114 ? NE2 ? A GLN 90  NE2 
40 1 Y 1 A PHE 115 ? CG  ? A PHE 91  CG  
41 1 Y 1 A PHE 115 ? CD1 ? A PHE 91  CD1 
42 1 Y 1 A PHE 115 ? CD2 ? A PHE 91  CD2 
43 1 Y 1 A PHE 115 ? CE1 ? A PHE 91  CE1 
44 1 Y 1 A PHE 115 ? CE2 ? A PHE 91  CE2 
45 1 Y 1 A PHE 115 ? CZ  ? A PHE 91  CZ  
46 1 Y 1 A ASN 116 ? CG  ? A ASN 92  CG  
47 1 Y 1 A ASN 116 ? OD1 ? A ASN 92  OD1 
48 1 Y 1 A ASN 116 ? ND2 ? A ASN 92  ND2 
49 1 Y 1 A GLU 118 ? CG  ? A GLU 94  CG  
50 1 Y 1 A GLU 118 ? CD  ? A GLU 94  CD  
51 1 Y 1 A GLU 118 ? OE1 ? A GLU 94  OE1 
52 1 Y 1 A GLU 118 ? OE2 ? A GLU 94  OE2 
53 1 Y 1 A VAL 119 ? CG1 ? A VAL 95  CG1 
54 1 Y 1 A VAL 119 ? CG2 ? A VAL 95  CG2 
55 1 Y 1 A ASP 120 ? CG  ? A ASP 96  CG  
56 1 Y 1 A ASP 120 ? OD1 ? A ASP 96  OD1 
57 1 Y 1 A ASP 120 ? OD2 ? A ASP 96  OD2 
58 1 Y 1 A ASP 121 ? CG  ? A ASP 97  CG  
59 1 Y 1 A ASP 121 ? OD1 ? A ASP 97  OD1 
60 1 Y 1 A ASP 121 ? OD2 ? A ASP 97  OD2 
61 1 Y 1 A GLU 126 ? CB  ? A GLU 102 CB  
62 1 Y 1 A GLU 126 ? CG  ? A GLU 102 CG  
63 1 Y 1 A GLU 126 ? CD  ? A GLU 102 CD  
64 1 Y 1 A GLU 126 ? OE1 ? A GLU 102 OE1 
65 1 Y 1 A GLU 126 ? OE2 ? A GLU 102 OE2 
66 1 Y 1 A GLN 205 ? CG  ? A GLN 181 CG  
67 1 Y 1 A GLN 205 ? CD  ? A GLN 181 CD  
68 1 Y 1 A GLN 205 ? OE1 ? A GLN 181 OE1 
69 1 Y 1 A GLN 205 ? NE2 ? A GLN 181 NE2 
70 1 Y 1 A ARG 212 ? CG  ? A ARG 188 CG  
71 1 Y 1 A ARG 212 ? CD  ? A ARG 188 CD  
72 1 Y 1 A ARG 212 ? NE  ? A ARG 188 NE  
73 1 Y 1 A ARG 212 ? CZ  ? A ARG 188 CZ  
74 1 Y 1 A ARG 212 ? NH1 ? A ARG 188 NH1 
75 1 Y 1 A ARG 212 ? NH2 ? A ARG 188 NH2 
76 1 Y 1 A ASP 216 ? CG  ? A ASP 192 CG  
77 1 Y 1 A ASP 216 ? OD1 ? A ASP 192 OD1 
78 1 Y 1 A ASP 216 ? OD2 ? A ASP 192 OD2 
79 1 Y 1 A ARG 217 ? CG  ? A ARG 193 CG  
80 1 Y 1 A ARG 217 ? CD  ? A ARG 193 CD  
81 1 Y 1 A ARG 217 ? NE  ? A ARG 193 NE  
82 1 Y 1 A ARG 217 ? CZ  ? A ARG 193 CZ  
83 1 Y 1 A ARG 217 ? NH1 ? A ARG 193 NH1 
84 1 Y 1 A ARG 217 ? NH2 ? A ARG 193 NH2 
# 
loop_
_software.name 
_software.classification 
_software.version 
_software.citation_id 
_software.pdbx_ordinal 
CNS       refinement       1.0 ? 1 
HKL-2000  'data reduction' .   ? 2 
SCALEPACK 'data scaling'   .   ? 3 
SOLVE     phasing          .   ? 4 
# 
_cell.entry_id           1R8I 
_cell.length_a           144.015 
_cell.length_b           144.015 
_cell.length_c           91.880 
_cell.angle_alpha        90.00 
_cell.angle_beta         90.00 
_cell.angle_gamma        120.00 
_cell.Z_PDB              18 
_cell.pdbx_unique_axis   ? 
# 
_symmetry.entry_id                         1R8I 
_symmetry.space_group_name_H-M             'H 3 2' 
_symmetry.pdbx_full_space_group_name_H-M   ? 
_symmetry.cell_setting                     ? 
_symmetry.Int_Tables_number                155 
# 
_exptl.entry_id          1R8I 
_exptl.method            'X-RAY DIFFRACTION' 
_exptl.crystals_number   1 
# 
_exptl_crystal.id                    1 
_exptl_crystal.density_meas          ? 
_exptl_crystal.density_percent_sol   68.43 
_exptl_crystal.description           ? 
_exptl_crystal.density_Matthews      3.90 
# 
_exptl_crystal_grow.crystal_id      1 
_exptl_crystal_grow.method          'VAPOR DIFFUSION, HANGING DROP' 
_exptl_crystal_grow.temp            293 
_exptl_crystal_grow.temp_details    ? 
_exptl_crystal_grow.pH              6.25 
_exptl_crystal_grow.pdbx_details    
'ammonium sulfate, sodium citrate, sodium chloride, glycerol, pH 6.25, VAPOR DIFFUSION, HANGING DROP, temperature 293K' 
_exptl_crystal_grow.pdbx_pH_range   . 
# 
_diffrn.id                     1 
_diffrn.ambient_temp           100 
_diffrn.ambient_temp_details   ? 
_diffrn.crystal_id             1 
# 
_diffrn_detector.diffrn_id              1 
_diffrn_detector.detector               CCD 
_diffrn_detector.type                   CUSTOM-MADE 
_diffrn_detector.pdbx_collection_date   2001-08-24 
_diffrn_detector.details                ? 
# 
_diffrn_radiation.diffrn_id                        1 
_diffrn_radiation.wavelength_id                    1 
_diffrn_radiation.pdbx_monochromatic_or_laue_m_l   M 
_diffrn_radiation.monochromator                    ? 
_diffrn_radiation.pdbx_diffrn_protocol             'SINGLE WAVELENGTH' 
_diffrn_radiation.pdbx_scattering_type             x-ray 
# 
_diffrn_radiation_wavelength.id           1 
_diffrn_radiation_wavelength.wavelength   0.97931 
_diffrn_radiation_wavelength.wt           1.0 
# 
_diffrn_source.diffrn_id                   1 
_diffrn_source.source                      SYNCHROTRON 
_diffrn_source.type                        'APS BEAMLINE 19-BM' 
_diffrn_source.pdbx_synchrotron_site       APS 
_diffrn_source.pdbx_synchrotron_beamline   19-BM 
_diffrn_source.pdbx_wavelength             ? 
_diffrn_source.pdbx_wavelength_list        0.97931 
# 
_reflns.entry_id                     1R8I 
_reflns.observed_criterion_sigma_I   0.0 
_reflns.observed_criterion_sigma_F   0.0 
_reflns.d_resolution_low             25 
_reflns.d_resolution_high            3.0 
_reflns.number_obs                   13072 
_reflns.number_all                   13072 
_reflns.percent_possible_obs         92.1 
_reflns.pdbx_Rmerge_I_obs            ? 
_reflns.pdbx_Rsym_value              0.068 
_reflns.pdbx_netI_over_sigmaI        21.4 
_reflns.B_iso_Wilson_estimate        ? 
_reflns.pdbx_redundancy              ? 
_reflns.R_free_details               ? 
_reflns.limit_h_max                  ? 
_reflns.limit_h_min                  ? 
_reflns.limit_k_max                  ? 
_reflns.limit_k_min                  ? 
_reflns.limit_l_max                  ? 
_reflns.limit_l_min                  ? 
_reflns.observed_criterion_F_max     ? 
_reflns.observed_criterion_F_min     ? 
_reflns.pdbx_ordinal                 1 
_reflns.pdbx_diffrn_id               1 
# 
_reflns_shell.d_res_high             3.0 
_reflns_shell.d_res_low              3.11 
_reflns_shell.percent_possible_all   92.1 
_reflns_shell.Rmerge_I_obs           ? 
_reflns_shell.pdbx_Rsym_value        0.3 
_reflns_shell.meanI_over_sigI_obs    3.2 
_reflns_shell.pdbx_redundancy        ? 
_reflns_shell.percent_possible_obs   ? 
_reflns_shell.number_unique_all      ? 
_reflns_shell.pdbx_ordinal           1 
_reflns_shell.pdbx_diffrn_id         1 
# 
_refine.entry_id                                 1R8I 
_refine.ls_number_reflns_obs                     13009 
_refine.ls_number_reflns_all                     ? 
_refine.pdbx_ls_sigma_I                          ? 
_refine.pdbx_ls_sigma_F                          0.0 
_refine.pdbx_data_cutoff_high_absF               758670.95 
_refine.pdbx_data_cutoff_low_absF                0.000000 
_refine.pdbx_data_cutoff_high_rms_absF           ? 
_refine.ls_d_res_low                             24.66 
_refine.ls_d_res_high                            3.00 
_refine.ls_percent_reflns_obs                    90.4 
_refine.ls_R_factor_obs                          0.263 
_refine.ls_R_factor_all                          0.263 
_refine.ls_R_factor_R_work                       0.263 
_refine.ls_R_factor_R_free                       0.288 
_refine.ls_R_factor_R_free_error                 0.011 
_refine.ls_R_factor_R_free_error_details         ? 
_refine.ls_percent_reflns_R_free                 10.5 
_refine.ls_number_reflns_R_free                  1381 
_refine.ls_number_parameters                     ? 
_refine.ls_number_restraints                     ? 
_refine.occupancy_min                            ? 
_refine.occupancy_max                            ? 
_refine.correlation_coeff_Fo_to_Fc               ? 
_refine.correlation_coeff_Fo_to_Fc_free          ? 
_refine.B_iso_mean                               67.8 
_refine.aniso_B[1][1]                            -15.32 
_refine.aniso_B[2][2]                            -15.32 
_refine.aniso_B[3][3]                            30.64 
_refine.aniso_B[1][2]                            -2.05 
_refine.aniso_B[1][3]                            0.00 
_refine.aniso_B[2][3]                            0.00 
_refine.solvent_model_details                    'FLAT MODEL' 
_refine.solvent_model_param_ksol                 0.2878 
_refine.solvent_model_param_bsol                 39.7153 
_refine.pdbx_solvent_vdw_probe_radii             ? 
_refine.pdbx_solvent_ion_probe_radii             ? 
_refine.pdbx_solvent_shrinkage_radii             ? 
_refine.pdbx_ls_cross_valid_method               THROUGHOUT 
_refine.details                                  ? 
_refine.pdbx_starting_model                      ? 
_refine.pdbx_method_to_determine_struct          SAD 
_refine.pdbx_isotropic_thermal_model             RESTRAINED 
_refine.pdbx_stereochemistry_target_values       'Engh & Huber' 
_refine.pdbx_stereochem_target_val_spec_case     ? 
_refine.pdbx_R_Free_selection_details            RANDOM 
_refine.pdbx_overall_ESU_R                       ? 
_refine.pdbx_overall_ESU_R_Free                  ? 
_refine.overall_SU_ML                            ? 
_refine.overall_SU_B                             ? 
_refine.ls_redundancy_reflns_obs                 ? 
_refine.B_iso_min                                ? 
_refine.B_iso_max                                ? 
_refine.overall_SU_R_Cruickshank_DPI             ? 
_refine.overall_SU_R_free                        ? 
_refine.pdbx_refine_id                           'X-RAY DIFFRACTION' 
_refine.pdbx_diffrn_id                           1 
_refine.pdbx_TLS_residual_ADP_flag               ? 
_refine.pdbx_overall_phase_error                 ? 
_refine.pdbx_overall_SU_R_free_Cruickshank_DPI   ? 
_refine.pdbx_overall_SU_R_Blow_DPI               ? 
_refine.pdbx_overall_SU_R_free_Blow_DPI          ? 
# 
_refine_analyze.entry_id                        1R8I 
_refine_analyze.Luzzati_coordinate_error_obs    0.43 
_refine_analyze.Luzzati_sigma_a_obs             0.56 
_refine_analyze.Luzzati_d_res_low_obs           5.00 
_refine_analyze.Luzzati_coordinate_error_free   0.47 
_refine_analyze.Luzzati_sigma_a_free            0.73 
_refine_analyze.Luzzati_d_res_low_free          ? 
_refine_analyze.number_disordered_residues      ? 
_refine_analyze.occupancy_sum_hydrogen          ? 
_refine_analyze.occupancy_sum_non_hydrogen      ? 
_refine_analyze.pdbx_Luzzati_d_res_high_obs     ? 
_refine_analyze.pdbx_refine_id                  'X-RAY DIFFRACTION' 
# 
_refine_hist.pdbx_refine_id                   'X-RAY DIFFRACTION' 
_refine_hist.cycle_id                         LAST 
_refine_hist.pdbx_number_atoms_protein        1368 
_refine_hist.pdbx_number_atoms_nucleic_acid   0 
_refine_hist.pdbx_number_atoms_ligand         0 
_refine_hist.number_atoms_solvent             0 
_refine_hist.number_atoms_total               1368 
_refine_hist.d_res_high                       3.00 
_refine_hist.d_res_low                        24.66 
# 
loop_
_refine_ls_restr.type 
_refine_ls_restr.dev_ideal 
_refine_ls_restr.dev_ideal_target 
_refine_ls_restr.weight 
_refine_ls_restr.number 
_refine_ls_restr.pdbx_refine_id 
_refine_ls_restr.pdbx_restraint_function 
c_bond_d                0.009 ? ? ? 'X-RAY DIFFRACTION' ? 
c_bond_d_na             ?     ? ? ? 'X-RAY DIFFRACTION' ? 
c_bond_d_prot           ?     ? ? ? 'X-RAY DIFFRACTION' ? 
c_angle_d               ?     ? ? ? 'X-RAY DIFFRACTION' ? 
c_angle_d_na            ?     ? ? ? 'X-RAY DIFFRACTION' ? 
c_angle_d_prot          ?     ? ? ? 'X-RAY DIFFRACTION' ? 
c_angle_deg             1.4   ? ? ? 'X-RAY DIFFRACTION' ? 
c_angle_deg_na          ?     ? ? ? 'X-RAY DIFFRACTION' ? 
c_angle_deg_prot        ?     ? ? ? 'X-RAY DIFFRACTION' ? 
c_dihedral_angle_d      19.6  ? ? ? 'X-RAY DIFFRACTION' ? 
c_dihedral_angle_d_na   ?     ? ? ? 'X-RAY DIFFRACTION' ? 
c_dihedral_angle_d_prot ?     ? ? ? 'X-RAY DIFFRACTION' ? 
c_improper_angle_d      0.85  ? ? ? 'X-RAY DIFFRACTION' ? 
c_improper_angle_d_na   ?     ? ? ? 'X-RAY DIFFRACTION' ? 
c_improper_angle_d_prot ?     ? ? ? 'X-RAY DIFFRACTION' ? 
c_mcbond_it             ?     ? ? ? 'X-RAY DIFFRACTION' ? 
c_mcangle_it            ?     ? ? ? 'X-RAY DIFFRACTION' ? 
c_scbond_it             ?     ? ? ? 'X-RAY DIFFRACTION' ? 
c_scangle_it            ?     ? ? ? 'X-RAY DIFFRACTION' ? 
# 
_refine_ls_shell.pdbx_total_number_of_bins_used   6 
_refine_ls_shell.d_res_high                       3.00 
_refine_ls_shell.d_res_low                        3.19 
_refine_ls_shell.number_reflns_R_work             972 
_refine_ls_shell.R_factor_R_work                  0.397 
_refine_ls_shell.percent_reflns_obs               88.7 
_refine_ls_shell.R_factor_R_free                  0.502 
_refine_ls_shell.R_factor_R_free_error            0.048 
_refine_ls_shell.percent_reflns_R_free            10.0 
_refine_ls_shell.number_reflns_R_free             108 
_refine_ls_shell.number_reflns_obs                ? 
_refine_ls_shell.redundancy_reflns_obs            ? 
_refine_ls_shell.number_reflns_all                ? 
_refine_ls_shell.pdbx_refine_id                   'X-RAY DIFFRACTION' 
_refine_ls_shell.R_factor_all                     ? 
# 
loop_
_pdbx_xplor_file.serial_no 
_pdbx_xplor_file.param_file 
_pdbx_xplor_file.topol_file 
_pdbx_xplor_file.pdbx_refine_id 
1 PROTEIN_REP.PARAM PROTEIN.TOP 'X-RAY DIFFRACTION' 
2 ION.PARAM         WATER.TOP   'X-RAY DIFFRACTION' 
3 WATER_REP.PARAM   ?           'X-RAY DIFFRACTION' 
# 
_struct.entry_id                  1R8I 
_struct.title                     'Crystal structure of TraC' 
_struct.pdbx_model_details        ? 
_struct.pdbx_CASP_flag            ? 
_struct.pdbx_model_type_details   ? 
# 
_struct_keywords.entry_id        1R8I 
_struct_keywords.pdbx_keywords   'STRUCTURAL PROTEIN' 
_struct_keywords.text            'TraC, VirB5, helical bundle, STRUCTURAL PROTEIN' 
# 
_struct_asym.id                            A 
_struct_asym.pdbx_blank_PDB_chainid_flag   N 
_struct_asym.pdbx_modified                 N 
_struct_asym.entity_id                     1 
_struct_asym.details                       ? 
# 
_struct_ref.id                         1 
_struct_ref.db_name                    UNP 
_struct_ref.db_code                    Q9L6G5_ECOLI 
_struct_ref.pdbx_db_accession          Q9L6G5 
_struct_ref.entity_id                  1 
_struct_ref.pdbx_seq_one_letter_code   
;GIIVSNPTELIKQGEQLEQMAQQLEQLKSQLETQKNMYESMAKTTNLGDLLGTSTNTLANNLPDNWKEVYSDAMNSSSSV
TPSVNSMMGQFNAEVDDMTPSEAIAYMNKKLAEKGAYDRVMAEKAYNNQMQELSDMQALTEQIKSTPDLKSIADLQARIQ
TSQGAIQGEQAKLNLMNMLQQSQDKLLRAQKDRATRNFVFGTGGDVTASPSIN
;
_struct_ref.pdbx_align_begin           25 
_struct_ref.pdbx_db_isoform            ? 
# 
_struct_ref_seq.align_id                      1 
_struct_ref_seq.ref_id                        1 
_struct_ref_seq.pdbx_PDB_id_code              1R8I 
_struct_ref_seq.pdbx_strand_id                A 
_struct_ref_seq.seq_align_beg                 1 
_struct_ref_seq.pdbx_seq_align_beg_ins_code   ? 
_struct_ref_seq.seq_align_end                 213 
_struct_ref_seq.pdbx_seq_align_end_ins_code   ? 
_struct_ref_seq.pdbx_db_accession             Q9L6G5 
_struct_ref_seq.db_align_beg                  25 
_struct_ref_seq.pdbx_db_align_beg_ins_code    ? 
_struct_ref_seq.db_align_end                  237 
_struct_ref_seq.pdbx_db_align_end_ins_code    ? 
_struct_ref_seq.pdbx_auth_seq_align_beg       25 
_struct_ref_seq.pdbx_auth_seq_align_end       237 
# 
_pdbx_struct_assembly.id                   1 
_pdbx_struct_assembly.details              author_defined_assembly 
_pdbx_struct_assembly.method_details       ? 
_pdbx_struct_assembly.oligomeric_details   monomeric 
_pdbx_struct_assembly.oligomeric_count     1 
# 
_pdbx_struct_assembly_gen.assembly_id       1 
_pdbx_struct_assembly_gen.oper_expression   1 
_pdbx_struct_assembly_gen.asym_id_list      A 
# 
_pdbx_struct_oper_list.id                   1 
_pdbx_struct_oper_list.type                 'identity operation' 
_pdbx_struct_oper_list.name                 1_555 
_pdbx_struct_oper_list.symmetry_operation   x,y,z 
_pdbx_struct_oper_list.matrix[1][1]         1.0000000000 
_pdbx_struct_oper_list.matrix[1][2]         0.0000000000 
_pdbx_struct_oper_list.matrix[1][3]         0.0000000000 
_pdbx_struct_oper_list.vector[1]            0.0000000000 
_pdbx_struct_oper_list.matrix[2][1]         0.0000000000 
_pdbx_struct_oper_list.matrix[2][2]         1.0000000000 
_pdbx_struct_oper_list.matrix[2][3]         0.0000000000 
_pdbx_struct_oper_list.vector[2]            0.0000000000 
_pdbx_struct_oper_list.matrix[3][1]         0.0000000000 
_pdbx_struct_oper_list.matrix[3][2]         0.0000000000 
_pdbx_struct_oper_list.matrix[3][3]         1.0000000000 
_pdbx_struct_oper_list.vector[3]            0.0000000000 
# 
_struct_biol.id   1 
# 
loop_
_struct_conf.conf_type_id 
_struct_conf.id 
_struct_conf.pdbx_PDB_helix_id 
_struct_conf.beg_label_comp_id 
_struct_conf.beg_label_asym_id 
_struct_conf.beg_label_seq_id 
_struct_conf.pdbx_beg_PDB_ins_code 
_struct_conf.end_label_comp_id 
_struct_conf.end_label_asym_id 
_struct_conf.end_label_seq_id 
_struct_conf.pdbx_end_PDB_ins_code 
_struct_conf.beg_auth_comp_id 
_struct_conf.beg_auth_asym_id 
_struct_conf.beg_auth_seq_id 
_struct_conf.end_auth_comp_id 
_struct_conf.end_auth_asym_id 
_struct_conf.end_auth_seq_id 
_struct_conf.pdbx_PDB_helix_class 
_struct_conf.details 
_struct_conf.pdbx_PDB_helix_length 
HELX_P HELX_P1 1 LYS A 12  ? LYS A 43  ? LYS A 36  LYS A 67  1 ? 32 
HELX_P HELX_P2 2 ASN A 46  ? LEU A 50  ? ASN A 70  LEU A 74  5 ? 5  
HELX_P HELX_P3 3 GLU A 68  ? SER A 76  ? GLU A 92  SER A 100 1 ? 9  
HELX_P HELX_P4 4 SER A 83  ? MET A 88  ? SER A 107 MET A 112 1 ? 6  
HELX_P HELX_P5 5 PHE A 91  ? ASP A 96  ? PHE A 115 ASP A 120 1 ? 6  
HELX_P HELX_P6 6 ALA A 103 ? LYS A 114 ? ALA A 127 LYS A 138 1 ? 12 
HELX_P HELX_P7 7 ASP A 118 ? LYS A 144 ? ASP A 142 LYS A 168 1 ? 27 
HELX_P HELX_P8 8 ASP A 148 ? ALA A 189 ? ASP A 172 ALA A 213 1 ? 42 
# 
_struct_conf_type.id          HELX_P 
_struct_conf_type.criteria    ? 
_struct_conf_type.reference   ? 
# 
loop_
_pdbx_validate_torsion.id 
_pdbx_validate_torsion.PDB_model_num 
_pdbx_validate_torsion.auth_comp_id 
_pdbx_validate_torsion.auth_asym_id 
_pdbx_validate_torsion.auth_seq_id 
_pdbx_validate_torsion.PDB_ins_code 
_pdbx_validate_torsion.label_alt_id 
_pdbx_validate_torsion.phi 
_pdbx_validate_torsion.psi 
1  1 GLU A 33  ? ? -148.24 20.86   
2  1 ALA A 66  ? ? -57.61  -9.08   
3  1 THR A 68  ? ? -156.49 17.34   
4  1 ASN A 70  ? ? 81.16   -24.31  
5  1 LEU A 71  ? ? -44.66  -18.07  
6  1 LEU A 74  ? ? -149.45 20.18   
7  1 ASN A 80  ? ? -18.67  -49.81  
8  1 THR A 81  ? ? -91.00  -126.92 
9  1 LEU A 82  ? ? 25.47   47.27   
10 1 ASN A 84  ? ? -72.84  -142.16 
11 1 LEU A 86  ? ? -168.25 -12.60  
12 1 ASP A 88  ? ? -51.80  -176.45 
13 1 TRP A 90  ? ? -51.07  4.37    
14 1 LYS A 91  ? ? -57.56  26.01   
15 1 SER A 100 ? ? -20.80  117.68  
16 1 PRO A 106 ? ? -31.58  119.06  
17 1 GLN A 114 ? ? 177.33  146.52  
18 1 ASP A 120 ? ? -102.37 -127.13 
19 1 SER A 125 ? ? 80.27   -32.80  
20 1 SER A 169 ? ? 169.54  -1.68   
21 1 THR A 170 ? ? -179.15 57.83   
22 1 PRO A 171 ? ? -48.55  168.73  
23 1 LEU A 210 ? ? -46.67  -18.45  
24 1 LYS A 215 ? ? -72.14  26.14   
25 1 ARG A 217 ? ? 150.41  -50.93  
# 
loop_
_pdbx_unobs_or_zero_occ_residues.id 
_pdbx_unobs_or_zero_occ_residues.PDB_model_num 
_pdbx_unobs_or_zero_occ_residues.polymer_flag 
_pdbx_unobs_or_zero_occ_residues.occupancy_flag 
_pdbx_unobs_or_zero_occ_residues.auth_asym_id 
_pdbx_unobs_or_zero_occ_residues.auth_comp_id 
_pdbx_unobs_or_zero_occ_residues.auth_seq_id 
_pdbx_unobs_or_zero_occ_residues.PDB_ins_code 
_pdbx_unobs_or_zero_occ_residues.label_asym_id 
_pdbx_unobs_or_zero_occ_residues.label_comp_id 
_pdbx_unobs_or_zero_occ_residues.label_seq_id 
1  1 Y 1 A GLY 25  ? A GLY 1   
2  1 Y 1 A ILE 26  ? A ILE 2   
3  1 Y 1 A ILE 27  ? A ILE 3   
4  1 Y 1 A VAL 28  ? A VAL 4   
5  1 Y 1 A SER 29  ? A SER 5   
6  1 Y 1 A ASN 30  ? A ASN 6   
7  1 Y 1 A PRO 31  ? A PRO 7   
8  1 Y 1 A THR 219 ? A THR 195 
9  1 Y 1 A ARG 220 ? A ARG 196 
10 1 Y 1 A ASN 221 ? A ASN 197 
11 1 Y 1 A PHE 222 ? A PHE 198 
12 1 Y 1 A VAL 223 ? A VAL 199 
13 1 Y 1 A PHE 224 ? A PHE 200 
14 1 Y 1 A GLY 225 ? A GLY 201 
15 1 Y 1 A THR 226 ? A THR 202 
16 1 Y 1 A GLY 227 ? A GLY 203 
17 1 Y 1 A GLY 228 ? A GLY 204 
18 1 Y 1 A ASP 229 ? A ASP 205 
19 1 Y 1 A VAL 230 ? A VAL 206 
20 1 Y 1 A THR 231 ? A THR 207 
21 1 Y 1 A ALA 232 ? A ALA 208 
22 1 Y 1 A SER 233 ? A SER 209 
23 1 Y 1 A PRO 234 ? A PRO 210 
24 1 Y 1 A SER 235 ? A SER 211 
25 1 Y 1 A ILE 236 ? A ILE 212 
26 1 Y 1 A ASN 237 ? A ASN 213 
# 
loop_
_chem_comp_atom.comp_id 
_chem_comp_atom.atom_id 
_chem_comp_atom.type_symbol 
_chem_comp_atom.pdbx_aromatic_flag 
_chem_comp_atom.pdbx_stereo_config 
_chem_comp_atom.pdbx_ordinal 
ALA N    N N N 1   
ALA CA   C N S 2   
ALA C    C N N 3   
ALA O    O N N 4   
ALA CB   C N N 5   
ALA OXT  O N N 6   
ALA H    H N N 7   
ALA H2   H N N 8   
ALA HA   H N N 9   
ALA HB1  H N N 10  
ALA HB2  H N N 11  
ALA HB3  H N N 12  
ALA HXT  H N N 13  
ARG N    N N N 14  
ARG CA   C N S 15  
ARG C    C N N 16  
ARG O    O N N 17  
ARG CB   C N N 18  
ARG CG   C N N 19  
ARG CD   C N N 20  
ARG NE   N N N 21  
ARG CZ   C N N 22  
ARG NH1  N N N 23  
ARG NH2  N N N 24  
ARG OXT  O N N 25  
ARG H    H N N 26  
ARG H2   H N N 27  
ARG HA   H N N 28  
ARG HB2  H N N 29  
ARG HB3  H N N 30  
ARG HG2  H N N 31  
ARG HG3  H N N 32  
ARG HD2  H N N 33  
ARG HD3  H N N 34  
ARG HE   H N N 35  
ARG HH11 H N N 36  
ARG HH12 H N N 37  
ARG HH21 H N N 38  
ARG HH22 H N N 39  
ARG HXT  H N N 40  
ASN N    N N N 41  
ASN CA   C N S 42  
ASN C    C N N 43  
ASN O    O N N 44  
ASN CB   C N N 45  
ASN CG   C N N 46  
ASN OD1  O N N 47  
ASN ND2  N N N 48  
ASN OXT  O N N 49  
ASN H    H N N 50  
ASN H2   H N N 51  
ASN HA   H N N 52  
ASN HB2  H N N 53  
ASN HB3  H N N 54  
ASN HD21 H N N 55  
ASN HD22 H N N 56  
ASN HXT  H N N 57  
ASP N    N N N 58  
ASP CA   C N S 59  
ASP C    C N N 60  
ASP O    O N N 61  
ASP CB   C N N 62  
ASP CG   C N N 63  
ASP OD1  O N N 64  
ASP OD2  O N N 65  
ASP OXT  O N N 66  
ASP H    H N N 67  
ASP H2   H N N 68  
ASP HA   H N N 69  
ASP HB2  H N N 70  
ASP HB3  H N N 71  
ASP HD2  H N N 72  
ASP HXT  H N N 73  
GLN N    N N N 74  
GLN CA   C N S 75  
GLN C    C N N 76  
GLN O    O N N 77  
GLN CB   C N N 78  
GLN CG   C N N 79  
GLN CD   C N N 80  
GLN OE1  O N N 81  
GLN NE2  N N N 82  
GLN OXT  O N N 83  
GLN H    H N N 84  
GLN H2   H N N 85  
GLN HA   H N N 86  
GLN HB2  H N N 87  
GLN HB3  H N N 88  
GLN HG2  H N N 89  
GLN HG3  H N N 90  
GLN HE21 H N N 91  
GLN HE22 H N N 92  
GLN HXT  H N N 93  
GLU N    N N N 94  
GLU CA   C N S 95  
GLU C    C N N 96  
GLU O    O N N 97  
GLU CB   C N N 98  
GLU CG   C N N 99  
GLU CD   C N N 100 
GLU OE1  O N N 101 
GLU OE2  O N N 102 
GLU OXT  O N N 103 
GLU H    H N N 104 
GLU H2   H N N 105 
GLU HA   H N N 106 
GLU HB2  H N N 107 
GLU HB3  H N N 108 
GLU HG2  H N N 109 
GLU HG3  H N N 110 
GLU HE2  H N N 111 
GLU HXT  H N N 112 
GLY N    N N N 113 
GLY CA   C N N 114 
GLY C    C N N 115 
GLY O    O N N 116 
GLY OXT  O N N 117 
GLY H    H N N 118 
GLY H2   H N N 119 
GLY HA2  H N N 120 
GLY HA3  H N N 121 
GLY HXT  H N N 122 
ILE N    N N N 123 
ILE CA   C N S 124 
ILE C    C N N 125 
ILE O    O N N 126 
ILE CB   C N S 127 
ILE CG1  C N N 128 
ILE CG2  C N N 129 
ILE CD1  C N N 130 
ILE OXT  O N N 131 
ILE H    H N N 132 
ILE H2   H N N 133 
ILE HA   H N N 134 
ILE HB   H N N 135 
ILE HG12 H N N 136 
ILE HG13 H N N 137 
ILE HG21 H N N 138 
ILE HG22 H N N 139 
ILE HG23 H N N 140 
ILE HD11 H N N 141 
ILE HD12 H N N 142 
ILE HD13 H N N 143 
ILE HXT  H N N 144 
LEU N    N N N 145 
LEU CA   C N S 146 
LEU C    C N N 147 
LEU O    O N N 148 
LEU CB   C N N 149 
LEU CG   C N N 150 
LEU CD1  C N N 151 
LEU CD2  C N N 152 
LEU OXT  O N N 153 
LEU H    H N N 154 
LEU H2   H N N 155 
LEU HA   H N N 156 
LEU HB2  H N N 157 
LEU HB3  H N N 158 
LEU HG   H N N 159 
LEU HD11 H N N 160 
LEU HD12 H N N 161 
LEU HD13 H N N 162 
LEU HD21 H N N 163 
LEU HD22 H N N 164 
LEU HD23 H N N 165 
LEU HXT  H N N 166 
LYS N    N N N 167 
LYS CA   C N S 168 
LYS C    C N N 169 
LYS O    O N N 170 
LYS CB   C N N 171 
LYS CG   C N N 172 
LYS CD   C N N 173 
LYS CE   C N N 174 
LYS NZ   N N N 175 
LYS OXT  O N N 176 
LYS H    H N N 177 
LYS H2   H N N 178 
LYS HA   H N N 179 
LYS HB2  H N N 180 
LYS HB3  H N N 181 
LYS HG2  H N N 182 
LYS HG3  H N N 183 
LYS HD2  H N N 184 
LYS HD3  H N N 185 
LYS HE2  H N N 186 
LYS HE3  H N N 187 
LYS HZ1  H N N 188 
LYS HZ2  H N N 189 
LYS HZ3  H N N 190 
LYS HXT  H N N 191 
MET N    N N N 192 
MET CA   C N S 193 
MET C    C N N 194 
MET O    O N N 195 
MET CB   C N N 196 
MET CG   C N N 197 
MET SD   S N N 198 
MET CE   C N N 199 
MET OXT  O N N 200 
MET H    H N N 201 
MET H2   H N N 202 
MET HA   H N N 203 
MET HB2  H N N 204 
MET HB3  H N N 205 
MET HG2  H N N 206 
MET HG3  H N N 207 
MET HE1  H N N 208 
MET HE2  H N N 209 
MET HE3  H N N 210 
MET HXT  H N N 211 
PHE N    N N N 212 
PHE CA   C N S 213 
PHE C    C N N 214 
PHE O    O N N 215 
PHE CB   C N N 216 
PHE CG   C Y N 217 
PHE CD1  C Y N 218 
PHE CD2  C Y N 219 
PHE CE1  C Y N 220 
PHE CE2  C Y N 221 
PHE CZ   C Y N 222 
PHE OXT  O N N 223 
PHE H    H N N 224 
PHE H2   H N N 225 
PHE HA   H N N 226 
PHE HB2  H N N 227 
PHE HB3  H N N 228 
PHE HD1  H N N 229 
PHE HD2  H N N 230 
PHE HE1  H N N 231 
PHE HE2  H N N 232 
PHE HZ   H N N 233 
PHE HXT  H N N 234 
PRO N    N N N 235 
PRO CA   C N S 236 
PRO C    C N N 237 
PRO O    O N N 238 
PRO CB   C N N 239 
PRO CG   C N N 240 
PRO CD   C N N 241 
PRO OXT  O N N 242 
PRO H    H N N 243 
PRO HA   H N N 244 
PRO HB2  H N N 245 
PRO HB3  H N N 246 
PRO HG2  H N N 247 
PRO HG3  H N N 248 
PRO HD2  H N N 249 
PRO HD3  H N N 250 
PRO HXT  H N N 251 
SER N    N N N 252 
SER CA   C N S 253 
SER C    C N N 254 
SER O    O N N 255 
SER CB   C N N 256 
SER OG   O N N 257 
SER OXT  O N N 258 
SER H    H N N 259 
SER H2   H N N 260 
SER HA   H N N 261 
SER HB2  H N N 262 
SER HB3  H N N 263 
SER HG   H N N 264 
SER HXT  H N N 265 
THR N    N N N 266 
THR CA   C N S 267 
THR C    C N N 268 
THR O    O N N 269 
THR CB   C N R 270 
THR OG1  O N N 271 
THR CG2  C N N 272 
THR OXT  O N N 273 
THR H    H N N 274 
THR H2   H N N 275 
THR HA   H N N 276 
THR HB   H N N 277 
THR HG1  H N N 278 
THR HG21 H N N 279 
THR HG22 H N N 280 
THR HG23 H N N 281 
THR HXT  H N N 282 
TRP N    N N N 283 
TRP CA   C N S 284 
TRP C    C N N 285 
TRP O    O N N 286 
TRP CB   C N N 287 
TRP CG   C Y N 288 
TRP CD1  C Y N 289 
TRP CD2  C Y N 290 
TRP NE1  N Y N 291 
TRP CE2  C Y N 292 
TRP CE3  C Y N 293 
TRP CZ2  C Y N 294 
TRP CZ3  C Y N 295 
TRP CH2  C Y N 296 
TRP OXT  O N N 297 
TRP H    H N N 298 
TRP H2   H N N 299 
TRP HA   H N N 300 
TRP HB2  H N N 301 
TRP HB3  H N N 302 
TRP HD1  H N N 303 
TRP HE1  H N N 304 
TRP HE3  H N N 305 
TRP HZ2  H N N 306 
TRP HZ3  H N N 307 
TRP HH2  H N N 308 
TRP HXT  H N N 309 
TYR N    N N N 310 
TYR CA   C N S 311 
TYR C    C N N 312 
TYR O    O N N 313 
TYR CB   C N N 314 
TYR CG   C Y N 315 
TYR CD1  C Y N 316 
TYR CD2  C Y N 317 
TYR CE1  C Y N 318 
TYR CE2  C Y N 319 
TYR CZ   C Y N 320 
TYR OH   O N N 321 
TYR OXT  O N N 322 
TYR H    H N N 323 
TYR H2   H N N 324 
TYR HA   H N N 325 
TYR HB2  H N N 326 
TYR HB3  H N N 327 
TYR HD1  H N N 328 
TYR HD2  H N N 329 
TYR HE1  H N N 330 
TYR HE2  H N N 331 
TYR HH   H N N 332 
TYR HXT  H N N 333 
VAL N    N N N 334 
VAL CA   C N S 335 
VAL C    C N N 336 
VAL O    O N N 337 
VAL CB   C N N 338 
VAL CG1  C N N 339 
VAL CG2  C N N 340 
VAL OXT  O N N 341 
VAL H    H N N 342 
VAL H2   H N N 343 
VAL HA   H N N 344 
VAL HB   H N N 345 
VAL HG11 H N N 346 
VAL HG12 H N N 347 
VAL HG13 H N N 348 
VAL HG21 H N N 349 
VAL HG22 H N N 350 
VAL HG23 H N N 351 
VAL HXT  H N N 352 
# 
loop_
_chem_comp_bond.comp_id 
_chem_comp_bond.atom_id_1 
_chem_comp_bond.atom_id_2 
_chem_comp_bond.value_order 
_chem_comp_bond.pdbx_aromatic_flag 
_chem_comp_bond.pdbx_stereo_config 
_chem_comp_bond.pdbx_ordinal 
ALA N   CA   sing N N 1   
ALA N   H    sing N N 2   
ALA N   H2   sing N N 3   
ALA CA  C    sing N N 4   
ALA CA  CB   sing N N 5   
ALA CA  HA   sing N N 6   
ALA C   O    doub N N 7   
ALA C   OXT  sing N N 8   
ALA CB  HB1  sing N N 9   
ALA CB  HB2  sing N N 10  
ALA CB  HB3  sing N N 11  
ALA OXT HXT  sing N N 12  
ARG N   CA   sing N N 13  
ARG N   H    sing N N 14  
ARG N   H2   sing N N 15  
ARG CA  C    sing N N 16  
ARG CA  CB   sing N N 17  
ARG CA  HA   sing N N 18  
ARG C   O    doub N N 19  
ARG C   OXT  sing N N 20  
ARG CB  CG   sing N N 21  
ARG CB  HB2  sing N N 22  
ARG CB  HB3  sing N N 23  
ARG CG  CD   sing N N 24  
ARG CG  HG2  sing N N 25  
ARG CG  HG3  sing N N 26  
ARG CD  NE   sing N N 27  
ARG CD  HD2  sing N N 28  
ARG CD  HD3  sing N N 29  
ARG NE  CZ   sing N N 30  
ARG NE  HE   sing N N 31  
ARG CZ  NH1  sing N N 32  
ARG CZ  NH2  doub N N 33  
ARG NH1 HH11 sing N N 34  
ARG NH1 HH12 sing N N 35  
ARG NH2 HH21 sing N N 36  
ARG NH2 HH22 sing N N 37  
ARG OXT HXT  sing N N 38  
ASN N   CA   sing N N 39  
ASN N   H    sing N N 40  
ASN N   H2   sing N N 41  
ASN CA  C    sing N N 42  
ASN CA  CB   sing N N 43  
ASN CA  HA   sing N N 44  
ASN C   O    doub N N 45  
ASN C   OXT  sing N N 46  
ASN CB  CG   sing N N 47  
ASN CB  HB2  sing N N 48  
ASN CB  HB3  sing N N 49  
ASN CG  OD1  doub N N 50  
ASN CG  ND2  sing N N 51  
ASN ND2 HD21 sing N N 52  
ASN ND2 HD22 sing N N 53  
ASN OXT HXT  sing N N 54  
ASP N   CA   sing N N 55  
ASP N   H    sing N N 56  
ASP N   H2   sing N N 57  
ASP CA  C    sing N N 58  
ASP CA  CB   sing N N 59  
ASP CA  HA   sing N N 60  
ASP C   O    doub N N 61  
ASP C   OXT  sing N N 62  
ASP CB  CG   sing N N 63  
ASP CB  HB2  sing N N 64  
ASP CB  HB3  sing N N 65  
ASP CG  OD1  doub N N 66  
ASP CG  OD2  sing N N 67  
ASP OD2 HD2  sing N N 68  
ASP OXT HXT  sing N N 69  
GLN N   CA   sing N N 70  
GLN N   H    sing N N 71  
GLN N   H2   sing N N 72  
GLN CA  C    sing N N 73  
GLN CA  CB   sing N N 74  
GLN CA  HA   sing N N 75  
GLN C   O    doub N N 76  
GLN C   OXT  sing N N 77  
GLN CB  CG   sing N N 78  
GLN CB  HB2  sing N N 79  
GLN CB  HB3  sing N N 80  
GLN CG  CD   sing N N 81  
GLN CG  HG2  sing N N 82  
GLN CG  HG3  sing N N 83  
GLN CD  OE1  doub N N 84  
GLN CD  NE2  sing N N 85  
GLN NE2 HE21 sing N N 86  
GLN NE2 HE22 sing N N 87  
GLN OXT HXT  sing N N 88  
GLU N   CA   sing N N 89  
GLU N   H    sing N N 90  
GLU N   H2   sing N N 91  
GLU CA  C    sing N N 92  
GLU CA  CB   sing N N 93  
GLU CA  HA   sing N N 94  
GLU C   O    doub N N 95  
GLU C   OXT  sing N N 96  
GLU CB  CG   sing N N 97  
GLU CB  HB2  sing N N 98  
GLU CB  HB3  sing N N 99  
GLU CG  CD   sing N N 100 
GLU CG  HG2  sing N N 101 
GLU CG  HG3  sing N N 102 
GLU CD  OE1  doub N N 103 
GLU CD  OE2  sing N N 104 
GLU OE2 HE2  sing N N 105 
GLU OXT HXT  sing N N 106 
GLY N   CA   sing N N 107 
GLY N   H    sing N N 108 
GLY N   H2   sing N N 109 
GLY CA  C    sing N N 110 
GLY CA  HA2  sing N N 111 
GLY CA  HA3  sing N N 112 
GLY C   O    doub N N 113 
GLY C   OXT  sing N N 114 
GLY OXT HXT  sing N N 115 
ILE N   CA   sing N N 116 
ILE N   H    sing N N 117 
ILE N   H2   sing N N 118 
ILE CA  C    sing N N 119 
ILE CA  CB   sing N N 120 
ILE CA  HA   sing N N 121 
ILE C   O    doub N N 122 
ILE C   OXT  sing N N 123 
ILE CB  CG1  sing N N 124 
ILE CB  CG2  sing N N 125 
ILE CB  HB   sing N N 126 
ILE CG1 CD1  sing N N 127 
ILE CG1 HG12 sing N N 128 
ILE CG1 HG13 sing N N 129 
ILE CG2 HG21 sing N N 130 
ILE CG2 HG22 sing N N 131 
ILE CG2 HG23 sing N N 132 
ILE CD1 HD11 sing N N 133 
ILE CD1 HD12 sing N N 134 
ILE CD1 HD13 sing N N 135 
ILE OXT HXT  sing N N 136 
LEU N   CA   sing N N 137 
LEU N   H    sing N N 138 
LEU N   H2   sing N N 139 
LEU CA  C    sing N N 140 
LEU CA  CB   sing N N 141 
LEU CA  HA   sing N N 142 
LEU C   O    doub N N 143 
LEU C   OXT  sing N N 144 
LEU CB  CG   sing N N 145 
LEU CB  HB2  sing N N 146 
LEU CB  HB3  sing N N 147 
LEU CG  CD1  sing N N 148 
LEU CG  CD2  sing N N 149 
LEU CG  HG   sing N N 150 
LEU CD1 HD11 sing N N 151 
LEU CD1 HD12 sing N N 152 
LEU CD1 HD13 sing N N 153 
LEU CD2 HD21 sing N N 154 
LEU CD2 HD22 sing N N 155 
LEU CD2 HD23 sing N N 156 
LEU OXT HXT  sing N N 157 
LYS N   CA   sing N N 158 
LYS N   H    sing N N 159 
LYS N   H2   sing N N 160 
LYS CA  C    sing N N 161 
LYS CA  CB   sing N N 162 
LYS CA  HA   sing N N 163 
LYS C   O    doub N N 164 
LYS C   OXT  sing N N 165 
LYS CB  CG   sing N N 166 
LYS CB  HB2  sing N N 167 
LYS CB  HB3  sing N N 168 
LYS CG  CD   sing N N 169 
LYS CG  HG2  sing N N 170 
LYS CG  HG3  sing N N 171 
LYS CD  CE   sing N N 172 
LYS CD  HD2  sing N N 173 
LYS CD  HD3  sing N N 174 
LYS CE  NZ   sing N N 175 
LYS CE  HE2  sing N N 176 
LYS CE  HE3  sing N N 177 
LYS NZ  HZ1  sing N N 178 
LYS NZ  HZ2  sing N N 179 
LYS NZ  HZ3  sing N N 180 
LYS OXT HXT  sing N N 181 
MET N   CA   sing N N 182 
MET N   H    sing N N 183 
MET N   H2   sing N N 184 
MET CA  C    sing N N 185 
MET CA  CB   sing N N 186 
MET CA  HA   sing N N 187 
MET C   O    doub N N 188 
MET C   OXT  sing N N 189 
MET CB  CG   sing N N 190 
MET CB  HB2  sing N N 191 
MET CB  HB3  sing N N 192 
MET CG  SD   sing N N 193 
MET CG  HG2  sing N N 194 
MET CG  HG3  sing N N 195 
MET SD  CE   sing N N 196 
MET CE  HE1  sing N N 197 
MET CE  HE2  sing N N 198 
MET CE  HE3  sing N N 199 
MET OXT HXT  sing N N 200 
PHE N   CA   sing N N 201 
PHE N   H    sing N N 202 
PHE N   H2   sing N N 203 
PHE CA  C    sing N N 204 
PHE CA  CB   sing N N 205 
PHE CA  HA   sing N N 206 
PHE C   O    doub N N 207 
PHE C   OXT  sing N N 208 
PHE CB  CG   sing N N 209 
PHE CB  HB2  sing N N 210 
PHE CB  HB3  sing N N 211 
PHE CG  CD1  doub Y N 212 
PHE CG  CD2  sing Y N 213 
PHE CD1 CE1  sing Y N 214 
PHE CD1 HD1  sing N N 215 
PHE CD2 CE2  doub Y N 216 
PHE CD2 HD2  sing N N 217 
PHE CE1 CZ   doub Y N 218 
PHE CE1 HE1  sing N N 219 
PHE CE2 CZ   sing Y N 220 
PHE CE2 HE2  sing N N 221 
PHE CZ  HZ   sing N N 222 
PHE OXT HXT  sing N N 223 
PRO N   CA   sing N N 224 
PRO N   CD   sing N N 225 
PRO N   H    sing N N 226 
PRO CA  C    sing N N 227 
PRO CA  CB   sing N N 228 
PRO CA  HA   sing N N 229 
PRO C   O    doub N N 230 
PRO C   OXT  sing N N 231 
PRO CB  CG   sing N N 232 
PRO CB  HB2  sing N N 233 
PRO CB  HB3  sing N N 234 
PRO CG  CD   sing N N 235 
PRO CG  HG2  sing N N 236 
PRO CG  HG3  sing N N 237 
PRO CD  HD2  sing N N 238 
PRO CD  HD3  sing N N 239 
PRO OXT HXT  sing N N 240 
SER N   CA   sing N N 241 
SER N   H    sing N N 242 
SER N   H2   sing N N 243 
SER CA  C    sing N N 244 
SER CA  CB   sing N N 245 
SER CA  HA   sing N N 246 
SER C   O    doub N N 247 
SER C   OXT  sing N N 248 
SER CB  OG   sing N N 249 
SER CB  HB2  sing N N 250 
SER CB  HB3  sing N N 251 
SER OG  HG   sing N N 252 
SER OXT HXT  sing N N 253 
THR N   CA   sing N N 254 
THR N   H    sing N N 255 
THR N   H2   sing N N 256 
THR CA  C    sing N N 257 
THR CA  CB   sing N N 258 
THR CA  HA   sing N N 259 
THR C   O    doub N N 260 
THR C   OXT  sing N N 261 
THR CB  OG1  sing N N 262 
THR CB  CG2  sing N N 263 
THR CB  HB   sing N N 264 
THR OG1 HG1  sing N N 265 
THR CG2 HG21 sing N N 266 
THR CG2 HG22 sing N N 267 
THR CG2 HG23 sing N N 268 
THR OXT HXT  sing N N 269 
TRP N   CA   sing N N 270 
TRP N   H    sing N N 271 
TRP N   H2   sing N N 272 
TRP CA  C    sing N N 273 
TRP CA  CB   sing N N 274 
TRP CA  HA   sing N N 275 
TRP C   O    doub N N 276 
TRP C   OXT  sing N N 277 
TRP CB  CG   sing N N 278 
TRP CB  HB2  sing N N 279 
TRP CB  HB3  sing N N 280 
TRP CG  CD1  doub Y N 281 
TRP CG  CD2  sing Y N 282 
TRP CD1 NE1  sing Y N 283 
TRP CD1 HD1  sing N N 284 
TRP CD2 CE2  doub Y N 285 
TRP CD2 CE3  sing Y N 286 
TRP NE1 CE2  sing Y N 287 
TRP NE1 HE1  sing N N 288 
TRP CE2 CZ2  sing Y N 289 
TRP CE3 CZ3  doub Y N 290 
TRP CE3 HE3  sing N N 291 
TRP CZ2 CH2  doub Y N 292 
TRP CZ2 HZ2  sing N N 293 
TRP CZ3 CH2  sing Y N 294 
TRP CZ3 HZ3  sing N N 295 
TRP CH2 HH2  sing N N 296 
TRP OXT HXT  sing N N 297 
TYR N   CA   sing N N 298 
TYR N   H    sing N N 299 
TYR N   H2   sing N N 300 
TYR CA  C    sing N N 301 
TYR CA  CB   sing N N 302 
TYR CA  HA   sing N N 303 
TYR C   O    doub N N 304 
TYR C   OXT  sing N N 305 
TYR CB  CG   sing N N 306 
TYR CB  HB2  sing N N 307 
TYR CB  HB3  sing N N 308 
TYR CG  CD1  doub Y N 309 
TYR CG  CD2  sing Y N 310 
TYR CD1 CE1  sing Y N 311 
TYR CD1 HD1  sing N N 312 
TYR CD2 CE2  doub Y N 313 
TYR CD2 HD2  sing N N 314 
TYR CE1 CZ   doub Y N 315 
TYR CE1 HE1  sing N N 316 
TYR CE2 CZ   sing Y N 317 
TYR CE2 HE2  sing N N 318 
TYR CZ  OH   sing N N 319 
TYR OH  HH   sing N N 320 
TYR OXT HXT  sing N N 321 
VAL N   CA   sing N N 322 
VAL N   H    sing N N 323 
VAL N   H2   sing N N 324 
VAL CA  C    sing N N 325 
VAL CA  CB   sing N N 326 
VAL CA  HA   sing N N 327 
VAL C   O    doub N N 328 
VAL C   OXT  sing N N 329 
VAL CB  CG1  sing N N 330 
VAL CB  CG2  sing N N 331 
VAL CB  HB   sing N N 332 
VAL CG1 HG11 sing N N 333 
VAL CG1 HG12 sing N N 334 
VAL CG1 HG13 sing N N 335 
VAL CG2 HG21 sing N N 336 
VAL CG2 HG22 sing N N 337 
VAL CG2 HG23 sing N N 338 
VAL OXT HXT  sing N N 339 
# 
_atom_sites.entry_id                    1R8I 
_atom_sites.fract_transf_matrix[1][1]   0.00424292 
_atom_sites.fract_transf_matrix[1][2]   0.00134828 
_atom_sites.fract_transf_matrix[1][3]   0.00666865 
_atom_sites.fract_transf_matrix[2][1]   0.00743768 
_atom_sites.fract_transf_matrix[2][2]   0.00295134 
_atom_sites.fract_transf_matrix[2][3]   -0.00050874 
_atom_sites.fract_transf_matrix[3][1]   -0.00398151 
_atom_sites.fract_transf_matrix[3][2]   0.01011787 
_atom_sites.fract_transf_matrix[3][3]   0.00048758 
_atom_sites.fract_transf_vector[1]      0.238250 
_atom_sites.fract_transf_vector[2]      0.495162 
_atom_sites.fract_transf_vector[3]      0.300541 
# 
loop_
_atom_type.symbol 
C 
N 
O 
S 
# 
loop_
_atom_site.group_PDB 
_atom_site.id 
_atom_site.type_symbol 
_atom_site.label_atom_id 
_atom_site.label_alt_id 
_atom_site.label_comp_id 
_atom_site.label_asym_id 
_atom_site.label_entity_id 
_atom_site.label_seq_id 
_atom_site.pdbx_PDB_ins_code 
_atom_site.Cartn_x 
_atom_site.Cartn_y 
_atom_site.Cartn_z 
_atom_site.occupancy 
_atom_site.B_iso_or_equiv 
_atom_site.pdbx_formal_charge 
_atom_site.auth_seq_id 
_atom_site.auth_comp_id 
_atom_site.auth_asym_id 
_atom_site.auth_atom_id 
_atom_site.pdbx_PDB_model_num 
ATOM 1    N N   . THR A 1 8   ? -18.507 1.188   36.768  1.00 109.20 ? 32  THR A N   1 
ATOM 2    C CA  . THR A 1 8   ? -18.087 2.493   36.172  1.00 110.45 ? 32  THR A CA  1 
ATOM 3    C C   . THR A 1 8   ? -17.325 2.262   34.864  1.00 110.59 ? 32  THR A C   1 
ATOM 4    O O   . THR A 1 8   ? -17.573 2.927   33.853  1.00 110.42 ? 32  THR A O   1 
ATOM 5    C CB  . THR A 1 8   ? -17.209 3.273   37.169  1.00 109.04 ? 32  THR A CB  1 
ATOM 6    N N   . GLU A 1 9   ? -16.393 1.312   34.898  1.00 110.56 ? 33  GLU A N   1 
ATOM 7    C CA  . GLU A 1 9   ? -15.584 0.971   33.733  1.00 109.43 ? 33  GLU A CA  1 
ATOM 8    C C   . GLU A 1 9   ? -15.229 -0.517  33.766  1.00 108.65 ? 33  GLU A C   1 
ATOM 9    O O   . GLU A 1 9   ? -14.265 -0.946  33.132  1.00 108.81 ? 33  GLU A O   1 
ATOM 10   C CB  . GLU A 1 9   ? -14.309 1.826   33.700  1.00 107.88 ? 33  GLU A CB  1 
ATOM 11   N N   . LEU A 1 10  ? -16.011 -1.293  34.517  1.00 107.09 ? 34  LEU A N   1 
ATOM 12   C CA  . LEU A 1 10  ? -15.801 -2.736  34.625  1.00 105.49 ? 34  LEU A CA  1 
ATOM 13   C C   . LEU A 1 10  ? -16.367 -3.402  33.365  1.00 104.52 ? 34  LEU A C   1 
ATOM 14   O O   . LEU A 1 10  ? -15.702 -4.221  32.724  1.00 104.34 ? 34  LEU A O   1 
ATOM 15   C CB  . LEU A 1 10  ? -16.504 -3.277  35.875  1.00 105.03 ? 34  LEU A CB  1 
ATOM 16   N N   . ILE A 1 11  ? -17.603 -3.043  33.022  1.00 102.71 ? 35  ILE A N   1 
ATOM 17   C CA  . ILE A 1 11  ? -18.270 -3.572  31.837  1.00 99.81  ? 35  ILE A CA  1 
ATOM 18   C C   . ILE A 1 11  ? -17.956 -2.643  30.671  1.00 98.19  ? 35  ILE A C   1 
ATOM 19   O O   . ILE A 1 11  ? -18.151 -2.995  29.508  1.00 99.64  ? 35  ILE A O   1 
ATOM 20   C CB  . ILE A 1 11  ? -19.777 -3.635  32.066  1.00 98.75  ? 35  ILE A CB  1 
ATOM 21   N N   . LYS A 1 12  ? -17.475 -1.448  30.992  1.00 95.28  ? 36  LYS A N   1 
ATOM 22   C CA  . LYS A 1 12  ? -17.129 -0.470  29.972  1.00 93.48  ? 36  LYS A CA  1 
ATOM 23   C C   . LYS A 1 12  ? -15.827 -0.870  29.276  1.00 92.45  ? 36  LYS A C   1 
ATOM 24   O O   . LYS A 1 12  ? -15.472 -0.324  28.226  1.00 91.57  ? 36  LYS A O   1 
ATOM 25   C CB  . LYS A 1 12  ? -16.990 0.909   30.602  1.00 93.78  ? 36  LYS A CB  1 
ATOM 26   N N   . GLN A 1 13  ? -15.113 -1.821  29.872  1.00 91.19  ? 37  GLN A N   1 
ATOM 27   C CA  . GLN A 1 13  ? -13.856 -2.301  29.300  1.00 89.00  ? 37  GLN A CA  1 
ATOM 28   C C   . GLN A 1 13  ? -14.204 -3.374  28.280  1.00 86.49  ? 37  GLN A C   1 
ATOM 29   O O   . GLN A 1 13  ? -13.695 -3.364  27.158  1.00 85.75  ? 37  GLN A O   1 
ATOM 30   C CB  . GLN A 1 13  ? -12.948 -2.878  30.396  1.00 90.29  ? 37  GLN A CB  1 
ATOM 31   N N   . GLY A 1 14  ? -15.080 -4.294  28.684  1.00 83.88  ? 38  GLY A N   1 
ATOM 32   C CA  . GLY A 1 14  ? -15.517 -5.349  27.787  1.00 81.27  ? 38  GLY A CA  1 
ATOM 33   C C   . GLY A 1 14  ? -16.084 -4.708  26.532  1.00 79.53  ? 38  GLY A C   1 
ATOM 34   O O   . GLY A 1 14  ? -16.298 -5.370  25.517  1.00 78.02  ? 38  GLY A O   1 
ATOM 35   N N   . GLU A 1 15  ? -16.334 -3.403  26.615  1.00 78.76  ? 39  GLU A N   1 
ATOM 36   C CA  . GLU A 1 15  ? -16.851 -2.655  25.486  1.00 77.60  ? 39  GLU A CA  1 
ATOM 37   C C   . GLU A 1 15  ? -15.693 -2.386  24.535  1.00 75.51  ? 39  GLU A C   1 
ATOM 38   O O   . GLU A 1 15  ? -15.641 -2.946  23.442  1.00 73.37  ? 39  GLU A O   1 
ATOM 39   C CB  . GLU A 1 15  ? -17.456 -1.316  25.934  1.00 80.33  ? 39  GLU A CB  1 
ATOM 40   C CG  . GLU A 1 15  ? -18.121 -0.535  24.776  1.00 84.84  ? 39  GLU A CG  1 
ATOM 41   C CD  . GLU A 1 15  ? -17.691 0.931   24.674  1.00 84.95  ? 39  GLU A CD  1 
ATOM 42   O OE1 . GLU A 1 15  ? -16.471 1.196   24.587  1.00 85.47  ? 39  GLU A OE1 1 
ATOM 43   O OE2 . GLU A 1 15  ? -18.577 1.816   24.662  1.00 85.09  ? 39  GLU A OE2 1 
ATOM 44   N N   . GLN A 1 16  ? -14.762 -1.531  24.968  1.00 75.36  ? 40  GLN A N   1 
ATOM 45   C CA  . GLN A 1 16  ? -13.599 -1.163  24.156  1.00 73.93  ? 40  GLN A CA  1 
ATOM 46   C C   . GLN A 1 16  ? -12.924 -2.423  23.635  1.00 70.73  ? 40  GLN A C   1 
ATOM 47   O O   . GLN A 1 16  ? -12.328 -2.433  22.551  1.00 70.00  ? 40  GLN A O   1 
ATOM 48   C CB  . GLN A 1 16  ? -12.588 -0.355  24.982  1.00 75.96  ? 40  GLN A CB  1 
ATOM 49   C CG  . GLN A 1 16  ? -11.644 0.506   24.133  1.00 78.76  ? 40  GLN A CG  1 
ATOM 50   C CD  . GLN A 1 16  ? -10.297 0.776   24.808  1.00 80.76  ? 40  GLN A CD  1 
ATOM 51   O OE1 . GLN A 1 16  ? -10.214 0.919   26.031  1.00 81.74  ? 40  GLN A OE1 1 
ATOM 52   N NE2 . GLN A 1 16  ? -9.237  0.861   24.002  1.00 81.37  ? 40  GLN A NE2 1 
ATOM 53   N N   . LEU A 1 17  ? -13.031 -3.486  24.419  1.00 65.85  ? 41  LEU A N   1 
ATOM 54   C CA  . LEU A 1 17  ? -12.434 -4.748  24.051  1.00 62.16  ? 41  LEU A CA  1 
ATOM 55   C C   . LEU A 1 17  ? -13.135 -5.328  22.818  1.00 61.62  ? 41  LEU A C   1 
ATOM 56   O O   . LEU A 1 17  ? -12.467 -5.658  21.831  1.00 63.89  ? 41  LEU A O   1 
ATOM 57   C CB  . LEU A 1 17  ? -12.484 -5.706  25.246  1.00 59.91  ? 41  LEU A CB  1 
ATOM 58   C CG  . LEU A 1 17  ? -11.578 -6.937  25.216  1.00 59.80  ? 41  LEU A CG  1 
ATOM 59   C CD1 . LEU A 1 17  ? -11.326 -7.435  26.623  1.00 58.05  ? 41  LEU A CD1 1 
ATOM 60   C CD2 . LEU A 1 17  ? -12.228 -8.017  24.359  1.00 62.12  ? 41  LEU A CD2 1 
ATOM 61   N N   . GLU A 1 18  ? -14.465 -5.442  22.850  1.00 59.35  ? 42  GLU A N   1 
ATOM 62   C CA  . GLU A 1 18  ? -15.195 -5.978  21.692  1.00 56.30  ? 42  GLU A CA  1 
ATOM 63   C C   . GLU A 1 18  ? -14.956 -5.083  20.471  1.00 55.57  ? 42  GLU A C   1 
ATOM 64   O O   . GLU A 1 18  ? -14.800 -5.568  19.345  1.00 54.00  ? 42  GLU A O   1 
ATOM 65   C CB  . GLU A 1 18  ? -16.694 -6.057  21.975  1.00 53.38  ? 42  GLU A CB  1 
ATOM 66   C CG  . GLU A 1 18  ? -17.494 -6.635  20.816  1.00 52.77  ? 42  GLU A CG  1 
ATOM 67   C CD  . GLU A 1 18  ? -17.225 -8.124  20.582  1.00 52.84  ? 42  GLU A CD  1 
ATOM 68   O OE1 . GLU A 1 18  ? -17.661 -8.666  19.526  1.00 52.39  ? 42  GLU A OE1 1 
ATOM 69   O OE2 . GLU A 1 18  ? -16.588 -8.750  21.463  1.00 50.52  ? 42  GLU A OE2 1 
ATOM 70   N N   . GLN A 1 19  ? -14.928 -3.775  20.709  1.00 55.79  ? 43  GLN A N   1 
ATOM 71   C CA  . GLN A 1 19  ? -14.685 -2.800  19.658  1.00 56.84  ? 43  GLN A CA  1 
ATOM 72   C C   . GLN A 1 19  ? -13.411 -3.230  18.922  1.00 57.13  ? 43  GLN A C   1 
ATOM 73   O O   . GLN A 1 19  ? -13.307 -3.106  17.691  1.00 55.88  ? 43  GLN A O   1 
ATOM 74   C CB  . GLN A 1 19  ? -14.501 -1.418  20.287  1.00 58.22  ? 43  GLN A CB  1 
ATOM 75   C CG  . GLN A 1 19  ? -15.296 -0.307  19.626  1.00 62.86  ? 43  GLN A CG  1 
ATOM 76   C CD  . GLN A 1 19  ? -15.507 0.888   20.557  1.00 66.46  ? 43  GLN A CD  1 
ATOM 77   O OE1 . GLN A 1 19  ? -16.008 0.733   21.680  1.00 67.98  ? 43  GLN A OE1 1 
ATOM 78   N NE2 . GLN A 1 19  ? -15.132 2.086   20.094  1.00 67.27  ? 43  GLN A NE2 1 
ATOM 79   N N   . MET A 1 20  ? -12.445 -3.739  19.691  1.00 56.14  ? 44  MET A N   1 
ATOM 80   C CA  . MET A 1 20  ? -11.186 -4.212  19.134  1.00 54.72  ? 44  MET A CA  1 
ATOM 81   C C   . MET A 1 20  ? -11.472 -5.406  18.216  1.00 55.86  ? 44  MET A C   1 
ATOM 82   O O   . MET A 1 20  ? -11.218 -5.341  17.011  1.00 55.81  ? 44  MET A O   1 
ATOM 83   C CB  . MET A 1 20  ? -10.216 -4.623  20.257  1.00 51.82  ? 44  MET A CB  1 
ATOM 84   C CG  . MET A 1 20  ? -9.382  -3.482  20.881  1.00 51.05  ? 44  MET A CG  1 
ATOM 85   S SD  . MET A 1 20  ? -8.370  -3.997  22.338  1.00 49.74  ? 44  MET A SD  1 
ATOM 86   C CE  . MET A 1 20  ? -9.066  -3.069  23.629  1.00 42.58  ? 44  MET A CE  1 
ATOM 87   N N   . ALA A 1 21  ? -12.021 -6.482  18.782  1.00 56.48  ? 45  ALA A N   1 
ATOM 88   C CA  . ALA A 1 21  ? -12.328 -7.699  18.017  1.00 56.91  ? 45  ALA A CA  1 
ATOM 89   C C   . ALA A 1 21  ? -12.982 -7.423  16.670  1.00 57.81  ? 45  ALA A C   1 
ATOM 90   O O   . ALA A 1 21  ? -12.834 -8.218  15.720  1.00 55.60  ? 45  ALA A O   1 
ATOM 91   C CB  . ALA A 1 21  ? -13.217 -8.614  18.827  1.00 57.43  ? 45  ALA A CB  1 
ATOM 92   N N   . GLN A 1 22  ? -13.713 -6.312  16.600  1.00 58.43  ? 46  GLN A N   1 
ATOM 93   C CA  . GLN A 1 22  ? -14.393 -5.912  15.372  1.00 60.26  ? 46  GLN A CA  1 
ATOM 94   C C   . GLN A 1 22  ? -13.363 -5.328  14.451  1.00 59.11  ? 46  GLN A C   1 
ATOM 95   O O   . GLN A 1 22  ? -13.266 -5.710  13.284  1.00 57.14  ? 46  GLN A O   1 
ATOM 96   C CB  . GLN A 1 22  ? -15.433 -4.832  15.636  1.00 63.87  ? 46  GLN A CB  1 
ATOM 97   C CG  . GLN A 1 22  ? -16.650 -5.266  16.416  1.00 68.08  ? 46  GLN A CG  1 
ATOM 98   C CD  . GLN A 1 22  ? -17.631 -4.118  16.575  1.00 70.67  ? 46  GLN A CD  1 
ATOM 99   O OE1 . GLN A 1 22  ? -17.955 -3.429  15.595  1.00 74.36  ? 46  GLN A OE1 1 
ATOM 100  N NE2 . GLN A 1 22  ? -18.113 -3.903  17.802  1.00 68.71  ? 46  GLN A NE2 1 
ATOM 101  N N   . GLN A 1 23  ? -12.613 -4.371  14.996  1.00 60.30  ? 47  GLN A N   1 
ATOM 102  C CA  . GLN A 1 23  ? -11.548 -3.691  14.265  1.00 59.90  ? 47  GLN A CA  1 
ATOM 103  C C   . GLN A 1 23  ? -10.704 -4.754  13.571  1.00 57.93  ? 47  GLN A C   1 
ATOM 104  O O   . GLN A 1 23  ? -10.343 -4.622  12.401  1.00 57.48  ? 47  GLN A O   1 
ATOM 105  C CB  . GLN A 1 23  ? -10.675 -2.897  15.231  1.00 60.28  ? 47  GLN A CB  1 
ATOM 106  C CG  . GLN A 1 23  ? -10.626 -1.417  14.956  1.00 64.80  ? 47  GLN A CG  1 
ATOM 107  C CD  . GLN A 1 23  ? -9.700  -0.686  15.921  1.00 68.53  ? 47  GLN A CD  1 
ATOM 108  O OE1 . GLN A 1 23  ? -9.770  -0.879  17.150  1.00 68.07  ? 47  GLN A OE1 1 
ATOM 109  N NE2 . GLN A 1 23  ? -8.828  0.166   15.372  1.00 67.88  ? 47  GLN A NE2 1 
ATOM 110  N N   . LEU A 1 24  ? -10.400 -5.821  14.298  1.00 54.42  ? 48  LEU A N   1 
ATOM 111  C CA  . LEU A 1 24  ? -9.608  -6.877  13.722  1.00 52.85  ? 48  LEU A CA  1 
ATOM 112  C C   . LEU A 1 24  ? -10.296 -7.446  12.495  1.00 51.96  ? 48  LEU A C   1 
ATOM 113  O O   . LEU A 1 24  ? -9.810  -7.249  11.388  1.00 51.14  ? 48  LEU A O   1 
ATOM 114  C CB  . LEU A 1 24  ? -9.330  -7.967  14.764  1.00 52.97  ? 48  LEU A CB  1 
ATOM 115  C CG  . LEU A 1 24  ? -8.387  -7.491  15.885  1.00 52.82  ? 48  LEU A CG  1 
ATOM 116  C CD1 . LEU A 1 24  ? -8.229  -8.576  16.948  1.00 52.17  ? 48  LEU A CD1 1 
ATOM 117  C CD2 . LEU A 1 24  ? -7.028  -7.123  15.292  1.00 50.84  ? 48  LEU A CD2 1 
ATOM 118  N N   . GLU A 1 25  ? -11.428 -8.125  12.679  1.00 55.42  ? 49  GLU A N   1 
ATOM 119  C CA  . GLU A 1 25  ? -12.144 -8.734  11.552  1.00 56.63  ? 49  GLU A CA  1 
ATOM 120  C C   . GLU A 1 25  ? -12.380 -7.755  10.418  1.00 55.44  ? 49  GLU A C   1 
ATOM 121  O O   . GLU A 1 25  ? -12.446 -8.156  9.255   1.00 54.28  ? 49  GLU A O   1 
ATOM 122  C CB  . GLU A 1 25  ? -13.482 -9.327  12.000  1.00 62.62  ? 49  GLU A CB  1 
ATOM 123  C CG  . GLU A 1 25  ? -14.227 -10.096 10.894  1.00 71.46  ? 49  GLU A CG  1 
ATOM 124  C CD  . GLU A 1 25  ? -13.402 -11.239 10.263  1.00 76.86  ? 49  GLU A CD  1 
ATOM 125  O OE1 . GLU A 1 25  ? -13.164 -12.275 10.944  1.00 77.43  ? 49  GLU A OE1 1 
ATOM 126  O OE2 . GLU A 1 25  ? -12.996 -11.093 9.078   1.00 78.17  ? 49  GLU A OE2 1 
ATOM 127  N N   . GLN A 1 26  ? -12.490 -6.475  10.760  1.00 54.67  ? 50  GLN A N   1 
ATOM 128  C CA  . GLN A 1 26  ? -12.703 -5.416  9.779   1.00 53.91  ? 50  GLN A CA  1 
ATOM 129  C C   . GLN A 1 26  ? -11.400 -5.099  9.024   1.00 52.79  ? 50  GLN A C   1 
ATOM 130  O O   . GLN A 1 26  ? -11.432 -4.816  7.828   1.00 52.75  ? 50  GLN A O   1 
ATOM 131  C CB  . GLN A 1 26  ? -13.223 -4.173  10.494  1.00 57.37  ? 50  GLN A CB  1 
ATOM 132  C CG  . GLN A 1 26  ? -14.000 -3.202  9.634   1.00 63.03  ? 50  GLN A CG  1 
ATOM 133  C CD  . GLN A 1 26  ? -14.820 -2.226  10.478  1.00 67.33  ? 50  GLN A CD  1 
ATOM 134  O OE1 . GLN A 1 26  ? -14.265 -1.434  11.252  1.00 67.42  ? 50  GLN A OE1 1 
ATOM 135  N NE2 . GLN A 1 26  ? -16.151 -2.286  10.337  1.00 67.85  ? 50  GLN A NE2 1 
ATOM 136  N N   . LEU A 1 27  ? -10.259 -5.136  9.723   1.00 52.98  ? 51  LEU A N   1 
ATOM 137  C CA  . LEU A 1 27  ? -8.943  -4.894  9.098   1.00 50.58  ? 51  LEU A CA  1 
ATOM 138  C C   . LEU A 1 27  ? -8.574  -6.079  8.226   1.00 50.43  ? 51  LEU A C   1 
ATOM 139  O O   . LEU A 1 27  ? -8.060  -5.905  7.129   1.00 51.37  ? 51  LEU A O   1 
ATOM 140  C CB  . LEU A 1 27  ? -7.844  -4.705  10.142  1.00 46.46  ? 51  LEU A CB  1 
ATOM 141  C CG  . LEU A 1 27  ? -7.849  -3.348  10.826  1.00 47.72  ? 51  LEU A CG  1 
ATOM 142  C CD1 . LEU A 1 27  ? -6.749  -3.288  11.872  1.00 48.68  ? 51  LEU A CD1 1 
ATOM 143  C CD2 . LEU A 1 27  ? -7.669  -2.263  9.783   1.00 47.79  ? 51  LEU A CD2 1 
ATOM 144  N N   . LYS A 1 28  ? -8.829  -7.286  8.720   1.00 50.20  ? 52  LYS A N   1 
ATOM 145  C CA  . LYS A 1 28  ? -8.537  -8.483  7.947   1.00 51.08  ? 52  LYS A CA  1 
ATOM 146  C C   . LYS A 1 28  ? -9.303  -8.373  6.632   1.00 51.26  ? 52  LYS A C   1 
ATOM 147  O O   . LYS A 1 28  ? -9.062  -9.129  5.674   1.00 51.96  ? 52  LYS A O   1 
ATOM 148  C CB  . LYS A 1 28  ? -9.028  -9.735  8.675   1.00 51.11  ? 52  LYS A CB  1 
ATOM 149  C CG  . LYS A 1 28  ? -8.320  -10.088 9.960   1.00 52.76  ? 52  LYS A CG  1 
ATOM 150  C CD  . LYS A 1 28  ? -8.941  -11.358 10.553  1.00 54.38  ? 52  LYS A CD  1 
ATOM 151  C CE  . LYS A 1 28  ? -8.845  -12.530 9.587   1.00 51.64  ? 52  LYS A CE  1 
ATOM 152  N NZ  . LYS A 1 28  ? -9.515  -13.732 10.145  1.00 55.19  ? 52  LYS A NZ  1 
ATOM 153  N N   . SER A 1 29  ? -10.244 -7.434  6.598   1.00 50.59  ? 53  SER A N   1 
ATOM 154  C CA  . SER A 1 29  ? -11.056 -7.245  5.412   1.00 49.72  ? 53  SER A CA  1 
ATOM 155  C C   . SER A 1 29  ? -10.405 -6.331  4.370   1.00 48.93  ? 53  SER A C   1 
ATOM 156  O O   . SER A 1 29  ? -10.350 -6.694  3.194   1.00 47.40  ? 53  SER A O   1 
ATOM 157  C CB  . SER A 1 29  ? -12.435 -6.727  5.807   1.00 49.90  ? 53  SER A CB  1 
ATOM 158  O OG  . SER A 1 29  ? -13.396 -7.113  4.843   1.00 50.15  ? 53  SER A OG  1 
ATOM 159  N N   . GLN A 1 30  ? -9.919  -5.155  4.775   1.00 49.04  ? 54  GLN A N   1 
ATOM 160  C CA  . GLN A 1 30  ? -9.269  -4.275  3.800   1.00 51.01  ? 54  GLN A CA  1 
ATOM 161  C C   . GLN A 1 30  ? -8.104  -5.057  3.194   1.00 52.57  ? 54  GLN A C   1 
ATOM 162  O O   . GLN A 1 30  ? -7.934  -5.134  1.970   1.00 54.72  ? 54  GLN A O   1 
ATOM 163  C CB  . GLN A 1 30  ? -8.681  -3.023  4.449   1.00 49.49  ? 54  GLN A CB  1 
ATOM 164  C CG  . GLN A 1 30  ? -9.641  -2.133  5.182   1.00 53.21  ? 54  GLN A CG  1 
ATOM 165  C CD  . GLN A 1 30  ? -8.943  -0.879  5.705   1.00 54.85  ? 54  GLN A CD  1 
ATOM 166  O OE1 . GLN A 1 30  ? -8.237  -0.196  4.947   1.00 55.72  ? 54  GLN A OE1 1 
ATOM 167  N NE2 . GLN A 1 30  ? -9.138  -0.567  6.997   1.00 48.83  ? 54  GLN A NE2 1 
ATOM 168  N N   . LEU A 1 31  ? -7.298  -5.630  4.079   1.00 51.42  ? 55  LEU A N   1 
ATOM 169  C CA  . LEU A 1 31  ? -6.139  -6.391  3.669   1.00 52.61  ? 55  LEU A CA  1 
ATOM 170  C C   . LEU A 1 31  ? -6.518  -7.351  2.557   1.00 52.70  ? 55  LEU A C   1 
ATOM 171  O O   . LEU A 1 31  ? -5.815  -7.453  1.554   1.00 52.18  ? 55  LEU A O   1 
ATOM 172  C CB  . LEU A 1 31  ? -5.572  -7.168  4.857   1.00 53.30  ? 55  LEU A CB  1 
ATOM 173  C CG  . LEU A 1 31  ? -4.135  -7.651  4.672   1.00 51.49  ? 55  LEU A CG  1 
ATOM 174  C CD1 . LEU A 1 31  ? -3.220  -6.452  4.663   1.00 48.60  ? 55  LEU A CD1 1 
ATOM 175  C CD2 . LEU A 1 31  ? -3.749  -8.623  5.783   1.00 51.83  ? 55  LEU A CD2 1 
ATOM 176  N N   . GLU A 1 32  ? -7.635  -8.050  2.731   1.00 54.33  ? 56  GLU A N   1 
ATOM 177  C CA  . GLU A 1 32  ? -8.080  -9.005  1.725   1.00 56.18  ? 56  GLU A CA  1 
ATOM 178  C C   . GLU A 1 32  ? -8.236  -8.288  0.385   1.00 57.57  ? 56  GLU A C   1 
ATOM 179  O O   . GLU A 1 32  ? -7.851  -8.806  -0.668  1.00 57.93  ? 56  GLU A O   1 
ATOM 180  C CB  . GLU A 1 32  ? -9.408  -9.632  2.138   1.00 56.51  ? 56  GLU A CB  1 
ATOM 181  C CG  . GLU A 1 32  ? -9.861  -10.712 1.176   1.00 61.78  ? 56  GLU A CG  1 
ATOM 182  C CD  . GLU A 1 32  ? -9.016  -11.961 1.279   1.00 63.52  ? 56  GLU A CD  1 
ATOM 183  O OE1 . GLU A 1 32  ? -9.261  -12.758 2.214   1.00 68.55  ? 56  GLU A OE1 1 
ATOM 184  O OE2 . GLU A 1 32  ? -8.107  -12.136 0.438   1.00 64.24  ? 56  GLU A OE2 1 
ATOM 185  N N   . THR A 1 33  ? -8.812  -7.091  0.442   1.00 58.68  ? 57  THR A N   1 
ATOM 186  C CA  . THR A 1 33  ? -9.017  -6.267  -0.740  1.00 59.13  ? 57  THR A CA  1 
ATOM 187  C C   . THR A 1 33  ? -7.635  -5.935  -1.293  1.00 59.01  ? 57  THR A C   1 
ATOM 188  O O   . THR A 1 33  ? -7.272  -6.371  -2.391  1.00 59.84  ? 57  THR A O   1 
ATOM 189  C CB  . THR A 1 33  ? -9.779  -4.952  -0.373  1.00 59.63  ? 57  THR A CB  1 
ATOM 190  O OG1 . THR A 1 33  ? -11.170 -5.241  -0.186  1.00 60.24  ? 57  THR A OG1 1 
ATOM 191  C CG2 . THR A 1 33  ? -9.621  -3.895  -1.463  1.00 61.32  ? 57  THR A CG2 1 
ATOM 192  N N   . GLN A 1 34  ? -6.863  -5.178  -0.517  1.00 57.21  ? 58  GLN A N   1 
ATOM 193  C CA  . GLN A 1 34  ? -5.524  -4.790  -0.923  1.00 56.49  ? 58  GLN A CA  1 
ATOM 194  C C   . GLN A 1 34  ? -4.784  -5.961  -1.579  1.00 56.25  ? 58  GLN A C   1 
ATOM 195  O O   . GLN A 1 34  ? -4.353  -5.860  -2.727  1.00 56.96  ? 58  GLN A O   1 
ATOM 196  C CB  . GLN A 1 34  ? -4.765  -4.248  0.290   1.00 54.97  ? 58  GLN A CB  1 
ATOM 197  C CG  . GLN A 1 34  ? -5.417  -2.996  0.856   1.00 53.66  ? 58  GLN A CG  1 
ATOM 198  C CD  . GLN A 1 34  ? -4.722  -2.445  2.094   1.00 54.81  ? 58  GLN A CD  1 
ATOM 199  O OE1 . GLN A 1 34  ? -4.960  -1.305  2.496   1.00 56.52  ? 58  GLN A OE1 1 
ATOM 200  N NE2 . GLN A 1 34  ? -3.871  -3.251  2.704   1.00 55.59  ? 58  GLN A NE2 1 
ATOM 201  N N   . LYS A 1 35  ? -4.658  -7.074  -0.866  1.00 57.45  ? 59  LYS A N   1 
ATOM 202  C CA  . LYS A 1 35  ? -3.984  -8.240  -1.413  1.00 58.53  ? 59  LYS A CA  1 
ATOM 203  C C   . LYS A 1 35  ? -4.520  -8.507  -2.817  1.00 59.50  ? 59  LYS A C   1 
ATOM 204  O O   . LYS A 1 35  ? -3.778  -8.504  -3.792  1.00 59.39  ? 59  LYS A O   1 
ATOM 205  C CB  . LYS A 1 35  ? -4.222  -9.465  -0.523  1.00 59.88  ? 59  LYS A CB  1 
ATOM 206  C CG  . LYS A 1 35  ? -3.562  -10.745 -1.042  1.00 64.87  ? 59  LYS A CG  1 
ATOM 207  C CD  . LYS A 1 35  ? -3.818  -11.954 -0.130  1.00 70.39  ? 59  LYS A CD  1 
ATOM 208  C CE  . LYS A 1 35  ? -5.277  -12.425 -0.206  1.00 75.20  ? 59  LYS A CE  1 
ATOM 209  N NZ  . LYS A 1 35  ? -5.625  -13.523 0.759   1.00 79.59  ? 59  LYS A NZ  1 
ATOM 210  N N   . ASN A 1 36  ? -5.820  -8.722  -2.922  1.00 61.63  ? 60  ASN A N   1 
ATOM 211  C CA  . ASN A 1 36  ? -6.421  -8.996  -4.216  1.00 63.93  ? 60  ASN A CA  1 
ATOM 212  C C   . ASN A 1 36  ? -6.151  -7.897  -5.225  1.00 65.56  ? 60  ASN A C   1 
ATOM 213  O O   . ASN A 1 36  ? -5.594  -8.151  -6.299  1.00 67.99  ? 60  ASN A O   1 
ATOM 214  C CB  . ASN A 1 36  ? -7.923  -9.198  -4.058  1.00 63.24  ? 60  ASN A CB  1 
ATOM 215  C CG  . ASN A 1 36  ? -8.256  -10.529 -3.439  1.00 65.23  ? 60  ASN A CG  1 
ATOM 216  O OD1 . ASN A 1 36  ? -9.375  -10.742 -2.976  1.00 69.88  ? 60  ASN A OD1 1 
ATOM 217  N ND2 . ASN A 1 36  ? -7.288  -11.447 -3.432  1.00 63.22  ? 60  ASN A ND2 1 
ATOM 218  N N   . MET A 1 37  ? -6.554  -6.679  -4.882  1.00 65.35  ? 61  MET A N   1 
ATOM 219  C CA  . MET A 1 37  ? -6.352  -5.549  -5.767  1.00 66.17  ? 61  MET A CA  1 
ATOM 220  C C   . MET A 1 37  ? -4.898  -5.505  -6.258  1.00 66.11  ? 61  MET A C   1 
ATOM 221  O O   . MET A 1 37  ? -4.638  -5.487  -7.469  1.00 65.23  ? 61  MET A O   1 
ATOM 222  C CB  . MET A 1 37  ? -6.693  -4.262  -5.036  1.00 68.86  ? 61  MET A CB  1 
ATOM 223  C CG  . MET A 1 37  ? -6.638  -3.026  -5.906  1.00 72.91  ? 61  MET A CG  1 
ATOM 224  S SD  . MET A 1 37  ? -6.429  -1.562  -4.870  1.00 77.42  ? 61  MET A SD  1 
ATOM 225  C CE  . MET A 1 37  ? -7.551  -1.964  -3.455  1.00 76.93  ? 61  MET A CE  1 
ATOM 226  N N   . TYR A 1 38  ? -3.950  -5.490  -5.320  1.00 63.94  ? 62  TYR A N   1 
ATOM 227  C CA  . TYR A 1 38  ? -2.541  -5.461  -5.695  1.00 62.02  ? 62  TYR A CA  1 
ATOM 228  C C   . TYR A 1 38  ? -2.278  -6.517  -6.765  1.00 61.35  ? 62  TYR A C   1 
ATOM 229  O O   . TYR A 1 38  ? -1.685  -6.224  -7.799  1.00 60.75  ? 62  TYR A O   1 
ATOM 230  C CB  . TYR A 1 38  ? -1.636  -5.717  -4.481  1.00 60.56  ? 62  TYR A CB  1 
ATOM 231  C CG  . TYR A 1 38  ? -0.195  -5.983  -4.868  1.00 61.42  ? 62  TYR A CG  1 
ATOM 232  C CD1 . TYR A 1 38  ? 0.832   -5.089  -4.534  1.00 61.98  ? 62  TYR A CD1 1 
ATOM 233  C CD2 . TYR A 1 38  ? 0.133   -7.105  -5.631  1.00 63.12  ? 62  TYR A CD2 1 
ATOM 234  C CE1 . TYR A 1 38  ? 2.151   -5.315  -4.964  1.00 61.16  ? 62  TYR A CE1 1 
ATOM 235  C CE2 . TYR A 1 38  ? 1.424   -7.337  -6.066  1.00 62.75  ? 62  TYR A CE2 1 
ATOM 236  C CZ  . TYR A 1 38  ? 2.428   -6.448  -5.738  1.00 62.73  ? 62  TYR A CZ  1 
ATOM 237  O OH  . TYR A 1 38  ? 3.687   -6.716  -6.229  1.00 65.53  ? 62  TYR A OH  1 
ATOM 238  N N   . GLU A 1 39  ? -2.704  -7.748  -6.502  1.00 62.87  ? 63  GLU A N   1 
ATOM 239  C CA  . GLU A 1 39  ? -2.514  -8.845  -7.449  1.00 64.89  ? 63  GLU A CA  1 
ATOM 240  C C   . GLU A 1 39  ? -3.056  -8.460  -8.807  1.00 64.72  ? 63  GLU A C   1 
ATOM 241  O O   . GLU A 1 39  ? -2.485  -8.820  -9.840  1.00 63.49  ? 63  GLU A O   1 
ATOM 242  C CB  . GLU A 1 39  ? -3.236  -10.092 -6.969  1.00 65.90  ? 63  GLU A CB  1 
ATOM 243  C CG  . GLU A 1 39  ? -2.819  -10.509 -5.598  1.00 69.43  ? 63  GLU A CG  1 
ATOM 244  C CD  . GLU A 1 39  ? -2.403  -11.951 -5.556  1.00 72.33  ? 63  GLU A CD  1 
ATOM 245  O OE1 . GLU A 1 39  ? -1.572  -12.345 -6.411  1.00 72.98  ? 63  GLU A OE1 1 
ATOM 246  O OE2 . GLU A 1 39  ? -2.904  -12.682 -4.668  1.00 74.42  ? 63  GLU A OE2 1 
ATOM 247  N N   . SER A 1 40  ? -4.175  -7.737  -8.795  1.00 65.15  ? 64  SER A N   1 
ATOM 248  C CA  . SER A 1 40  ? -4.790  -7.282  -10.031 1.00 65.89  ? 64  SER A CA  1 
ATOM 249  C C   . SER A 1 40  ? -3.705  -6.637  -10.889 1.00 64.77  ? 64  SER A C   1 
ATOM 250  O O   . SER A 1 40  ? -3.387  -7.104  -11.986 1.00 65.65  ? 64  SER A O   1 
ATOM 251  C CB  . SER A 1 40  ? -5.883  -6.253  -9.732  1.00 66.55  ? 64  SER A CB  1 
ATOM 252  O OG  . SER A 1 40  ? -6.273  -5.572  -10.915 1.00 68.99  ? 64  SER A OG  1 
ATOM 253  N N   . MET A 1 41  ? -3.125  -5.571  -10.356 1.00 62.94  ? 65  MET A N   1 
ATOM 254  C CA  . MET A 1 41  ? -2.086  -4.833  -11.044 1.00 59.84  ? 65  MET A CA  1 
ATOM 255  C C   . MET A 1 41  ? -0.849  -5.647  -11.403 1.00 60.55  ? 65  MET A C   1 
ATOM 256  O O   . MET A 1 41  ? -0.401  -5.610  -12.545 1.00 63.05  ? 65  MET A O   1 
ATOM 257  C CB  . MET A 1 41  ? -1.706  -3.614  -10.208 1.00 54.98  ? 65  MET A CB  1 
ATOM 258  C CG  . MET A 1 41  ? -2.877  -2.669  -9.991  1.00 50.65  ? 65  MET A CG  1 
ATOM 259  S SD  . MET A 1 41  ? -2.426  -1.224  -9.039  1.00 47.00  ? 65  MET A SD  1 
ATOM 260  C CE  . MET A 1 41  ? -3.400  -1.495  -7.572  1.00 51.19  ? 65  MET A CE  1 
ATOM 261  N N   . ALA A 1 42  ? -0.295  -6.389  -10.453 1.00 60.84  ? 66  ALA A N   1 
ATOM 262  C CA  . ALA A 1 42  ? 0.899   -7.184  -10.735 1.00 60.97  ? 66  ALA A CA  1 
ATOM 263  C C   . ALA A 1 42  ? 0.681   -8.173  -11.881 1.00 62.11  ? 66  ALA A C   1 
ATOM 264  O O   . ALA A 1 42  ? 1.635   -8.801  -12.367 1.00 61.20  ? 66  ALA A O   1 
ATOM 265  C CB  . ALA A 1 42  ? 1.343   -7.931  -9.481  1.00 59.94  ? 66  ALA A CB  1 
ATOM 266  N N   . LYS A 1 43  ? -0.577  -8.296  -12.308 1.00 63.12  ? 67  LYS A N   1 
ATOM 267  C CA  . LYS A 1 43  ? -0.970  -9.205  -13.389 1.00 64.19  ? 67  LYS A CA  1 
ATOM 268  C C   . LYS A 1 43  ? -1.491  -8.488  -14.650 1.00 64.72  ? 67  LYS A C   1 
ATOM 269  O O   . LYS A 1 43  ? -2.113  -9.111  -15.504 1.00 65.45  ? 67  LYS A O   1 
ATOM 270  C CB  . LYS A 1 43  ? -2.060  -10.160 -12.882 1.00 65.39  ? 67  LYS A CB  1 
ATOM 271  C CG  . LYS A 1 43  ? -1.634  -11.044 -11.726 1.00 68.82  ? 67  LYS A CG  1 
ATOM 272  C CD  . LYS A 1 43  ? -2.845  -11.589 -10.967 1.00 70.82  ? 67  LYS A CD  1 
ATOM 273  C CE  . LYS A 1 43  ? -2.400  -12.326 -9.702  1.00 72.36  ? 67  LYS A CE  1 
ATOM 274  N NZ  . LYS A 1 43  ? -3.547  -12.817 -8.887  1.00 71.38  ? 67  LYS A NZ  1 
ATOM 275  N N   . THR A 1 44  ? -1.247  -7.187  -14.771 1.00 63.81  ? 68  THR A N   1 
ATOM 276  C CA  . THR A 1 44  ? -1.726  -6.430  -15.932 1.00 63.13  ? 68  THR A CA  1 
ATOM 277  C C   . THR A 1 44  ? -0.905  -5.165  -16.187 1.00 63.81  ? 68  THR A C   1 
ATOM 278  O O   . THR A 1 44  ? -1.342  -4.271  -16.930 1.00 63.07  ? 68  THR A O   1 
ATOM 279  C CB  . THR A 1 44  ? -3.191  -5.998  -15.734 1.00 63.18  ? 68  THR A CB  1 
ATOM 280  O OG1 . THR A 1 44  ? -3.333  -5.394  -14.442 1.00 62.35  ? 68  THR A OG1 1 
ATOM 281  C CG2 . THR A 1 44  ? -4.123  -7.185  -15.835 1.00 65.06  ? 68  THR A CG2 1 
ATOM 282  N N   . THR A 1 45  ? 0.287   -5.112  -15.594 1.00 61.84  ? 69  THR A N   1 
ATOM 283  C CA  . THR A 1 45  ? 1.150   -3.948  -15.683 1.00 59.17  ? 69  THR A CA  1 
ATOM 284  C C   . THR A 1 45  ? 1.566   -3.475  -17.057 1.00 60.57  ? 69  THR A C   1 
ATOM 285  O O   . THR A 1 45  ? 1.261   -2.342  -17.453 1.00 62.63  ? 69  THR A O   1 
ATOM 286  C CB  . THR A 1 45  ? 2.436   -4.146  -14.879 1.00 58.03  ? 69  THR A CB  1 
ATOM 287  O OG1 . THR A 1 45  ? 2.147   -4.898  -13.700 1.00 57.85  ? 69  THR A OG1 1 
ATOM 288  C CG2 . THR A 1 45  ? 3.012   -2.800  -14.470 1.00 54.81  ? 69  THR A CG2 1 
ATOM 289  N N   . ASN A 1 46  ? 2.275   -4.332  -17.776 1.00 59.56  ? 70  ASN A N   1 
ATOM 290  C CA  . ASN A 1 46  ? 2.795   -3.974  -19.095 1.00 58.22  ? 70  ASN A CA  1 
ATOM 291  C C   . ASN A 1 46  ? 4.075   -3.170  -18.876 1.00 55.31  ? 70  ASN A C   1 
ATOM 292  O O   . ASN A 1 46  ? 4.935   -3.134  -19.746 1.00 56.86  ? 70  ASN A O   1 
ATOM 293  C CB  . ASN A 1 46  ? 1.812   -3.101  -19.904 1.00 58.68  ? 70  ASN A CB  1 
ATOM 294  C CG  . ASN A 1 46  ? 0.505   -3.814  -20.241 1.00 61.38  ? 70  ASN A CG  1 
ATOM 295  O OD1 . ASN A 1 46  ? 0.490   -4.859  -20.907 1.00 62.66  ? 70  ASN A OD1 1 
ATOM 296  N ND2 . ASN A 1 46  ? -0.608  -3.238  -19.787 1.00 64.67  ? 70  ASN A ND2 1 
ATOM 297  N N   . LEU A 1 47  ? 4.208   -2.538  -17.716 1.00 51.11  ? 71  LEU A N   1 
ATOM 298  C CA  . LEU A 1 47  ? 5.384   -1.730  -17.441 1.00 51.71  ? 71  LEU A CA  1 
ATOM 299  C C   . LEU A 1 47  ? 6.704   -2.378  -17.839 1.00 53.66  ? 71  LEU A C   1 
ATOM 300  O O   . LEU A 1 47  ? 7.724   -1.692  -17.958 1.00 54.04  ? 71  LEU A O   1 
ATOM 301  C CB  . LEU A 1 47  ? 5.462   -1.351  -15.969 1.00 52.14  ? 71  LEU A CB  1 
ATOM 302  C CG  . LEU A 1 47  ? 6.693   -0.489  -15.645 1.00 50.50  ? 71  LEU A CG  1 
ATOM 303  C CD1 . LEU A 1 47  ? 6.501   0.908   -16.220 1.00 49.59  ? 71  LEU A CD1 1 
ATOM 304  C CD2 . LEU A 1 47  ? 6.913   -0.429  -14.141 1.00 48.89  ? 71  LEU A CD2 1 
ATOM 305  N N   . GLY A 1 48  ? 6.703   -3.692  -18.032 1.00 54.52  ? 72  GLY A N   1 
ATOM 306  C CA  . GLY A 1 48  ? 7.930   -4.360  -18.431 1.00 56.67  ? 72  GLY A CA  1 
ATOM 307  C C   . GLY A 1 48  ? 8.281   -4.023  -19.874 1.00 59.16  ? 72  GLY A C   1 
ATOM 308  O O   . GLY A 1 48  ? 9.371   -4.347  -20.356 1.00 59.39  ? 72  GLY A O   1 
ATOM 309  N N   . ASP A 1 49  ? 7.349   -3.366  -20.564 1.00 60.24  ? 73  ASP A N   1 
ATOM 310  C CA  . ASP A 1 49  ? 7.539   -2.979  -21.955 1.00 62.19  ? 73  ASP A CA  1 
ATOM 311  C C   . ASP A 1 49  ? 7.679   -1.470  -22.091 1.00 61.19  ? 73  ASP A C   1 
ATOM 312  O O   . ASP A 1 49  ? 7.256   -0.894  -23.094 1.00 62.43  ? 73  ASP A O   1 
ATOM 313  C CB  . ASP A 1 49  ? 6.352   -3.454  -22.804 1.00 66.23  ? 73  ASP A CB  1 
ATOM 314  C CG  . ASP A 1 49  ? 6.134   -4.967  -22.722 1.00 71.84  ? 73  ASP A CG  1 
ATOM 315  O OD1 . ASP A 1 49  ? 7.096   -5.731  -22.973 1.00 73.99  ? 73  ASP A OD1 1 
ATOM 316  O OD2 . ASP A 1 49  ? 4.997   -5.398  -22.411 1.00 74.25  ? 73  ASP A OD2 1 
ATOM 317  N N   . LEU A 1 50  ? 8.272   -0.829  -21.090 1.00 58.42  ? 74  LEU A N   1 
ATOM 318  C CA  . LEU A 1 50  ? 8.453   0.619   -21.116 1.00 55.70  ? 74  LEU A CA  1 
ATOM 319  C C   . LEU A 1 50  ? 9.709   1.016   -20.355 1.00 55.92  ? 74  LEU A C   1 
ATOM 320  O O   . LEU A 1 50  ? 9.848   2.170   -19.933 1.00 54.49  ? 74  LEU A O   1 
ATOM 321  C CB  . LEU A 1 50  ? 7.264   1.309   -20.464 1.00 55.82  ? 74  LEU A CB  1 
ATOM 322  C CG  . LEU A 1 50  ? 5.867   0.990   -20.974 1.00 57.34  ? 74  LEU A CG  1 
ATOM 323  C CD1 . LEU A 1 50  ? 4.855   1.497   -19.964 1.00 57.13  ? 74  LEU A CD1 1 
ATOM 324  C CD2 . LEU A 1 50  ? 5.648   1.638   -22.335 1.00 59.79  ? 74  LEU A CD2 1 
ATOM 325  N N   . LEU A 1 51  ? 10.621  0.067   -20.170 1.00 54.93  ? 75  LEU A N   1 
ATOM 326  C CA  . LEU A 1 51  ? 11.844  0.357   -19.438 1.00 56.10  ? 75  LEU A CA  1 
ATOM 327  C C   . LEU A 1 51  ? 13.042  0.302   -20.374 1.00 56.95  ? 75  LEU A C   1 
ATOM 328  O O   . LEU A 1 51  ? 14.205  0.302   -19.922 1.00 55.48  ? 75  LEU A O   1 
ATOM 329  C CB  . LEU A 1 51  ? 12.020  -0.649  -18.304 1.00 56.75  ? 75  LEU A CB  1 
ATOM 330  C CG  . LEU A 1 51  ? 10.774  -0.864  -17.438 1.00 57.14  ? 75  LEU A CG  1 
ATOM 331  C CD1 . LEU A 1 51  ? 10.982  -2.089  -16.563 1.00 56.54  ? 75  LEU A CD1 1 
ATOM 332  C CD2 . LEU A 1 51  ? 10.478  0.375   -16.595 1.00 55.08  ? 75  LEU A CD2 1 
ATOM 333  N N   . GLY A 1 52  ? 12.745  0.256   -21.675 1.00 56.47  ? 76  GLY A N   1 
ATOM 334  C CA  . GLY A 1 52  ? 13.783  0.202   -22.692 1.00 57.58  ? 76  GLY A CA  1 
ATOM 335  C C   . GLY A 1 52  ? 14.101  1.553   -23.306 1.00 57.65  ? 76  GLY A C   1 
ATOM 336  O O   . GLY A 1 52  ? 13.401  2.537   -23.062 1.00 57.77  ? 76  GLY A O   1 
ATOM 337  N N   . THR A 1 53  ? 15.164  1.600   -24.105 1.00 58.94  ? 77  THR A N   1 
ATOM 338  C CA  . THR A 1 53  ? 15.580  2.841   -24.759 1.00 59.02  ? 77  THR A CA  1 
ATOM 339  C C   . THR A 1 53  ? 14.621  3.269   -25.869 1.00 61.97  ? 77  THR A C   1 
ATOM 340  O O   . THR A 1 53  ? 14.562  4.443   -26.224 1.00 61.54  ? 77  THR A O   1 
ATOM 341  C CB  . THR A 1 53  ? 16.988  2.710   -25.378 1.00 55.48  ? 77  THR A CB  1 
ATOM 342  O OG1 . THR A 1 53  ? 17.006  1.619   -26.309 1.00 53.39  ? 77  THR A OG1 1 
ATOM 343  C CG2 . THR A 1 53  ? 18.026  2.478   -24.299 1.00 52.98  ? 77  THR A CG2 1 
ATOM 344  N N   . SER A 1 54  ? 13.868  2.310   -26.403 1.00 66.63  ? 78  SER A N   1 
ATOM 345  C CA  . SER A 1 54  ? 12.928  2.567   -27.493 1.00 69.14  ? 78  SER A CA  1 
ATOM 346  C C   . SER A 1 54  ? 11.663  3.300   -27.075 1.00 71.52  ? 78  SER A C   1 
ATOM 347  O O   . SER A 1 54  ? 10.888  3.751   -27.922 1.00 71.05  ? 78  SER A O   1 
ATOM 348  C CB  . SER A 1 54  ? 12.539  1.243   -28.158 1.00 69.30  ? 78  SER A CB  1 
ATOM 349  O OG  . SER A 1 54  ? 11.513  1.433   -29.121 1.00 70.49  ? 78  SER A OG  1 
ATOM 350  N N   . THR A 1 55  ? 11.451  3.426   -25.774 1.00 75.84  ? 79  THR A N   1 
ATOM 351  C CA  . THR A 1 55  ? 10.247  4.076   -25.290 1.00 80.83  ? 79  THR A CA  1 
ATOM 352  C C   . THR A 1 55  ? 10.530  5.423   -24.635 1.00 85.47  ? 79  THR A C   1 
ATOM 353  O O   . THR A 1 55  ? 9.676   6.314   -24.661 1.00 85.46  ? 79  THR A O   1 
ATOM 354  C CB  . THR A 1 55  ? 9.504   3.167   -24.274 1.00 78.97  ? 79  THR A CB  1 
ATOM 355  O OG1 . THR A 1 55  ? 10.203  3.183   -23.027 1.00 79.81  ? 79  THR A OG1 1 
ATOM 356  C CG2 . THR A 1 55  ? 9.452   1.721   -24.768 1.00 76.92  ? 79  THR A CG2 1 
ATOM 357  N N   . ASN A 1 56  ? 11.725  5.559   -24.055 1.00 91.47  ? 80  ASN A N   1 
ATOM 358  C CA  . ASN A 1 56  ? 12.155  6.779   -23.353 1.00 98.21  ? 80  ASN A CA  1 
ATOM 359  C C   . ASN A 1 56  ? 11.358  8.047   -23.687 1.00 102.19 ? 80  ASN A C   1 
ATOM 360  O O   . ASN A 1 56  ? 10.913  8.774   -22.788 1.00 103.23 ? 80  ASN A O   1 
ATOM 361  C CB  . ASN A 1 56  ? 13.657  7.038   -23.590 1.00 98.08  ? 80  ASN A CB  1 
ATOM 362  C CG  . ASN A 1 56  ? 14.535  6.529   -22.444 1.00 98.43  ? 80  ASN A CG  1 
ATOM 363  O OD1 . ASN A 1 56  ? 14.580  5.327   -22.161 1.00 98.02  ? 80  ASN A OD1 1 
ATOM 364  N ND2 . ASN A 1 56  ? 15.237  7.451   -21.780 1.00 97.24  ? 80  ASN A ND2 1 
ATOM 365  N N   . THR A 1 57  ? 11.187  8.323   -24.976 1.00 105.85 ? 81  THR A N   1 
ATOM 366  C CA  . THR A 1 57  ? 10.427  9.492   -25.391 1.00 108.42 ? 81  THR A CA  1 
ATOM 367  C C   . THR A 1 57  ? 8.963   9.062   -25.557 1.00 110.73 ? 81  THR A C   1 
ATOM 368  O O   . THR A 1 57  ? 8.392   8.471   -24.630 1.00 109.21 ? 81  THR A O   1 
ATOM 369  C CB  . THR A 1 57  ? 10.999  10.092  -26.710 1.00 107.84 ? 81  THR A CB  1 
ATOM 370  O OG1 . THR A 1 57  ? 10.739  9.211   -27.809 1.00 107.46 ? 81  THR A OG1 1 
ATOM 371  C CG2 . THR A 1 57  ? 12.508  10.287  -26.583 1.00 107.09 ? 81  THR A CG2 1 
ATOM 372  N N   . LEU A 1 58  ? 8.372   9.342   -26.724 1.00 113.45 ? 82  LEU A N   1 
ATOM 373  C CA  . LEU A 1 58  ? 6.975   8.992   -27.025 1.00 115.19 ? 82  LEU A CA  1 
ATOM 374  C C   . LEU A 1 58  ? 6.144   8.878   -25.744 1.00 116.21 ? 82  LEU A C   1 
ATOM 375  O O   . LEU A 1 58  ? 5.393   7.912   -25.553 1.00 115.94 ? 82  LEU A O   1 
ATOM 376  C CB  . LEU A 1 58  ? 6.917   7.670   -27.823 1.00 114.84 ? 82  LEU A CB  1 
ATOM 377  N N   . ALA A 1 59  ? 6.290   9.879   -24.876 1.00 116.66 ? 83  ALA A N   1 
ATOM 378  C CA  . ALA A 1 59  ? 5.594   9.914   -23.594 1.00 117.23 ? 83  ALA A CA  1 
ATOM 379  C C   . ALA A 1 59  ? 4.447   10.929  -23.549 1.00 117.44 ? 83  ALA A C   1 
ATOM 380  O O   . ALA A 1 59  ? 4.677   12.143  -23.491 1.00 118.04 ? 83  ALA A O   1 
ATOM 381  C CB  . ALA A 1 59  ? 6.601   10.204  -22.462 1.00 115.91 ? 83  ALA A CB  1 
ATOM 382  N N   . ASN A 1 60  ? 3.215   10.417  -23.568 1.00 116.57 ? 84  ASN A N   1 
ATOM 383  C CA  . ASN A 1 60  ? 2.017   11.253  -23.508 1.00 114.70 ? 84  ASN A CA  1 
ATOM 384  C C   . ASN A 1 60  ? 1.864   11.806  -22.089 1.00 113.59 ? 84  ASN A C   1 
ATOM 385  O O   . ASN A 1 60  ? 2.857   12.149  -21.440 1.00 112.72 ? 84  ASN A O   1 
ATOM 386  C CB  . ASN A 1 60  ? 0.785   10.431  -23.895 1.00 113.88 ? 84  ASN A CB  1 
ATOM 387  N N   . ASN A 1 61  ? 0.627   11.892  -21.607 1.00 112.65 ? 85  ASN A N   1 
ATOM 388  C CA  . ASN A 1 61  ? 0.383   12.405  -20.262 1.00 111.72 ? 85  ASN A CA  1 
ATOM 389  C C   . ASN A 1 61  ? -0.960  11.994  -19.664 1.00 110.75 ? 85  ASN A C   1 
ATOM 390  O O   . ASN A 1 61  ? -1.951  11.794  -20.374 1.00 110.09 ? 85  ASN A O   1 
ATOM 391  C CB  . ASN A 1 61  ? 0.486   13.938  -20.247 1.00 111.54 ? 85  ASN A CB  1 
ATOM 392  C CG  . ASN A 1 61  ? 1.642   14.443  -19.392 1.00 111.58 ? 85  ASN A CG  1 
ATOM 393  O OD1 . ASN A 1 61  ? 1.726   14.145  -18.196 1.00 111.57 ? 85  ASN A OD1 1 
ATOM 394  N ND2 . ASN A 1 61  ? 2.538   15.214  -20.004 1.00 110.63 ? 85  ASN A ND2 1 
ATOM 395  N N   . LEU A 1 62  ? -0.965  11.862  -18.342 1.00 110.04 ? 86  LEU A N   1 
ATOM 396  C CA  . LEU A 1 62  ? -2.158  11.513  -17.583 1.00 109.89 ? 86  LEU A CA  1 
ATOM 397  C C   . LEU A 1 62  ? -1.973  11.704  -16.070 1.00 109.42 ? 86  LEU A C   1 
ATOM 398  O O   . LEU A 1 62  ? -2.950  11.654  -15.315 1.00 109.12 ? 86  LEU A O   1 
ATOM 399  C CB  . LEU A 1 62  ? -2.597  10.073  -17.864 1.00 109.18 ? 86  LEU A CB  1 
ATOM 400  C CG  . LEU A 1 62  ? -4.023  9.827   -17.357 1.00 108.28 ? 86  LEU A CG  1 
ATOM 401  C CD1 . LEU A 1 62  ? -5.022  10.413  -18.346 1.00 107.21 ? 86  LEU A CD1 1 
ATOM 402  C CD2 . LEU A 1 62  ? -4.264  8.348   -17.171 1.00 108.28 ? 86  LEU A CD2 1 
ATOM 403  N N   . PRO A 1 63  ? -0.721  11.902  -15.600 1.00 109.80 ? 87  PRO A N   1 
ATOM 404  C CA  . PRO A 1 63  ? -0.557  12.094  -14.151 1.00 110.85 ? 87  PRO A CA  1 
ATOM 405  C C   . PRO A 1 63  ? -1.122  13.463  -13.747 1.00 110.60 ? 87  PRO A C   1 
ATOM 406  O O   . PRO A 1 63  ? -0.380  14.383  -13.383 1.00 111.06 ? 87  PRO A O   1 
ATOM 407  C CB  . PRO A 1 63  ? 0.957   12.000  -13.956 1.00 110.00 ? 87  PRO A CB  1 
ATOM 408  C CG  . PRO A 1 63  ? 1.495   12.533  -15.254 1.00 110.48 ? 87  PRO A CG  1 
ATOM 409  C CD  . PRO A 1 63  ? 0.594   11.867  -16.273 1.00 109.77 ? 87  PRO A CD  1 
ATOM 410  N N   . ASP A 1 64  ? -2.448  13.572  -13.820 1.00 109.35 ? 88  ASP A N   1 
ATOM 411  C CA  . ASP A 1 64  ? -3.173  14.797  -13.508 1.00 108.02 ? 88  ASP A CA  1 
ATOM 412  C C   . ASP A 1 64  ? -2.870  15.457  -12.162 1.00 107.02 ? 88  ASP A C   1 
ATOM 413  O O   . ASP A 1 64  ? -2.003  15.014  -11.403 1.00 107.37 ? 88  ASP A O   1 
ATOM 414  C CB  . ASP A 1 64  ? -4.680  14.541  -13.621 1.00 107.34 ? 88  ASP A CB  1 
ATOM 415  C CG  . ASP A 1 64  ? -5.163  13.451  -12.680 1.00 106.77 ? 88  ASP A CG  1 
ATOM 416  O OD1 . ASP A 1 64  ? -5.140  13.675  -11.447 1.00 106.61 ? 88  ASP A OD1 1 
ATOM 417  O OD2 . ASP A 1 64  ? -5.563  12.371  -13.176 1.00 105.39 ? 88  ASP A OD2 1 
ATOM 418  N N   . ASN A 1 65  ? -3.612  16.529  -11.895 1.00 106.09 ? 89  ASN A N   1 
ATOM 419  C CA  . ASN A 1 65  ? -3.498  17.333  -10.679 1.00 104.82 ? 89  ASN A CA  1 
ATOM 420  C C   . ASN A 1 65  ? -3.295  16.542  -9.383  1.00 103.76 ? 89  ASN A C   1 
ATOM 421  O O   . ASN A 1 65  ? -2.462  16.914  -8.546  1.00 102.88 ? 89  ASN A O   1 
ATOM 422  C CB  . ASN A 1 65  ? -4.749  18.214  -10.535 1.00 104.25 ? 89  ASN A CB  1 
ATOM 423  C CG  . ASN A 1 65  ? -6.034  17.395  -10.399 1.00 103.44 ? 89  ASN A CG  1 
ATOM 424  O OD1 . ASN A 1 65  ? -6.398  16.624  -11.298 1.00 101.91 ? 89  ASN A OD1 1 
ATOM 425  N ND2 . ASN A 1 65  ? -6.724  17.560  -9.271  1.00 102.21 ? 89  ASN A ND2 1 
ATOM 426  N N   . TRP A 1 66  ? -4.068  15.465  -9.226  1.00 102.19 ? 90  TRP A N   1 
ATOM 427  C CA  . TRP A 1 66  ? -4.019  14.616  -8.039  1.00 99.61  ? 90  TRP A CA  1 
ATOM 428  C C   . TRP A 1 66  ? -2.612  14.143  -7.650  1.00 98.41  ? 90  TRP A C   1 
ATOM 429  O O   . TRP A 1 66  ? -2.466  13.363  -6.707  1.00 99.63  ? 90  TRP A O   1 
ATOM 430  C CB  . TRP A 1 66  ? -4.953  13.410  -8.227  1.00 97.56  ? 90  TRP A CB  1 
ATOM 431  N N   . LYS A 1 67  ? -1.588  14.619  -8.364  1.00 96.07  ? 91  LYS A N   1 
ATOM 432  C CA  . LYS A 1 67  ? -0.192  14.260  -8.098  1.00 93.15  ? 91  LYS A CA  1 
ATOM 433  C C   . LYS A 1 67  ? 0.269   14.585  -6.674  1.00 93.22  ? 91  LYS A C   1 
ATOM 434  O O   . LYS A 1 67  ? 1.455   14.826  -6.428  1.00 90.54  ? 91  LYS A O   1 
ATOM 435  C CB  . LYS A 1 67  ? 0.739   14.942  -9.105  1.00 91.02  ? 91  LYS A CB  1 
ATOM 436  C CG  . LYS A 1 67  ? 0.964   14.150  -10.389 1.00 86.84  ? 91  LYS A CG  1 
ATOM 437  C CD  . LYS A 1 67  ? 1.688   14.983  -11.439 1.00 82.76  ? 91  LYS A CD  1 
ATOM 438  C CE  . LYS A 1 67  ? 2.916   15.687  -10.869 1.00 82.64  ? 91  LYS A CE  1 
ATOM 439  N NZ  . LYS A 1 67  ? 3.920   14.750  -10.282 1.00 81.10  ? 91  LYS A NZ  1 
ATOM 440  N N   . GLU A 1 68  ? -0.688  14.619  -5.753  1.00 94.36  ? 92  GLU A N   1 
ATOM 441  C CA  . GLU A 1 68  ? -0.410  14.831  -4.339  1.00 96.05  ? 92  GLU A CA  1 
ATOM 442  C C   . GLU A 1 68  ? -0.491  13.412  -3.799  1.00 95.09  ? 92  GLU A C   1 
ATOM 443  O O   . GLU A 1 68  ? -0.024  13.107  -2.702  1.00 94.36  ? 92  GLU A O   1 
ATOM 444  C CB  . GLU A 1 68  ? -1.486  15.689  -3.678  1.00 99.32  ? 92  GLU A CB  1 
ATOM 445  C CG  . GLU A 1 68  ? -1.442  17.168  -4.042  1.00 103.66 ? 92  GLU A CG  1 
ATOM 446  C CD  . GLU A 1 68  ? -2.291  18.012  -3.100  1.00 105.46 ? 92  GLU A CD  1 
ATOM 447  O OE1 . GLU A 1 68  ? -3.524  17.777  -3.035  1.00 106.58 ? 92  GLU A OE1 1 
ATOM 448  O OE2 . GLU A 1 68  ? -1.720  18.899  -2.421  1.00 105.46 ? 92  GLU A OE2 1 
ATOM 449  N N   . VAL A 1 69  ? -1.116  12.549  -4.593  1.00 94.38  ? 93  VAL A N   1 
ATOM 450  C CA  . VAL A 1 69  ? -1.244  11.148  -4.251  1.00 93.73  ? 93  VAL A CA  1 
ATOM 451  C C   . VAL A 1 69  ? 0.169   10.670  -3.954  1.00 93.87  ? 93  VAL A C   1 
ATOM 452  O O   . VAL A 1 69  ? 0.390   9.894   -3.026  1.00 95.55  ? 93  VAL A O   1 
ATOM 453  C CB  . VAL A 1 69  ? -1.821  10.351  -5.430  1.00 93.91  ? 93  VAL A CB  1 
ATOM 454  C CG1 . VAL A 1 69  ? -1.668  8.856   -5.181  1.00 94.94  ? 93  VAL A CG1 1 
ATOM 455  C CG2 . VAL A 1 69  ? -3.286  10.711  -5.619  1.00 93.34  ? 93  VAL A CG2 1 
ATOM 456  N N   . TYR A 1 70  ? 1.124   11.152  -4.742  1.00 93.22  ? 94  TYR A N   1 
ATOM 457  C CA  . TYR A 1 70  ? 2.524   10.791  -4.559  1.00 93.29  ? 94  TYR A CA  1 
ATOM 458  C C   . TYR A 1 70  ? 3.036   11.251  -3.198  1.00 93.30  ? 94  TYR A C   1 
ATOM 459  O O   . TYR A 1 70  ? 3.951   10.649  -2.635  1.00 93.02  ? 94  TYR A O   1 
ATOM 460  C CB  . TYR A 1 70  ? 3.388   11.423  -5.649  1.00 93.71  ? 94  TYR A CB  1 
ATOM 461  C CG  . TYR A 1 70  ? 4.876   11.289  -5.402  1.00 95.03  ? 94  TYR A CG  1 
ATOM 462  C CD1 . TYR A 1 70  ? 5.505   10.043  -5.457  1.00 96.25  ? 94  TYR A CD1 1 
ATOM 463  C CD2 . TYR A 1 70  ? 5.652   12.405  -5.078  1.00 95.76  ? 94  TYR A CD2 1 
ATOM 464  C CE1 . TYR A 1 70  ? 6.868   9.908   -5.196  1.00 96.73  ? 94  TYR A CE1 1 
ATOM 465  C CE2 . TYR A 1 70  ? 7.017   12.282  -4.813  1.00 96.88  ? 94  TYR A CE2 1 
ATOM 466  C CZ  . TYR A 1 70  ? 7.616   11.029  -4.872  1.00 96.51  ? 94  TYR A CZ  1 
ATOM 467  O OH  . TYR A 1 70  ? 8.957   10.897  -4.597  1.00 95.77  ? 94  TYR A OH  1 
ATOM 468  N N   . SER A 1 71  ? 2.461   12.327  -2.672  1.00 93.75  ? 95  SER A N   1 
ATOM 469  C CA  . SER A 1 71  ? 2.893   12.828  -1.371  1.00 93.86  ? 95  SER A CA  1 
ATOM 470  C C   . SER A 1 71  ? 2.364   11.913  -0.266  1.00 91.84  ? 95  SER A C   1 
ATOM 471  O O   . SER A 1 71  ? 3.125   11.480  0.601   1.00 91.47  ? 95  SER A O   1 
ATOM 472  C CB  . SER A 1 71  ? 2.413   14.275  -1.148  1.00 95.51  ? 95  SER A CB  1 
ATOM 473  O OG  . SER A 1 71  ? 1.020   14.346  -0.874  1.00 96.36  ? 95  SER A OG  1 
ATOM 474  N N   . ASP A 1 72  ? 1.066   11.613  -0.309  1.00 89.47  ? 96  ASP A N   1 
ATOM 475  C CA  . ASP A 1 72  ? 0.453   10.744  0.692   1.00 88.34  ? 96  ASP A CA  1 
ATOM 476  C C   . ASP A 1 72  ? 1.190   9.416   0.719   1.00 86.83  ? 96  ASP A C   1 
ATOM 477  O O   . ASP A 1 72  ? 1.588   8.927   1.781   1.00 86.23  ? 96  ASP A O   1 
ATOM 478  C CB  . ASP A 1 72  ? -1.015  10.474  0.359   1.00 89.75  ? 96  ASP A CB  1 
ATOM 479  C CG  . ASP A 1 72  ? -1.812  11.741  0.166   1.00 91.30  ? 96  ASP A CG  1 
ATOM 480  O OD1 . ASP A 1 72  ? -1.751  12.618  1.059   1.00 92.53  ? 96  ASP A OD1 1 
ATOM 481  O OD2 . ASP A 1 72  ? -2.501  11.854  -0.875  1.00 91.05  ? 96  ASP A OD2 1 
ATOM 482  N N   . ALA A 1 73  ? 1.364   8.841   -0.465  1.00 84.01  ? 97  ALA A N   1 
ATOM 483  C CA  . ALA A 1 73  ? 2.037   7.564   -0.610  1.00 82.88  ? 97  ALA A CA  1 
ATOM 484  C C   . ALA A 1 73  ? 3.406   7.533   0.060   1.00 81.93  ? 97  ALA A C   1 
ATOM 485  O O   . ALA A 1 73  ? 3.728   6.587   0.786   1.00 81.60  ? 97  ALA A O   1 
ATOM 486  C CB  . ALA A 1 73  ? 2.168   7.216   -2.085  1.00 83.30  ? 97  ALA A CB  1 
ATOM 487  N N   . MET A 1 74  ? 4.215   8.561   -0.173  1.00 81.03  ? 98  MET A N   1 
ATOM 488  C CA  . MET A 1 74  ? 5.545   8.592   0.419   1.00 80.16  ? 98  MET A CA  1 
ATOM 489  C C   . MET A 1 74  ? 5.524   9.057   1.869   1.00 79.27  ? 98  MET A C   1 
ATOM 490  O O   . MET A 1 74  ? 6.494   8.863   2.602   1.00 77.86  ? 98  MET A O   1 
ATOM 491  C CB  . MET A 1 74  ? 6.484   9.477   -0.410  1.00 79.91  ? 98  MET A CB  1 
ATOM 492  C CG  . MET A 1 74  ? 7.956   9.273   -0.067  1.00 79.52  ? 98  MET A CG  1 
ATOM 493  S SD  . MET A 1 74  ? 9.029   9.461   -1.501  1.00 78.71  ? 98  MET A SD  1 
ATOM 494  C CE  . MET A 1 74  ? 8.411   8.144   -2.543  1.00 77.69  ? 98  MET A CE  1 
ATOM 495  N N   . ASN A 1 75  ? 4.414   9.661   2.280   1.00 79.85  ? 99  ASN A N   1 
ATOM 496  C CA  . ASN A 1 75  ? 4.270   10.138  3.652   1.00 81.42  ? 99  ASN A CA  1 
ATOM 497  C C   . ASN A 1 75  ? 4.027   8.967   4.592   1.00 80.28  ? 99  ASN A C   1 
ATOM 498  O O   . ASN A 1 75  ? 4.671   8.867   5.642   1.00 79.66  ? 99  ASN A O   1 
ATOM 499  C CB  . ASN A 1 75  ? 3.110   11.129  3.762   1.00 84.29  ? 99  ASN A CB  1 
ATOM 500  C CG  . ASN A 1 75  ? 3.477   12.521  3.261   1.00 87.23  ? 99  ASN A CG  1 
ATOM 501  O OD1 . ASN A 1 75  ? 2.604   13.381  3.110   1.00 89.74  ? 99  ASN A OD1 1 
ATOM 502  N ND2 . ASN A 1 75  ? 4.770   12.753  3.011   1.00 86.41  ? 99  ASN A ND2 1 
ATOM 503  N N   . SER A 1 76  ? 3.098   8.091   4.206   1.00 78.38  ? 100 SER A N   1 
ATOM 504  C CA  . SER A 1 76  ? 2.763   6.909   4.994   1.00 75.03  ? 100 SER A CA  1 
ATOM 505  C C   . SER A 1 76  ? 3.883   6.532   5.966   1.00 74.23  ? 100 SER A C   1 
ATOM 506  O O   . SER A 1 76  ? 5.008   6.222   5.564   1.00 72.72  ? 100 SER A O   1 
ATOM 507  C CB  . SER A 1 76  ? 2.484   5.720   4.071   1.00 73.12  ? 100 SER A CB  1 
ATOM 508  O OG  . SER A 1 76  ? 1.428   5.990   3.170   1.00 71.13  ? 100 SER A OG  1 
ATOM 509  N N   . SER A 1 77  ? 3.565   6.578   7.252   1.00 73.96  ? 101 SER A N   1 
ATOM 510  C CA  . SER A 1 77  ? 4.519   6.220   8.294   1.00 73.14  ? 101 SER A CA  1 
ATOM 511  C C   . SER A 1 77  ? 4.872   4.725   8.196   1.00 71.48  ? 101 SER A C   1 
ATOM 512  O O   . SER A 1 77  ? 5.998   4.323   8.510   1.00 73.23  ? 101 SER A O   1 
ATOM 513  C CB  . SER A 1 77  ? 3.902   6.525   9.661   1.00 75.38  ? 101 SER A CB  1 
ATOM 514  O OG  . SER A 1 77  ? 2.574   6.009   9.737   1.00 78.88  ? 101 SER A OG  1 
ATOM 515  N N   . SER A 1 78  ? 3.901   3.917   7.764   1.00 66.85  ? 102 SER A N   1 
ATOM 516  C CA  . SER A 1 78  ? 4.068   2.471   7.620   1.00 62.58  ? 102 SER A CA  1 
ATOM 517  C C   . SER A 1 78  ? 3.410   1.943   6.349   1.00 59.90  ? 102 SER A C   1 
ATOM 518  O O   . SER A 1 78  ? 2.803   2.688   5.581   1.00 59.10  ? 102 SER A O   1 
ATOM 519  C CB  . SER A 1 78  ? 3.434   1.730   8.806   1.00 64.30  ? 102 SER A CB  1 
ATOM 520  O OG  . SER A 1 78  ? 4.086   2.011   10.029  1.00 69.79  ? 102 SER A OG  1 
ATOM 521  N N   . SER A 1 79  ? 3.530   0.637   6.151   1.00 55.89  ? 103 SER A N   1 
ATOM 522  C CA  . SER A 1 79  ? 2.928   -0.048  5.013   1.00 54.00  ? 103 SER A CA  1 
ATOM 523  C C   . SER A 1 79  ? 3.090   -1.540  5.270   1.00 52.10  ? 103 SER A C   1 
ATOM 524  O O   . SER A 1 79  ? 3.754   -1.939  6.236   1.00 53.06  ? 103 SER A O   1 
ATOM 525  C CB  . SER A 1 79  ? 3.613   0.340   3.704   1.00 52.84  ? 103 SER A CB  1 
ATOM 526  O OG  . SER A 1 79  ? 4.974   -0.036  3.730   1.00 55.75  ? 103 SER A OG  1 
ATOM 527  N N   . VAL A 1 80  ? 2.479   -2.367  4.428   1.00 47.20  ? 104 VAL A N   1 
ATOM 528  C CA  . VAL A 1 80  ? 2.578   -3.805  4.607   1.00 42.23  ? 104 VAL A CA  1 
ATOM 529  C C   . VAL A 1 80  ? 3.662   -4.326  3.707   1.00 42.22  ? 104 VAL A C   1 
ATOM 530  O O   . VAL A 1 80  ? 4.566   -5.045  4.136   1.00 40.61  ? 104 VAL A O   1 
ATOM 531  C CB  . VAL A 1 80  ? 1.259   -4.483  4.267   1.00 41.96  ? 104 VAL A CB  1 
ATOM 532  C CG1 . VAL A 1 80  ? 1.409   -6.009  4.321   1.00 35.65  ? 104 VAL A CG1 1 
ATOM 533  C CG2 . VAL A 1 80  ? 0.192   -3.985  5.236   1.00 38.11  ? 104 VAL A CG2 1 
ATOM 534  N N   . THR A 1 81  ? 3.555   -3.967  2.440   1.00 42.15  ? 105 THR A N   1 
ATOM 535  C CA  . THR A 1 81  ? 4.559   -4.362  1.480   1.00 42.25  ? 105 THR A CA  1 
ATOM 536  C C   . THR A 1 81  ? 5.566   -3.217  1.544   1.00 45.04  ? 105 THR A C   1 
ATOM 537  O O   . THR A 1 81  ? 5.203   -2.094  1.902   1.00 44.55  ? 105 THR A O   1 
ATOM 538  C CB  . THR A 1 81  ? 3.944   -4.513  0.104   1.00 40.11  ? 105 THR A CB  1 
ATOM 539  O OG1 . THR A 1 81  ? 3.313   -3.284  -0.284  1.00 40.60  ? 105 THR A OG1 1 
ATOM 540  C CG2 . THR A 1 81  ? 2.905   -5.632  0.138   1.00 39.23  ? 105 THR A CG2 1 
ATOM 541  N N   . PRO A 1 82  ? 6.840   -3.482  1.207   1.00 47.34  ? 106 PRO A N   1 
ATOM 542  C CA  . PRO A 1 82  ? 7.900   -2.461  1.244   1.00 46.43  ? 106 PRO A CA  1 
ATOM 543  C C   . PRO A 1 82  ? 7.452   -1.021  0.942   1.00 50.03  ? 106 PRO A C   1 
ATOM 544  O O   . PRO A 1 82  ? 6.945   -0.718  -0.148  1.00 48.92  ? 106 PRO A O   1 
ATOM 545  C CB  . PRO A 1 82  ? 8.925   -2.995  0.253   1.00 44.94  ? 106 PRO A CB  1 
ATOM 546  C CG  . PRO A 1 82  ? 8.099   -3.901  -0.659  1.00 48.56  ? 106 PRO A CG  1 
ATOM 547  C CD  . PRO A 1 82  ? 7.222   -4.599  0.323   1.00 46.52  ? 106 PRO A CD  1 
ATOM 548  N N   . SER A 1 83  ? 7.648   -0.143  1.925   1.00 51.42  ? 107 SER A N   1 
ATOM 549  C CA  . SER A 1 83  ? 7.257   1.259   1.822   1.00 55.18  ? 107 SER A CA  1 
ATOM 550  C C   . SER A 1 83  ? 7.703   1.945   0.549   1.00 58.24  ? 107 SER A C   1 
ATOM 551  O O   . SER A 1 83  ? 8.884   1.935   0.209   1.00 59.22  ? 107 SER A O   1 
ATOM 552  C CB  . SER A 1 83  ? 7.824   2.045   2.989   1.00 55.50  ? 107 SER A CB  1 
ATOM 553  O OG  . SER A 1 83  ? 9.236   2.050   2.918   1.00 57.91  ? 107 SER A OG  1 
ATOM 554  N N   . VAL A 1 84  ? 6.751   2.561   -0.144  1.00 61.63  ? 108 VAL A N   1 
ATOM 555  C CA  . VAL A 1 84  ? 7.048   3.292   -1.376  1.00 62.46  ? 108 VAL A CA  1 
ATOM 556  C C   . VAL A 1 84  ? 8.069   4.355   -0.990  1.00 65.37  ? 108 VAL A C   1 
ATOM 557  O O   . VAL A 1 84  ? 8.861   4.820   -1.809  1.00 66.43  ? 108 VAL A O   1 
ATOM 558  C CB  . VAL A 1 84  ? 5.791   4.001   -1.910  1.00 60.55  ? 108 VAL A CB  1 
ATOM 559  C CG1 . VAL A 1 84  ? 5.338   5.041   -0.911  1.00 61.64  ? 108 VAL A CG1 1 
ATOM 560  C CG2 . VAL A 1 84  ? 6.078   4.661   -3.231  1.00 60.61  ? 108 VAL A CG2 1 
ATOM 561  N N   . ASN A 1 85  ? 8.029   4.721   0.286   1.00 68.44  ? 109 ASN A N   1 
ATOM 562  C CA  . ASN A 1 85  ? 8.912   5.728   0.855   1.00 71.65  ? 109 ASN A CA  1 
ATOM 563  C C   . ASN A 1 85  ? 10.373  5.472   0.555   1.00 72.28  ? 109 ASN A C   1 
ATOM 564  O O   . ASN A 1 85  ? 11.101  6.377   0.168   1.00 75.88  ? 109 ASN A O   1 
ATOM 565  C CB  . ASN A 1 85  ? 8.710   5.793   2.374   1.00 74.65  ? 109 ASN A CB  1 
ATOM 566  C CG  . ASN A 1 85  ? 9.750   6.659   3.063   1.00 79.23  ? 109 ASN A CG  1 
ATOM 567  O OD1 . ASN A 1 85  ? 9.977   7.801   2.664   1.00 81.55  ? 109 ASN A OD1 1 
ATOM 568  N ND2 . ASN A 1 85  ? 10.383  6.120   4.110   1.00 81.66  ? 109 ASN A ND2 1 
ATOM 569  N N   . SER A 1 86  ? 10.792  4.227   0.738   1.00 71.58  ? 110 SER A N   1 
ATOM 570  C CA  . SER A 1 86  ? 12.175  3.846   0.524   1.00 70.52  ? 110 SER A CA  1 
ATOM 571  C C   . SER A 1 86  ? 12.444  3.398   -0.894  1.00 70.96  ? 110 SER A C   1 
ATOM 572  O O   . SER A 1 86  ? 13.581  3.100   -1.258  1.00 71.99  ? 110 SER A O   1 
ATOM 573  C CB  . SER A 1 86  ? 12.550  2.738   1.495   1.00 70.09  ? 110 SER A CB  1 
ATOM 574  O OG  . SER A 1 86  ? 11.545  1.743   1.513   1.00 71.66  ? 110 SER A OG  1 
ATOM 575  N N   . MET A 1 87  ? 11.395  3.344   -1.701  1.00 72.02  ? 111 MET A N   1 
ATOM 576  C CA  . MET A 1 87  ? 11.571  2.941   -3.081  1.00 72.92  ? 111 MET A CA  1 
ATOM 577  C C   . MET A 1 87  ? 12.120  4.134   -3.870  1.00 76.40  ? 111 MET A C   1 
ATOM 578  O O   . MET A 1 87  ? 12.967  3.972   -4.747  1.00 77.22  ? 111 MET A O   1 
ATOM 579  C CB  . MET A 1 87  ? 10.246  2.445   -3.666  1.00 68.18  ? 111 MET A CB  1 
ATOM 580  C CG  . MET A 1 87  ? 9.627   1.290   -2.876  1.00 63.52  ? 111 MET A CG  1 
ATOM 581  S SD  . MET A 1 87  ? 8.474   0.272   -3.835  1.00 57.19  ? 111 MET A SD  1 
ATOM 582  C CE  . MET A 1 87  ? 8.893   -1.369  -3.190  1.00 59.31  ? 111 MET A CE  1 
ATOM 583  N N   . MET A 1 88  ? 11.657  5.336   -3.537  1.00 79.59  ? 112 MET A N   1 
ATOM 584  C CA  . MET A 1 88  ? 12.126  6.541   -4.215  1.00 83.86  ? 112 MET A CA  1 
ATOM 585  C C   . MET A 1 88  ? 13.357  7.173   -3.524  1.00 88.50  ? 112 MET A C   1 
ATOM 586  O O   . MET A 1 88  ? 13.780  6.738   -2.443  1.00 88.43  ? 112 MET A O   1 
ATOM 587  C CB  . MET A 1 88  ? 10.979  7.559   -4.321  1.00 81.25  ? 112 MET A CB  1 
ATOM 588  C CG  . MET A 1 88  ? 10.290  7.628   -5.705  1.00 78.02  ? 112 MET A CG  1 
ATOM 589  S SD  . MET A 1 88  ? 9.444   6.125   -6.330  1.00 70.62  ? 112 MET A SD  1 
ATOM 590  C CE  . MET A 1 88  ? 7.734   6.505   -6.050  1.00 69.86  ? 112 MET A CE  1 
ATOM 591  N N   . GLY A 1 89  ? 13.936  8.192   -4.164  1.00 92.94  ? 113 GLY A N   1 
ATOM 592  C CA  . GLY A 1 89  ? 15.106  8.858   -3.612  1.00 97.62  ? 113 GLY A CA  1 
ATOM 593  C C   . GLY A 1 89  ? 14.815  10.091  -2.765  1.00 101.14 ? 113 GLY A C   1 
ATOM 594  O O   . GLY A 1 89  ? 15.727  10.645  -2.143  1.00 100.74 ? 113 GLY A O   1 
ATOM 595  N N   . GLN A 1 90  ? 13.552  10.520  -2.747  1.00 104.53 ? 114 GLN A N   1 
ATOM 596  C CA  . GLN A 1 90  ? 13.116  11.688  -1.970  1.00 108.17 ? 114 GLN A CA  1 
ATOM 597  C C   . GLN A 1 90  ? 11.626  11.972  -2.203  1.00 110.47 ? 114 GLN A C   1 
ATOM 598  O O   . GLN A 1 90  ? 11.116  11.756  -3.307  1.00 111.61 ? 114 GLN A O   1 
ATOM 599  C CB  . GLN A 1 90  ? 13.952  12.921  -2.343  1.00 108.49 ? 114 GLN A CB  1 
ATOM 600  N N   . PHE A 1 91  ? 10.942  12.466  -1.165  1.00 112.66 ? 115 PHE A N   1 
ATOM 601  C CA  . PHE A 1 91  ? 9.503   12.777  -1.222  1.00 114.11 ? 115 PHE A CA  1 
ATOM 602  C C   . PHE A 1 91  ? 9.153   14.027  -2.042  1.00 114.68 ? 115 PHE A C   1 
ATOM 603  O O   . PHE A 1 91  ? 8.040   14.155  -2.564  1.00 113.70 ? 115 PHE A O   1 
ATOM 604  C CB  . PHE A 1 91  ? 8.942   12.921  0.206   1.00 113.41 ? 115 PHE A CB  1 
ATOM 605  N N   . ASN A 1 92  ? 10.105  14.950  -2.141  1.00 115.26 ? 116 ASN A N   1 
ATOM 606  C CA  . ASN A 1 92  ? 9.903   16.180  -2.894  1.00 115.08 ? 116 ASN A CA  1 
ATOM 607  C C   . ASN A 1 92  ? 10.761  16.177  -4.161  1.00 115.24 ? 116 ASN A C   1 
ATOM 608  O O   . ASN A 1 92  ? 10.687  17.107  -4.970  1.00 115.90 ? 116 ASN A O   1 
ATOM 609  C CB  . ASN A 1 92  ? 10.244  17.386  -2.022  1.00 113.79 ? 116 ASN A CB  1 
ATOM 610  N N   . ALA A 1 93  ? 11.574  15.131  -4.330  1.00 114.09 ? 117 ALA A N   1 
ATOM 611  C CA  . ALA A 1 93  ? 12.438  15.006  -5.506  1.00 112.62 ? 117 ALA A CA  1 
ATOM 612  C C   . ALA A 1 93  ? 11.586  15.141  -6.769  1.00 111.93 ? 117 ALA A C   1 
ATOM 613  O O   . ALA A 1 93  ? 12.063  15.594  -7.816  1.00 110.53 ? 117 ALA A O   1 
ATOM 614  C CB  . ALA A 1 93  ? 13.156  13.650  -5.493  1.00 111.59 ? 117 ALA A CB  1 
ATOM 615  N N   . GLU A 1 94  ? 10.319  14.749  -6.649  1.00 111.60 ? 118 GLU A N   1 
ATOM 616  C CA  . GLU A 1 94  ? 9.369   14.810  -7.752  1.00 111.70 ? 118 GLU A CA  1 
ATOM 617  C C   . GLU A 1 94  ? 8.443   16.017  -7.609  1.00 112.11 ? 118 GLU A C   1 
ATOM 618  O O   . GLU A 1 94  ? 8.263   16.784  -8.557  1.00 112.02 ? 118 GLU A O   1 
ATOM 619  C CB  . GLU A 1 94  ? 8.547   13.523  -7.806  1.00 111.17 ? 118 GLU A CB  1 
ATOM 620  N N   . VAL A 1 95  ? 7.858   16.179  -6.421  1.00 113.01 ? 119 VAL A N   1 
ATOM 621  C CA  . VAL A 1 95  ? 6.952   17.298  -6.150  1.00 112.98 ? 119 VAL A CA  1 
ATOM 622  C C   . VAL A 1 95  ? 7.634   18.605  -6.554  1.00 113.15 ? 119 VAL A C   1 
ATOM 623  O O   . VAL A 1 95  ? 6.974   19.629  -6.762  1.00 112.78 ? 119 VAL A O   1 
ATOM 624  C CB  . VAL A 1 95  ? 6.580   17.330  -4.663  1.00 111.79 ? 119 VAL A CB  1 
ATOM 625  N N   . ASP A 1 96  ? 8.961   18.542  -6.667  1.00 113.32 ? 120 ASP A N   1 
ATOM 626  C CA  . ASP A 1 96  ? 9.787   19.684  -7.051  1.00 113.26 ? 120 ASP A CA  1 
ATOM 627  C C   . ASP A 1 96  ? 10.225  19.590  -8.522  1.00 113.16 ? 120 ASP A C   1 
ATOM 628  O O   . ASP A 1 96  ? 9.388   19.416  -9.416  1.00 112.71 ? 120 ASP A O   1 
ATOM 629  C CB  . ASP A 1 96  ? 11.019  19.771  -6.134  1.00 112.51 ? 120 ASP A CB  1 
ATOM 630  N N   . ASP A 1 97  ? 11.535  19.701  -8.755  1.00 112.62 ? 121 ASP A N   1 
ATOM 631  C CA  . ASP A 1 97  ? 12.136  19.653  -10.097 1.00 111.39 ? 121 ASP A CA  1 
ATOM 632  C C   . ASP A 1 97  ? 11.418  18.763  -11.124 1.00 110.29 ? 121 ASP A C   1 
ATOM 633  O O   . ASP A 1 97  ? 10.990  19.247  -12.179 1.00 109.49 ? 121 ASP A O   1 
ATOM 634  C CB  . ASP A 1 97  ? 13.619  19.240  -9.989  1.00 110.01 ? 121 ASP A CB  1 
ATOM 635  N N   . MET A 1 98  ? 11.299  17.469  -10.815 1.00 108.61 ? 122 MET A N   1 
ATOM 636  C CA  . MET A 1 98  ? 10.643  16.501  -11.702 1.00 106.23 ? 122 MET A CA  1 
ATOM 637  C C   . MET A 1 98  ? 9.378   17.071  -12.373 1.00 105.19 ? 122 MET A C   1 
ATOM 638  O O   . MET A 1 98  ? 8.434   17.499  -11.700 1.00 105.08 ? 122 MET A O   1 
ATOM 639  C CB  . MET A 1 98  ? 10.275  15.229  -10.916 1.00 103.50 ? 122 MET A CB  1 
ATOM 640  C CG  . MET A 1 98  ? 10.811  13.922  -11.499 1.00 99.62  ? 122 MET A CG  1 
ATOM 641  S SD  . MET A 1 98  ? 12.501  13.544  -10.989 1.00 94.97  ? 122 MET A SD  1 
ATOM 642  C CE  . MET A 1 98  ? 13.448  14.347  -12.296 1.00 96.41  ? 122 MET A CE  1 
ATOM 643  N N   . THR A 1 99  ? 9.373   17.072  -13.703 1.00 103.58 ? 123 THR A N   1 
ATOM 644  C CA  . THR A 1 99  ? 8.243   17.576  -14.479 1.00 101.78 ? 123 THR A CA  1 
ATOM 645  C C   . THR A 1 99  ? 7.282   16.426  -14.794 1.00 100.48 ? 123 THR A C   1 
ATOM 646  O O   . THR A 1 99  ? 7.722   15.303  -15.036 1.00 100.73 ? 123 THR A O   1 
ATOM 647  C CB  . THR A 1 99  ? 8.746   18.226  -15.806 1.00 101.28 ? 123 THR A CB  1 
ATOM 648  O OG1 . THR A 1 99  ? 9.688   17.357  -16.454 1.00 99.99  ? 123 THR A OG1 1 
ATOM 649  C CG2 . THR A 1 99  ? 9.429   19.565  -15.520 1.00 100.76 ? 123 THR A CG2 1 
ATOM 650  N N   . PRO A 1 100 ? 5.957   16.675  -14.777 1.00 99.04  ? 124 PRO A N   1 
ATOM 651  C CA  . PRO A 1 100 ? 5.063   15.550  -15.091 1.00 98.03  ? 124 PRO A CA  1 
ATOM 652  C C   . PRO A 1 100 ? 5.517   14.843  -16.368 1.00 95.89  ? 124 PRO A C   1 
ATOM 653  O O   . PRO A 1 100 ? 6.056   15.478  -17.284 1.00 95.25  ? 124 PRO A O   1 
ATOM 654  C CB  . PRO A 1 100 ? 3.681   16.211  -15.225 1.00 98.16  ? 124 PRO A CB  1 
ATOM 655  C CG  . PRO A 1 100 ? 3.992   17.660  -15.496 1.00 99.59  ? 124 PRO A CG  1 
ATOM 656  C CD  . PRO A 1 100 ? 5.199   17.927  -14.622 1.00 98.64  ? 124 PRO A CD  1 
ATOM 657  N N   . SER A 1 101 ? 5.308   13.530  -16.411 1.00 94.71  ? 125 SER A N   1 
ATOM 658  C CA  . SER A 1 101 ? 5.723   12.699  -17.545 1.00 94.11  ? 125 SER A CA  1 
ATOM 659  C C   . SER A 1 101 ? 7.219   12.412  -17.388 1.00 92.76  ? 125 SER A C   1 
ATOM 660  O O   . SER A 1 101 ? 7.700   11.349  -17.773 1.00 92.70  ? 125 SER A O   1 
ATOM 661  C CB  . SER A 1 101 ? 5.458   13.406  -18.887 1.00 95.46  ? 125 SER A CB  1 
ATOM 662  O OG  . SER A 1 101 ? 5.719   12.552  -19.995 1.00 94.49  ? 125 SER A OG  1 
ATOM 663  N N   . GLU A 1 102 ? 7.949   13.368  -16.821 1.00 91.13  ? 126 GLU A N   1 
ATOM 664  C CA  . GLU A 1 102 ? 9.378   13.198  -16.586 1.00 90.23  ? 126 GLU A CA  1 
ATOM 665  C C   . GLU A 1 102 ? 9.556   12.591  -15.192 1.00 89.77  ? 126 GLU A C   1 
ATOM 666  O O   . GLU A 1 102 ? 10.629  12.095  -14.847 1.00 90.01  ? 126 GLU A O   1 
ATOM 667  N N   . ALA A 1 103 ? 8.492   12.653  -14.393 1.00 89.77  ? 127 ALA A N   1 
ATOM 668  C CA  . ALA A 1 103 ? 8.490   12.084  -13.046 1.00 88.53  ? 127 ALA A CA  1 
ATOM 669  C C   . ALA A 1 103 ? 7.904   10.678  -13.170 1.00 87.87  ? 127 ALA A C   1 
ATOM 670  O O   . ALA A 1 103 ? 8.346   9.751   -12.493 1.00 88.67  ? 127 ALA A O   1 
ATOM 671  C CB  . ALA A 1 103 ? 7.640   12.930  -12.108 1.00 87.84  ? 127 ALA A CB  1 
ATOM 672  N N   . ILE A 1 104 ? 6.906   10.537  -14.046 1.00 85.74  ? 128 ILE A N   1 
ATOM 673  C CA  . ILE A 1 104 ? 6.266   9.249   -14.309 1.00 84.01  ? 128 ILE A CA  1 
ATOM 674  C C   . ILE A 1 104 ? 7.333   8.213   -14.653 1.00 81.52  ? 128 ILE A C   1 
ATOM 675  O O   . ILE A 1 104 ? 7.401   7.139   -14.052 1.00 82.65  ? 128 ILE A O   1 
ATOM 676  C CB  . ILE A 1 104 ? 5.290   9.343   -15.501 1.00 85.71  ? 128 ILE A CB  1 
ATOM 677  C CG1 . ILE A 1 104 ? 4.103   10.231  -15.125 1.00 87.49  ? 128 ILE A CG1 1 
ATOM 678  C CG2 . ILE A 1 104 ? 4.827   7.946   -15.923 1.00 84.67  ? 128 ILE A CG2 1 
ATOM 679  C CD1 . ILE A 1 104 ? 3.319   9.732   -13.930 1.00 87.94  ? 128 ILE A CD1 1 
ATOM 680  N N   . ALA A 1 105 ? 8.160   8.531   -15.636 1.00 77.79  ? 129 ALA A N   1 
ATOM 681  C CA  . ALA A 1 105 ? 9.218   7.618   -16.019 1.00 75.51  ? 129 ALA A CA  1 
ATOM 682  C C   . ALA A 1 105 ? 10.107  7.396   -14.795 1.00 73.25  ? 129 ALA A C   1 
ATOM 683  O O   . ALA A 1 105 ? 10.600  6.291   -14.568 1.00 73.35  ? 129 ALA A O   1 
ATOM 684  C CB  . ALA A 1 105 ? 10.031  8.203   -17.182 1.00 76.42  ? 129 ALA A CB  1 
ATOM 685  N N   . TYR A 1 106 ? 10.303  8.447   -14.006 1.00 70.94  ? 130 TYR A N   1 
ATOM 686  C CA  . TYR A 1 106 ? 11.125  8.331   -12.812 1.00 69.92  ? 130 TYR A CA  1 
ATOM 687  C C   . TYR A 1 106 ? 10.464  7.348   -11.855 1.00 70.87  ? 130 TYR A C   1 
ATOM 688  O O   . TYR A 1 106 ? 11.050  6.318   -11.498 1.00 72.31  ? 130 TYR A O   1 
ATOM 689  C CB  . TYR A 1 106 ? 11.275  9.678   -12.107 1.00 67.67  ? 130 TYR A CB  1 
ATOM 690  C CG  . TYR A 1 106 ? 12.068  9.578   -10.826 1.00 67.59  ? 130 TYR A CG  1 
ATOM 691  C CD1 . TYR A 1 106 ? 13.444  9.324   -10.847 1.00 67.60  ? 130 TYR A CD1 1 
ATOM 692  C CD2 . TYR A 1 106 ? 11.435  9.688   -9.586  1.00 68.08  ? 130 TYR A CD2 1 
ATOM 693  C CE1 . TYR A 1 106 ? 14.175  9.185   -9.661  1.00 68.33  ? 130 TYR A CE1 1 
ATOM 694  C CE2 . TYR A 1 106 ? 12.151  9.548   -8.389  1.00 68.73  ? 130 TYR A CE2 1 
ATOM 695  C CZ  . TYR A 1 106 ? 13.519  9.297   -8.434  1.00 69.60  ? 130 TYR A CZ  1 
ATOM 696  O OH  . TYR A 1 106 ? 14.218  9.170   -7.252  1.00 70.04  ? 130 TYR A OH  1 
ATOM 697  N N   . MET A 1 107 ? 9.239   7.677   -11.443 1.00 69.27  ? 131 MET A N   1 
ATOM 698  C CA  . MET A 1 107 ? 8.479   6.839   -10.521 1.00 66.06  ? 131 MET A CA  1 
ATOM 699  C C   . MET A 1 107 ? 8.355   5.397   -11.025 1.00 65.07  ? 131 MET A C   1 
ATOM 700  O O   . MET A 1 107 ? 8.392   4.456   -10.230 1.00 66.54  ? 131 MET A O   1 
ATOM 701  C CB  . MET A 1 107 ? 7.091   7.461   -10.262 1.00 64.42  ? 131 MET A CB  1 
ATOM 702  C CG  . MET A 1 107 ? 7.136   8.741   -9.400  1.00 62.63  ? 131 MET A CG  1 
ATOM 703  S SD  . MET A 1 107 ? 5.539   9.547   -8.995  1.00 60.96  ? 131 MET A SD  1 
ATOM 704  C CE  . MET A 1 107 ? 4.386   8.419   -9.741  1.00 61.28  ? 131 MET A CE  1 
ATOM 705  N N   . ASN A 1 108 ? 8.225   5.216   -12.337 1.00 62.53  ? 132 ASN A N   1 
ATOM 706  C CA  . ASN A 1 108 ? 8.115   3.872   -12.895 1.00 60.80  ? 132 ASN A CA  1 
ATOM 707  C C   . ASN A 1 108 ? 9.441   3.112   -12.838 1.00 59.41  ? 132 ASN A C   1 
ATOM 708  O O   . ASN A 1 108 ? 9.464   1.935   -12.503 1.00 59.68  ? 132 ASN A O   1 
ATOM 709  C CB  . ASN A 1 108 ? 7.625   3.927   -14.343 1.00 61.68  ? 132 ASN A CB  1 
ATOM 710  C CG  . ASN A 1 108 ? 6.135   4.182   -14.450 1.00 61.33  ? 132 ASN A CG  1 
ATOM 711  O OD1 . ASN A 1 108 ? 5.582   4.243   -15.552 1.00 62.67  ? 132 ASN A OD1 1 
ATOM 712  N ND2 . ASN A 1 108 ? 5.474   4.329   -13.309 1.00 59.66  ? 132 ASN A ND2 1 
ATOM 713  N N   . LYS A 1 109 ? 10.542  3.782   -13.170 1.00 58.34  ? 133 LYS A N   1 
ATOM 714  C CA  . LYS A 1 109 ? 11.854  3.143   -13.151 1.00 56.42  ? 133 LYS A CA  1 
ATOM 715  C C   . LYS A 1 109 ? 12.118  2.576   -11.756 1.00 54.81  ? 133 LYS A C   1 
ATOM 716  O O   . LYS A 1 109 ? 12.529  1.424   -11.624 1.00 53.17  ? 133 LYS A O   1 
ATOM 717  C CB  . LYS A 1 109 ? 12.962  4.148   -13.549 1.00 57.17  ? 133 LYS A CB  1 
ATOM 718  C CG  . LYS A 1 109 ? 14.338  3.506   -13.883 1.00 61.39  ? 133 LYS A CG  1 
ATOM 719  C CD  . LYS A 1 109 ? 15.412  4.514   -14.382 1.00 62.67  ? 133 LYS A CD  1 
ATOM 720  C CE  . LYS A 1 109 ? 15.987  5.408   -13.264 1.00 65.69  ? 133 LYS A CE  1 
ATOM 721  N NZ  . LYS A 1 109 ? 16.870  6.518   -13.780 1.00 64.62  ? 133 LYS A NZ  1 
ATOM 722  N N   . LYS A 1 110 ? 11.860  3.374   -10.720 1.00 55.09  ? 134 LYS A N   1 
ATOM 723  C CA  . LYS A 1 110 ? 12.080  2.937   -9.332  1.00 56.81  ? 134 LYS A CA  1 
ATOM 724  C C   . LYS A 1 110 ? 11.173  1.774   -8.903  1.00 55.74  ? 134 LYS A C   1 
ATOM 725  O O   . LYS A 1 110 ? 11.645  0.748   -8.398  1.00 53.49  ? 134 LYS A O   1 
ATOM 726  C CB  . LYS A 1 110 ? 11.889  4.103   -8.347  1.00 58.36  ? 134 LYS A CB  1 
ATOM 727  C CG  . LYS A 1 110 ? 12.974  5.179   -8.390  1.00 60.00  ? 134 LYS A CG  1 
ATOM 728  C CD  . LYS A 1 110 ? 14.374  4.584   -8.419  1.00 62.70  ? 134 LYS A CD  1 
ATOM 729  C CE  . LYS A 1 110 ? 15.419  5.560   -7.892  1.00 62.55  ? 134 LYS A CE  1 
ATOM 730  N NZ  . LYS A 1 110 ? 15.411  5.614   -6.397  1.00 64.24  ? 134 LYS A NZ  1 
ATOM 731  N N   . LEU A 1 111 ? 9.869   1.942   -9.080  1.00 53.56  ? 135 LEU A N   1 
ATOM 732  C CA  . LEU A 1 111 ? 8.954   0.883   -8.717  1.00 54.56  ? 135 LEU A CA  1 
ATOM 733  C C   . LEU A 1 111 ? 9.453   -0.419  -9.335  1.00 53.90  ? 135 LEU A C   1 
ATOM 734  O O   . LEU A 1 111 ? 9.552   -1.441  -8.662  1.00 55.91  ? 135 LEU A O   1 
ATOM 735  C CB  . LEU A 1 111 ? 7.540   1.210   -9.212  1.00 54.91  ? 135 LEU A CB  1 
ATOM 736  C CG  . LEU A 1 111 ? 6.564   1.892   -8.232  1.00 56.27  ? 135 LEU A CG  1 
ATOM 737  C CD1 . LEU A 1 111 ? 7.218   3.062   -7.470  1.00 56.79  ? 135 LEU A CD1 1 
ATOM 738  C CD2 . LEU A 1 111 ? 5.347   2.366   -9.030  1.00 58.25  ? 135 LEU A CD2 1 
ATOM 739  N N   . ALA A 1 112 ? 9.808   -0.373  -10.609 1.00 53.76  ? 136 ALA A N   1 
ATOM 740  C CA  . ALA A 1 112 ? 10.281  -1.566  -11.292 1.00 52.13  ? 136 ALA A CA  1 
ATOM 741  C C   . ALA A 1 112 ? 11.607  -2.096  -10.773 1.00 52.37  ? 136 ALA A C   1 
ATOM 742  O O   . ALA A 1 112 ? 11.758  -3.292  -10.583 1.00 53.42  ? 136 ALA A O   1 
ATOM 743  C CB  . ALA A 1 112 ? 10.380  -1.304  -12.766 1.00 51.02  ? 136 ALA A CB  1 
ATOM 744  N N   . GLU A 1 113 ? 12.573  -1.223  -10.543 1.00 54.11  ? 137 GLU A N   1 
ATOM 745  C CA  . GLU A 1 113 ? 13.863  -1.691  -10.062 1.00 57.56  ? 137 GLU A CA  1 
ATOM 746  C C   . GLU A 1 113 ? 13.818  -2.118  -8.591  1.00 56.93  ? 137 GLU A C   1 
ATOM 747  O O   . GLU A 1 113 ? 14.782  -2.673  -8.065  1.00 58.18  ? 137 GLU A O   1 
ATOM 748  C CB  . GLU A 1 113 ? 14.931  -0.603  -10.267 1.00 62.87  ? 137 GLU A CB  1 
ATOM 749  C CG  . GLU A 1 113 ? 14.888  0.058   -11.656 1.00 68.62  ? 137 GLU A CG  1 
ATOM 750  C CD  . GLU A 1 113 ? 16.094  0.956   -11.961 1.00 70.81  ? 137 GLU A CD  1 
ATOM 751  O OE1 . GLU A 1 113 ? 16.575  1.670   -11.044 1.00 71.86  ? 137 GLU A OE1 1 
ATOM 752  O OE2 . GLU A 1 113 ? 16.539  0.955   -13.139 1.00 70.76  ? 137 GLU A OE2 1 
ATOM 753  N N   . LYS A 1 114 ? 12.696  -1.871  -7.926  1.00 57.27  ? 138 LYS A N   1 
ATOM 754  C CA  . LYS A 1 114 ? 12.564  -2.237  -6.516  1.00 56.23  ? 138 LYS A CA  1 
ATOM 755  C C   . LYS A 1 114 ? 11.481  -3.284  -6.291  1.00 55.73  ? 138 LYS A C   1 
ATOM 756  O O   . LYS A 1 114 ? 10.834  -3.300  -5.252  1.00 60.54  ? 138 LYS A O   1 
ATOM 757  C CB  . LYS A 1 114 ? 12.254  -0.995  -5.686  1.00 54.27  ? 138 LYS A CB  1 
ATOM 758  C CG  . LYS A 1 114 ? 13.324  0.070   -5.752  1.00 51.77  ? 138 LYS A CG  1 
ATOM 759  C CD  . LYS A 1 114 ? 14.411  -0.198  -4.741  1.00 51.72  ? 138 LYS A CD  1 
ATOM 760  C CE  . LYS A 1 114 ? 15.516  0.862   -4.785  1.00 55.10  ? 138 LYS A CE  1 
ATOM 761  N NZ  . LYS A 1 114 ? 16.573  0.630   -3.731  1.00 55.29  ? 138 LYS A NZ  1 
ATOM 762  N N   . GLY A 1 115 ? 11.278  -4.143  -7.280  1.00 52.13  ? 139 GLY A N   1 
ATOM 763  C CA  . GLY A 1 115 ? 10.298  -5.204  -7.171  1.00 49.55  ? 139 GLY A CA  1 
ATOM 764  C C   . GLY A 1 115 ? 8.877   -4.877  -6.745  1.00 48.33  ? 139 GLY A C   1 
ATOM 765  O O   . GLY A 1 115 ? 8.138   -5.766  -6.314  1.00 50.97  ? 139 GLY A O   1 
ATOM 766  N N   . ALA A 1 116 ? 8.466   -3.624  -6.848  1.00 45.62  ? 140 ALA A N   1 
ATOM 767  C CA  . ALA A 1 116 ? 7.103   -3.296  -6.469  1.00 42.04  ? 140 ALA A CA  1 
ATOM 768  C C   . ALA A 1 116 ? 6.144   -4.292  -7.122  1.00 40.55  ? 140 ALA A C   1 
ATOM 769  O O   . ALA A 1 116 ? 5.136   -4.645  -6.545  1.00 41.22  ? 140 ALA A O   1 
ATOM 770  C CB  . ALA A 1 116 ? 6.765   -1.880  -6.892  1.00 40.69  ? 140 ALA A CB  1 
ATOM 771  N N   . TYR A 1 117 ? 6.473   -4.771  -8.314  1.00 41.70  ? 141 TYR A N   1 
ATOM 772  C CA  . TYR A 1 117 ? 5.604   -5.723  -8.997  1.00 42.39  ? 141 TYR A CA  1 
ATOM 773  C C   . TYR A 1 117 ? 5.985   -7.186  -8.834  1.00 43.85  ? 141 TYR A C   1 
ATOM 774  O O   . TYR A 1 117 ? 5.607   -8.015  -9.666  1.00 45.90  ? 141 TYR A O   1 
ATOM 775  C CB  . TYR A 1 117 ? 5.517   -5.413  -10.495 1.00 41.63  ? 141 TYR A CB  1 
ATOM 776  C CG  . TYR A 1 117 ? 4.868   -4.092  -10.800 1.00 40.97  ? 141 TYR A CG  1 
ATOM 777  C CD1 . TYR A 1 117 ? 5.639   -2.939  -11.006 1.00 39.19  ? 141 TYR A CD1 1 
ATOM 778  C CD2 . TYR A 1 117 ? 3.484   -3.981  -10.848 1.00 40.41  ? 141 TYR A CD2 1 
ATOM 779  C CE1 . TYR A 1 117 ? 5.044   -1.707  -11.250 1.00 38.64  ? 141 TYR A CE1 1 
ATOM 780  C CE2 . TYR A 1 117 ? 2.873   -2.763  -11.089 1.00 43.31  ? 141 TYR A CE2 1 
ATOM 781  C CZ  . TYR A 1 117 ? 3.654   -1.626  -11.293 1.00 43.52  ? 141 TYR A CZ  1 
ATOM 782  O OH  . TYR A 1 117 ? 3.027   -0.419  -11.543 1.00 46.23  ? 141 TYR A OH  1 
ATOM 783  N N   . ASP A 1 118 ? 6.767   -7.515  -7.811  1.00 44.54  ? 142 ASP A N   1 
ATOM 784  C CA  . ASP A 1 118 ? 7.079   -8.922  -7.585  1.00 45.13  ? 142 ASP A CA  1 
ATOM 785  C C   . ASP A 1 118 ? 5.964   -9.392  -6.665  1.00 44.24  ? 142 ASP A C   1 
ATOM 786  O O   . ASP A 1 118 ? 5.993   -9.106  -5.473  1.00 44.54  ? 142 ASP A O   1 
ATOM 787  C CB  . ASP A 1 118 ? 8.412   -9.147  -6.864  1.00 45.07  ? 142 ASP A CB  1 
ATOM 788  C CG  . ASP A 1 118 ? 8.644   -10.633 -6.549  1.00 48.06  ? 142 ASP A CG  1 
ATOM 789  O OD1 . ASP A 1 118 ? 7.642   -11.318 -6.219  1.00 45.63  ? 142 ASP A OD1 1 
ATOM 790  O OD2 . ASP A 1 118 ? 9.796   -11.126 -6.633  1.00 50.47  ? 142 ASP A OD2 1 
ATOM 791  N N   . ARG A 1 119 ? 4.987   -10.111 -7.204  1.00 44.76  ? 143 ARG A N   1 
ATOM 792  C CA  . ARG A 1 119 ? 3.894   -10.559 -6.362  1.00 45.22  ? 143 ARG A CA  1 
ATOM 793  C C   . ARG A 1 119 ? 4.237   -11.632 -5.340  1.00 41.79  ? 143 ARG A C   1 
ATOM 794  O O   . ARG A 1 119 ? 3.651   -11.650 -4.261  1.00 41.88  ? 143 ARG A O   1 
ATOM 795  C CB  . ARG A 1 119 ? 2.683   -10.992 -7.196  1.00 45.56  ? 143 ARG A CB  1 
ATOM 796  C CG  . ARG A 1 119 ? 2.960   -11.713 -8.474  1.00 48.29  ? 143 ARG A CG  1 
ATOM 797  C CD  . ARG A 1 119 ? 1.617   -11.960 -9.160  1.00 52.88  ? 143 ARG A CD  1 
ATOM 798  N NE  . ARG A 1 119 ? 0.799   -12.920 -8.419  1.00 54.76  ? 143 ARG A NE  1 
ATOM 799  C CZ  . ARG A 1 119 ? 0.956   -14.241 -8.477  1.00 54.01  ? 143 ARG A CZ  1 
ATOM 800  N NH1 . ARG A 1 119 ? 1.899   -14.772 -9.253  1.00 53.21  ? 143 ARG A NH1 1 
ATOM 801  N NH2 . ARG A 1 119 ? 0.178   -15.034 -7.753  1.00 51.91  ? 143 ARG A NH2 1 
ATOM 802  N N   . VAL A 1 120 ? 5.174   -12.521 -5.638  1.00 38.44  ? 144 VAL A N   1 
ATOM 803  C CA  . VAL A 1 120 ? 5.506   -13.523 -4.643  1.00 37.38  ? 144 VAL A CA  1 
ATOM 804  C C   . VAL A 1 120 ? 5.867   -12.783 -3.355  1.00 39.72  ? 144 VAL A C   1 
ATOM 805  O O   . VAL A 1 120 ? 5.224   -12.970 -2.325  1.00 43.31  ? 144 VAL A O   1 
ATOM 806  C CB  . VAL A 1 120 ? 6.675   -14.410 -5.091  1.00 34.92  ? 144 VAL A CB  1 
ATOM 807  C CG1 . VAL A 1 120 ? 7.092   -15.351 -3.944  1.00 30.80  ? 144 VAL A CG1 1 
ATOM 808  C CG2 . VAL A 1 120 ? 6.254   -15.218 -6.327  1.00 34.15  ? 144 VAL A CG2 1 
ATOM 809  N N   . MET A 1 121 ? 6.873   -11.922 -3.413  1.00 39.99  ? 145 MET A N   1 
ATOM 810  C CA  . MET A 1 121 ? 7.268   -11.145 -2.248  1.00 40.10  ? 145 MET A CA  1 
ATOM 811  C C   . MET A 1 121 ? 6.145   -10.233 -1.728  1.00 41.99  ? 145 MET A C   1 
ATOM 812  O O   . MET A 1 121 ? 6.149   -9.839  -0.559  1.00 43.92  ? 145 MET A O   1 
ATOM 813  C CB  . MET A 1 121 ? 8.498   -10.304 -2.575  1.00 40.29  ? 145 MET A CB  1 
ATOM 814  C CG  . MET A 1 121 ? 9.798   -11.096 -2.627  1.00 38.18  ? 145 MET A CG  1 
ATOM 815  S SD  . MET A 1 121 ? 10.344  -11.619 -0.994  1.00 37.85  ? 145 MET A SD  1 
ATOM 816  C CE  . MET A 1 121 ? 10.224  -13.348 -1.190  1.00 34.57  ? 145 MET A CE  1 
ATOM 817  N N   . ALA A 1 122 ? 5.193   -9.871  -2.583  1.00 42.77  ? 146 ALA A N   1 
ATOM 818  C CA  . ALA A 1 122 ? 4.081   -9.037  -2.123  1.00 44.38  ? 146 ALA A CA  1 
ATOM 819  C C   . ALA A 1 122 ? 3.194   -9.936  -1.260  1.00 45.61  ? 146 ALA A C   1 
ATOM 820  O O   . ALA A 1 122 ? 2.848   -9.587  -0.117  1.00 46.09  ? 146 ALA A O   1 
ATOM 821  C CB  . ALA A 1 122 ? 3.285   -8.503  -3.301  1.00 43.60  ? 146 ALA A CB  1 
ATOM 822  N N   . GLU A 1 123 ? 2.842   -11.094 -1.826  1.00 44.51  ? 147 GLU A N   1 
ATOM 823  C CA  . GLU A 1 123 ? 2.011   -12.088 -1.152  1.00 42.84  ? 147 GLU A CA  1 
ATOM 824  C C   . GLU A 1 123 ? 2.630   -12.452 0.199   1.00 39.17  ? 147 GLU A C   1 
ATOM 825  O O   . GLU A 1 123 ? 1.923   -12.530 1.214   1.00 36.76  ? 147 GLU A O   1 
ATOM 826  C CB  . GLU A 1 123 ? 1.866   -13.349 -2.023  1.00 48.31  ? 147 GLU A CB  1 
ATOM 827  C CG  . GLU A 1 123 ? 1.067   -13.152 -3.317  1.00 56.09  ? 147 GLU A CG  1 
ATOM 828  C CD  . GLU A 1 123 ? 0.975   -14.427 -4.177  1.00 63.87  ? 147 GLU A CD  1 
ATOM 829  O OE1 . GLU A 1 123 ? 2.028   -14.949 -4.638  1.00 66.93  ? 147 GLU A OE1 1 
ATOM 830  O OE2 . GLU A 1 123 ? -0.165  -14.908 -4.396  1.00 70.06  ? 147 GLU A OE2 1 
ATOM 831  N N   . LYS A 1 124 ? 3.945   -12.667 0.225   1.00 33.81  ? 148 LYS A N   1 
ATOM 832  C CA  . LYS A 1 124 ? 4.565   -13.002 1.491   1.00 34.81  ? 148 LYS A CA  1 
ATOM 833  C C   . LYS A 1 124 ? 4.143   -11.973 2.534   1.00 34.03  ? 148 LYS A C   1 
ATOM 834  O O   . LYS A 1 124 ? 3.491   -12.319 3.534   1.00 33.43  ? 148 LYS A O   1 
ATOM 835  C CB  . LYS A 1 124 ? 6.092   -13.039 1.394   1.00 36.61  ? 148 LYS A CB  1 
ATOM 836  C CG  . LYS A 1 124 ? 6.735   -13.559 2.683   1.00 38.79  ? 148 LYS A CG  1 
ATOM 837  C CD  . LYS A 1 124 ? 8.211   -13.814 2.544   1.00 42.85  ? 148 LYS A CD  1 
ATOM 838  C CE  . LYS A 1 124 ? 8.742   -14.531 3.785   1.00 49.19  ? 148 LYS A CE  1 
ATOM 839  N NZ  . LYS A 1 124 ? 10.203  -14.872 3.682   1.00 51.79  ? 148 LYS A NZ  1 
ATOM 840  N N   . ALA A 1 125 ? 4.495   -10.709 2.286   1.00 34.92  ? 149 ALA A N   1 
ATOM 841  C CA  . ALA A 1 125 ? 4.148   -9.625  3.202   1.00 35.35  ? 149 ALA A CA  1 
ATOM 842  C C   . ALA A 1 125 ? 2.660   -9.647  3.522   1.00 35.53  ? 149 ALA A C   1 
ATOM 843  O O   . ALA A 1 125 ? 2.266   -9.645  4.693   1.00 37.41  ? 149 ALA A O   1 
ATOM 844  C CB  . ALA A 1 125 ? 4.524   -8.286  2.606   1.00 33.82  ? 149 ALA A CB  1 
ATOM 845  N N   . TYR A 1 126 ? 1.834   -9.679  2.483   1.00 31.90  ? 150 TYR A N   1 
ATOM 846  C CA  . TYR A 1 126 ? 0.403   -9.699  2.695   1.00 32.30  ? 150 TYR A CA  1 
ATOM 847  C C   . TYR A 1 126 ? -0.033  -10.846 3.607   1.00 33.62  ? 150 TYR A C   1 
ATOM 848  O O   . TYR A 1 126 ? -0.751  -10.626 4.590   1.00 32.57  ? 150 TYR A O   1 
ATOM 849  C CB  . TYR A 1 126 ? -0.321  -9.766  1.349   1.00 33.56  ? 150 TYR A CB  1 
ATOM 850  C CG  . TYR A 1 126 ? -0.540  -8.407  0.738   1.00 36.40  ? 150 TYR A CG  1 
ATOM 851  C CD1 . TYR A 1 126 ? -0.080  -8.107  -0.542  1.00 36.45  ? 150 TYR A CD1 1 
ATOM 852  C CD2 . TYR A 1 126 ? -1.165  -7.400  1.466   1.00 40.24  ? 150 TYR A CD2 1 
ATOM 853  C CE1 . TYR A 1 126 ? -0.230  -6.844  -1.073  1.00 33.21  ? 150 TYR A CE1 1 
ATOM 854  C CE2 . TYR A 1 126 ? -1.317  -6.124  0.944   1.00 39.16  ? 150 TYR A CE2 1 
ATOM 855  C CZ  . TYR A 1 126 ? -0.848  -5.856  -0.323  1.00 36.95  ? 150 TYR A CZ  1 
ATOM 856  O OH  . TYR A 1 126 ? -0.994  -4.583  -0.826  1.00 44.89  ? 150 TYR A OH  1 
ATOM 857  N N   . ASN A 1 127 ? 0.400   -12.067 3.303   1.00 32.58  ? 151 ASN A N   1 
ATOM 858  C CA  . ASN A 1 127 ? 0.012   -13.187 4.134   1.00 34.84  ? 151 ASN A CA  1 
ATOM 859  C C   . ASN A 1 127 ? 0.448   -12.948 5.576   1.00 37.13  ? 151 ASN A C   1 
ATOM 860  O O   . ASN A 1 127 ? -0.360  -13.043 6.510   1.00 38.36  ? 151 ASN A O   1 
ATOM 861  C CB  . ASN A 1 127 ? 0.622   -14.473 3.603   1.00 35.25  ? 151 ASN A CB  1 
ATOM 862  C CG  . ASN A 1 127 ? -0.061  -14.956 2.334   1.00 39.90  ? 151 ASN A CG  1 
ATOM 863  O OD1 . ASN A 1 127 ? 0.569   -15.584 1.474   1.00 44.92  ? 151 ASN A OD1 1 
ATOM 864  N ND2 . ASN A 1 127 ? -1.355  -14.675 2.210   1.00 37.55  ? 151 ASN A ND2 1 
ATOM 865  N N   . ASN A 1 128 ? 1.720   -12.615 5.759   1.00 38.37  ? 152 ASN A N   1 
ATOM 866  C CA  . ASN A 1 128 ? 2.240   -12.379 7.093   1.00 37.73  ? 152 ASN A CA  1 
ATOM 867  C C   . ASN A 1 128 ? 1.330   -11.474 7.943   1.00 37.03  ? 152 ASN A C   1 
ATOM 868  O O   . ASN A 1 128 ? 1.048   -11.774 9.102   1.00 33.57  ? 152 ASN A O   1 
ATOM 869  C CB  . ASN A 1 128 ? 3.640   -11.780 6.996   1.00 38.71  ? 152 ASN A CB  1 
ATOM 870  C CG  . ASN A 1 128 ? 4.331   -11.697 8.351   1.00 43.36  ? 152 ASN A CG  1 
ATOM 871  O OD1 . ASN A 1 128 ? 4.014   -10.834 9.195   1.00 45.39  ? 152 ASN A OD1 1 
ATOM 872  N ND2 . ASN A 1 128 ? 5.275   -12.605 8.575   1.00 45.66  ? 152 ASN A ND2 1 
ATOM 873  N N   . GLN A 1 129 ? 0.868   -10.367 7.372   1.00 38.38  ? 153 GLN A N   1 
ATOM 874  C CA  . GLN A 1 129 ? 0.012   -9.450  8.120   1.00 38.50  ? 153 GLN A CA  1 
ATOM 875  C C   . GLN A 1 129 ? -1.340  -10.113 8.369   1.00 39.54  ? 153 GLN A C   1 
ATOM 876  O O   . GLN A 1 129 ? -1.942  -9.938  9.434   1.00 37.73  ? 153 GLN A O   1 
ATOM 877  C CB  . GLN A 1 129 ? -0.162  -8.126  7.351   1.00 35.31  ? 153 GLN A CB  1 
ATOM 878  C CG  . GLN A 1 129 ? -1.073  -7.090  8.008   1.00 35.67  ? 153 GLN A CG  1 
ATOM 879  C CD  . GLN A 1 129 ? -0.483  -6.449  9.260   1.00 38.98  ? 153 GLN A CD  1 
ATOM 880  O OE1 . GLN A 1 129 ? 0.614   -5.898  9.228   1.00 43.00  ? 153 GLN A OE1 1 
ATOM 881  N NE2 . GLN A 1 129 ? -1.224  -6.505  10.369  1.00 39.28  ? 153 GLN A NE2 1 
ATOM 882  N N   . MET A 1 130 ? -1.818  -10.888 7.399   1.00 40.26  ? 154 MET A N   1 
ATOM 883  C CA  . MET A 1 130 ? -3.104  -11.544 7.582   1.00 40.57  ? 154 MET A CA  1 
ATOM 884  C C   . MET A 1 130 ? -3.010  -12.497 8.774   1.00 39.34  ? 154 MET A C   1 
ATOM 885  O O   . MET A 1 130 ? -3.953  -12.606 9.546   1.00 39.78  ? 154 MET A O   1 
ATOM 886  C CB  . MET A 1 130 ? -3.535  -12.294 6.309   1.00 42.27  ? 154 MET A CB  1 
ATOM 887  C CG  . MET A 1 130 ? -5.010  -12.744 6.314   1.00 42.92  ? 154 MET A CG  1 
ATOM 888  S SD  . MET A 1 130 ? -6.249  -11.401 6.534   1.00 40.76  ? 154 MET A SD  1 
ATOM 889  C CE  . MET A 1 130 ? -6.411  -10.842 4.882   1.00 37.69  ? 154 MET A CE  1 
ATOM 890  N N   . GLN A 1 131 ? -1.867  -13.163 8.942   1.00 38.13  ? 155 GLN A N   1 
ATOM 891  C CA  . GLN A 1 131 ? -1.685  -14.084 10.068  1.00 35.41  ? 155 GLN A CA  1 
ATOM 892  C C   . GLN A 1 131 ? -1.585  -13.311 11.385  1.00 36.03  ? 155 GLN A C   1 
ATOM 893  O O   . GLN A 1 131 ? -2.182  -13.688 12.391  1.00 37.94  ? 155 GLN A O   1 
ATOM 894  C CB  . GLN A 1 131 ? -0.424  -14.919 9.888   1.00 33.24  ? 155 GLN A CB  1 
ATOM 895  C CG  . GLN A 1 131 ? -0.395  -16.163 10.754  1.00 32.64  ? 155 GLN A CG  1 
ATOM 896  C CD  . GLN A 1 131 ? 0.926   -16.888 10.682  1.00 30.87  ? 155 GLN A CD  1 
ATOM 897  O OE1 . GLN A 1 131 ? 1.910   -16.448 11.263  1.00 29.63  ? 155 GLN A OE1 1 
ATOM 898  N NE2 . GLN A 1 131 ? 0.960   -18.003 9.956   1.00 34.97  ? 155 GLN A NE2 1 
ATOM 899  N N   . GLU A 1 132 ? -0.825  -12.225 11.374  1.00 37.48  ? 156 GLU A N   1 
ATOM 900  C CA  . GLU A 1 132 ? -0.668  -11.401 12.565  1.00 36.56  ? 156 GLU A CA  1 
ATOM 901  C C   . GLU A 1 132 ? -2.049  -10.953 13.039  1.00 38.22  ? 156 GLU A C   1 
ATOM 902  O O   . GLU A 1 132 ? -2.303  -10.896 14.242  1.00 41.98  ? 156 GLU A O   1 
ATOM 903  C CB  . GLU A 1 132 ? 0.212   -10.181 12.259  1.00 32.09  ? 156 GLU A CB  1 
ATOM 904  C CG  . GLU A 1 132 ? 0.532   -9.281  13.440  1.00 34.69  ? 156 GLU A CG  1 
ATOM 905  C CD  . GLU A 1 132 ? 1.623   -9.837  14.359  1.00 39.61  ? 156 GLU A CD  1 
ATOM 906  O OE1 . GLU A 1 132 ? 2.136   -10.943 14.064  1.00 42.76  ? 156 GLU A OE1 1 
ATOM 907  O OE2 . GLU A 1 132 ? 1.967   -9.165  15.375  1.00 38.64  ? 156 GLU A OE2 1 
ATOM 908  N N   . LEU A 1 133 ? -2.952  -10.653 12.107  1.00 39.12  ? 157 LEU A N   1 
ATOM 909  C CA  . LEU A 1 133 ? -4.294  -10.203 12.486  1.00 40.66  ? 157 LEU A CA  1 
ATOM 910  C C   . LEU A 1 133 ? -5.101  -11.333 13.116  1.00 40.04  ? 157 LEU A C   1 
ATOM 911  O O   . LEU A 1 133 ? -5.675  -11.186 14.197  1.00 38.24  ? 157 LEU A O   1 
ATOM 912  C CB  . LEU A 1 133 ? -5.036  -9.629  11.266  1.00 41.89  ? 157 LEU A CB  1 
ATOM 913  C CG  . LEU A 1 133 ? -4.566  -8.214  10.884  1.00 42.37  ? 157 LEU A CG  1 
ATOM 914  C CD1 . LEU A 1 133 ? -5.117  -7.803  9.527   1.00 40.06  ? 157 LEU A CD1 1 
ATOM 915  C CD2 . LEU A 1 133 ? -4.990  -7.240  11.981  1.00 40.03  ? 157 LEU A CD2 1 
ATOM 916  N N   . SER A 1 134 ? -5.124  -12.468 12.434  1.00 39.41  ? 158 SER A N   1 
ATOM 917  C CA  . SER A 1 134 ? -5.833  -13.624 12.919  1.00 39.38  ? 158 SER A CA  1 
ATOM 918  C C   . SER A 1 134 ? -5.380  -13.900 14.330  1.00 40.84  ? 158 SER A C   1 
ATOM 919  O O   . SER A 1 134 ? -6.189  -14.177 15.218  1.00 43.08  ? 158 SER A O   1 
ATOM 920  C CB  . SER A 1 134 ? -5.514  -14.808 12.040  1.00 39.00  ? 158 SER A CB  1 
ATOM 921  O OG  . SER A 1 134 ? -5.997  -14.553 10.735  1.00 46.11  ? 158 SER A OG  1 
ATOM 922  N N   . ASP A 1 135 ? -4.074  -13.815 14.531  1.00 41.15  ? 159 ASP A N   1 
ATOM 923  C CA  . ASP A 1 135 ? -3.500  -14.047 15.838  1.00 40.12  ? 159 ASP A CA  1 
ATOM 924  C C   . ASP A 1 135 ? -4.001  -13.014 16.837  1.00 39.99  ? 159 ASP A C   1 
ATOM 925  O O   . ASP A 1 135 ? -4.480  -13.360 17.918  1.00 40.84  ? 159 ASP A O   1 
ATOM 926  C CB  . ASP A 1 135 ? -1.978  -14.020 15.741  1.00 40.23  ? 159 ASP A CB  1 
ATOM 927  C CG  . ASP A 1 135 ? -1.436  -15.216 14.988  1.00 41.28  ? 159 ASP A CG  1 
ATOM 928  O OD1 . ASP A 1 135 ? -2.266  -16.008 14.466  1.00 46.74  ? 159 ASP A OD1 1 
ATOM 929  O OD2 . ASP A 1 135 ? -0.197  -15.371 14.912  1.00 39.62  ? 159 ASP A OD2 1 
ATOM 930  N N   . MET A 1 136 ? -3.912  -11.740 16.490  1.00 38.64  ? 160 MET A N   1 
ATOM 931  C CA  . MET A 1 136 ? -4.385  -10.733 17.422  1.00 38.81  ? 160 MET A CA  1 
ATOM 932  C C   . MET A 1 136 ? -5.886  -10.951 17.750  1.00 41.21  ? 160 MET A C   1 
ATOM 933  O O   . MET A 1 136 ? -6.404  -10.456 18.759  1.00 40.13  ? 160 MET A O   1 
ATOM 934  C CB  . MET A 1 136 ? -4.130  -9.333  16.854  1.00 35.86  ? 160 MET A CB  1 
ATOM 935  C CG  . MET A 1 136 ? -2.705  -8.831  17.027  1.00 30.20  ? 160 MET A CG  1 
ATOM 936  S SD  . MET A 1 136 ? -2.530  -7.136  16.410  1.00 30.01  ? 160 MET A SD  1 
ATOM 937  C CE  . MET A 1 136 ? -2.520  -7.561  14.652  1.00 25.27  ? 160 MET A CE  1 
ATOM 938  N N   . GLN A 1 137 ? -6.587  -11.693 16.899  1.00 40.77  ? 161 GLN A N   1 
ATOM 939  C CA  . GLN A 1 137 ? -7.984  -11.964 17.171  1.00 41.04  ? 161 GLN A CA  1 
ATOM 940  C C   . GLN A 1 137 ? -8.015  -12.966 18.305  1.00 45.42  ? 161 GLN A C   1 
ATOM 941  O O   . GLN A 1 137 ? -8.532  -12.677 19.389  1.00 48.19  ? 161 GLN A O   1 
ATOM 942  C CB  . GLN A 1 137 ? -8.677  -12.553 15.949  1.00 38.31  ? 161 GLN A CB  1 
ATOM 943  C CG  . GLN A 1 137 ? -9.026  -11.517 14.911  1.00 39.18  ? 161 GLN A CG  1 
ATOM 944  C CD  . GLN A 1 137 ? -9.898  -12.080 13.834  1.00 37.65  ? 161 GLN A CD  1 
ATOM 945  O OE1 . GLN A 1 137 ? -9.509  -13.022 13.142  1.00 32.85  ? 161 GLN A OE1 1 
ATOM 946  N NE2 . GLN A 1 137 ? -11.098 -11.514 13.682  1.00 39.96  ? 161 GLN A NE2 1 
ATOM 947  N N   . ALA A 1 138 ? -7.455  -14.145 18.047  1.00 45.97  ? 162 ALA A N   1 
ATOM 948  C CA  . ALA A 1 138 ? -7.393  -15.200 19.042  1.00 45.12  ? 162 ALA A CA  1 
ATOM 949  C C   . ALA A 1 138 ? -6.959  -14.586 20.371  1.00 46.85  ? 162 ALA A C   1 
ATOM 950  O O   . ALA A 1 138 ? -7.479  -14.933 21.433  1.00 49.61  ? 162 ALA A O   1 
ATOM 951  C CB  . ALA A 1 138 ? -6.396  -16.270 18.605  1.00 45.50  ? 162 ALA A CB  1 
ATOM 952  N N   . LEU A 1 139 ? -6.008  -13.660 20.312  1.00 48.19  ? 163 LEU A N   1 
ATOM 953  C CA  . LEU A 1 139 ? -5.532  -13.018 21.526  1.00 48.41  ? 163 LEU A CA  1 
ATOM 954  C C   . LEU A 1 139 ? -6.701  -12.342 22.238  1.00 48.94  ? 163 LEU A C   1 
ATOM 955  O O   . LEU A 1 139 ? -6.984  -12.649 23.392  1.00 49.80  ? 163 LEU A O   1 
ATOM 956  C CB  . LEU A 1 139 ? -4.467  -11.975 21.200  1.00 48.99  ? 163 LEU A CB  1 
ATOM 957  C CG  . LEU A 1 139 ? -3.179  -12.006 22.026  1.00 46.29  ? 163 LEU A CG  1 
ATOM 958  C CD1 . LEU A 1 139 ? -2.564  -10.605 22.028  1.00 41.90  ? 163 LEU A CD1 1 
ATOM 959  C CD2 . LEU A 1 139 ? -3.471  -12.465 23.453  1.00 46.96  ? 163 LEU A CD2 1 
ATOM 960  N N   . THR A 1 140 ? -7.381  -11.433 21.537  1.00 50.79  ? 164 THR A N   1 
ATOM 961  C CA  . THR A 1 140 ? -8.529  -10.693 22.085  1.00 50.79  ? 164 THR A CA  1 
ATOM 962  C C   . THR A 1 140 ? -9.464  -11.615 22.843  1.00 50.92  ? 164 THR A C   1 
ATOM 963  O O   . THR A 1 140 ? -9.952  -11.268 23.921  1.00 49.78  ? 164 THR A O   1 
ATOM 964  C CB  . THR A 1 140 ? -9.366  -10.024 20.989  1.00 49.77  ? 164 THR A CB  1 
ATOM 965  O OG1 . THR A 1 140 ? -8.521  -9.635  19.896  1.00 51.78  ? 164 THR A OG1 1 
ATOM 966  C CG2 . THR A 1 140 ? -10.056 -8.794  21.552  1.00 49.66  ? 164 THR A CG2 1 
ATOM 967  N N   . GLU A 1 141 ? -9.724  -12.780 22.261  1.00 51.54  ? 165 GLU A N   1 
ATOM 968  C CA  . GLU A 1 141 ? -10.574 -13.752 22.913  1.00 56.22  ? 165 GLU A CA  1 
ATOM 969  C C   . GLU A 1 141 ? -9.935  -14.065 24.248  1.00 56.17  ? 165 GLU A C   1 
ATOM 970  O O   . GLU A 1 141 ? -10.486 -13.748 25.298  1.00 58.45  ? 165 GLU A O   1 
ATOM 971  C CB  . GLU A 1 141 ? -10.667 -15.025 22.091  1.00 61.97  ? 165 GLU A CB  1 
ATOM 972  C CG  . GLU A 1 141 ? -11.514 -14.903 20.835  1.00 72.68  ? 165 GLU A CG  1 
ATOM 973  C CD  . GLU A 1 141 ? -11.574 -16.219 20.050  1.00 79.51  ? 165 GLU A CD  1 
ATOM 974  O OE1 . GLU A 1 141 ? -11.919 -17.259 20.669  1.00 82.17  ? 165 GLU A OE1 1 
ATOM 975  O OE2 . GLU A 1 141 ? -11.279 -16.210 18.820  1.00 83.45  ? 165 GLU A OE2 1 
ATOM 976  N N   . GLN A 1 142 ? -8.755  -14.672 24.194  1.00 56.96  ? 166 GLN A N   1 
ATOM 977  C CA  . GLN A 1 142 ? -8.025  -15.033 25.400  1.00 57.13  ? 166 GLN A CA  1 
ATOM 978  C C   . GLN A 1 142 ? -8.099  -13.931 26.450  1.00 58.02  ? 166 GLN A C   1 
ATOM 979  O O   . GLN A 1 142 ? -8.410  -14.207 27.605  1.00 58.97  ? 166 GLN A O   1 
ATOM 980  C CB  . GLN A 1 142 ? -6.557  -15.315 25.084  1.00 55.86  ? 166 GLN A CB  1 
ATOM 981  C CG  . GLN A 1 142 ? -5.739  -15.743 26.310  1.00 56.31  ? 166 GLN A CG  1 
ATOM 982  C CD  . GLN A 1 142 ? -4.237  -15.420 26.202  1.00 56.32  ? 166 GLN A CD  1 
ATOM 983  O OE1 . GLN A 1 142 ? -3.820  -14.253 26.329  1.00 54.47  ? 166 GLN A OE1 1 
ATOM 984  N NE2 . GLN A 1 142 ? -3.421  -16.457 25.967  1.00 54.96  ? 166 GLN A NE2 1 
ATOM 985  N N   . ILE A 1 143 ? -7.821  -12.688 26.064  1.00 59.40  ? 167 ILE A N   1 
ATOM 986  C CA  . ILE A 1 143 ? -7.863  -11.591 27.032  1.00 62.38  ? 167 ILE A CA  1 
ATOM 987  C C   . ILE A 1 143 ? -9.207  -11.524 27.751  1.00 63.96  ? 167 ILE A C   1 
ATOM 988  O O   . ILE A 1 143 ? -9.254  -11.651 28.978  1.00 65.71  ? 167 ILE A O   1 
ATOM 989  C CB  . ILE A 1 143 ? -7.556  -10.209 26.384  1.00 63.14  ? 167 ILE A CB  1 
ATOM 990  C CG1 . ILE A 1 143 ? -6.137  -10.200 25.819  1.00 63.67  ? 167 ILE A CG1 1 
ATOM 991  C CG2 . ILE A 1 143 ? -7.659  -9.100  27.434  1.00 61.57  ? 167 ILE A CG2 1 
ATOM 992  C CD1 . ILE A 1 143 ? -5.738  -8.878  25.197  1.00 65.92  ? 167 ILE A CD1 1 
ATOM 993  N N   . LYS A 1 144 ? -10.297 -11.315 27.011  1.00 64.54  ? 168 LYS A N   1 
ATOM 994  C CA  . LYS A 1 144 ? -11.608 -11.265 27.653  1.00 64.49  ? 168 LYS A CA  1 
ATOM 995  C C   . LYS A 1 144 ? -11.953 -12.699 28.050  1.00 65.03  ? 168 LYS A C   1 
ATOM 996  O O   . LYS A 1 144 ? -12.691 -13.387 27.360  1.00 67.47  ? 168 LYS A O   1 
ATOM 997  C CB  . LYS A 1 144 ? -12.668 -10.670 26.706  1.00 62.76  ? 168 LYS A CB  1 
ATOM 998  C CG  . LYS A 1 144 ? -12.802 -11.329 25.340  1.00 59.56  ? 168 LYS A CG  1 
ATOM 999  C CD  . LYS A 1 144 ? -13.963 -10.723 24.550  1.00 58.50  ? 168 LYS A CD  1 
ATOM 1000 C CE  . LYS A 1 144 ? -13.979 -11.212 23.099  1.00 61.61  ? 168 LYS A CE  1 
ATOM 1001 N NZ  . LYS A 1 144 ? -15.141 -10.725 22.290  1.00 59.67  ? 168 LYS A NZ  1 
ATOM 1002 N N   . SER A 1 145 ? -11.374 -13.138 29.162  1.00 67.11  ? 169 SER A N   1 
ATOM 1003 C CA  . SER A 1 145 ? -11.533 -14.493 29.708  1.00 69.81  ? 169 SER A CA  1 
ATOM 1004 C C   . SER A 1 145 ? -10.492 -14.592 30.810  1.00 72.33  ? 169 SER A C   1 
ATOM 1005 O O   . SER A 1 145 ? -10.357 -15.619 31.484  1.00 73.67  ? 169 SER A O   1 
ATOM 1006 C CB  . SER A 1 145 ? -11.226 -15.573 28.665  1.00 67.52  ? 169 SER A CB  1 
ATOM 1007 O OG  . SER A 1 145 ? -12.319 -15.794 27.801  1.00 66.45  ? 169 SER A OG  1 
ATOM 1008 N N   . THR A 1 146 ? -9.744  -13.502 30.941  1.00 74.83  ? 170 THR A N   1 
ATOM 1009 C CA  . THR A 1 146 ? -8.689  -13.316 31.924  1.00 78.82  ? 170 THR A CA  1 
ATOM 1010 C C   . THR A 1 146 ? -8.209  -11.904 31.622  1.00 79.41  ? 170 THR A C   1 
ATOM 1011 O O   . THR A 1 146 ? -7.036  -11.688 31.303  1.00 79.80  ? 170 THR A O   1 
ATOM 1012 C CB  . THR A 1 146 ? -7.494  -14.292 31.731  1.00 80.85  ? 170 THR A CB  1 
ATOM 1013 O OG1 . THR A 1 146 ? -7.941  -15.649 31.853  1.00 82.83  ? 170 THR A OG1 1 
ATOM 1014 C CG2 . THR A 1 146 ? -6.417  -14.025 32.793  1.00 81.98  ? 170 THR A CG2 1 
ATOM 1015 N N   . PRO A 1 147 ? -9.128  -10.923 31.691  1.00 79.96  ? 171 PRO A N   1 
ATOM 1016 C CA  . PRO A 1 147 ? -8.799  -9.525  31.421  1.00 79.83  ? 171 PRO A CA  1 
ATOM 1017 C C   . PRO A 1 147 ? -7.568  -9.059  32.156  1.00 80.73  ? 171 PRO A C   1 
ATOM 1018 O O   . PRO A 1 147 ? -7.059  -9.733  33.052  1.00 81.66  ? 171 PRO A O   1 
ATOM 1019 C CB  . PRO A 1 147 ? -10.049 -8.788  31.862  1.00 79.68  ? 171 PRO A CB  1 
ATOM 1020 C CG  . PRO A 1 147 ? -11.116 -9.739  31.472  1.00 80.93  ? 171 PRO A CG  1 
ATOM 1021 C CD  . PRO A 1 147 ? -10.565 -11.059 31.982  1.00 80.82  ? 171 PRO A CD  1 
ATOM 1022 N N   . ASP A 1 148 ? -7.104  -7.885  31.764  1.00 81.58  ? 172 ASP A N   1 
ATOM 1023 C CA  . ASP A 1 148 ? -5.914  -7.290  32.334  1.00 82.28  ? 172 ASP A CA  1 
ATOM 1024 C C   . ASP A 1 148 ? -5.929  -5.887  31.750  1.00 81.98  ? 172 ASP A C   1 
ATOM 1025 O O   . ASP A 1 148 ? -6.619  -5.644  30.763  1.00 82.18  ? 172 ASP A O   1 
ATOM 1026 C CB  . ASP A 1 148 ? -4.692  -8.072  31.840  1.00 83.90  ? 172 ASP A CB  1 
ATOM 1027 C CG  . ASP A 1 148 ? -3.455  -7.799  32.659  1.00 86.28  ? 172 ASP A CG  1 
ATOM 1028 O OD1 . ASP A 1 148 ? -3.483  -8.096  33.874  1.00 89.12  ? 172 ASP A OD1 1 
ATOM 1029 O OD2 . ASP A 1 148 ? -2.456  -7.293  32.093  1.00 86.10  ? 172 ASP A OD2 1 
ATOM 1030 N N   . LEU A 1 149 ? -5.203  -4.955  32.353  1.00 81.55  ? 173 LEU A N   1 
ATOM 1031 C CA  . LEU A 1 149 ? -5.167  -3.602  31.811  1.00 81.07  ? 173 LEU A CA  1 
ATOM 1032 C C   . LEU A 1 149 ? -3.960  -3.447  30.904  1.00 78.70  ? 173 LEU A C   1 
ATOM 1033 O O   . LEU A 1 149 ? -4.007  -2.727  29.908  1.00 76.92  ? 173 LEU A O   1 
ATOM 1034 C CB  . LEU A 1 149 ? -5.128  -2.563  32.934  1.00 83.54  ? 173 LEU A CB  1 
ATOM 1035 C CG  . LEU A 1 149 ? -6.489  -2.286  33.585  1.00 84.67  ? 173 LEU A CG  1 
ATOM 1036 C CD1 . LEU A 1 149 ? -6.373  -1.122  34.571  1.00 84.08  ? 173 LEU A CD1 1 
ATOM 1037 C CD2 . LEU A 1 149 ? -7.514  -1.962  32.495  1.00 85.28  ? 173 LEU A CD2 1 
ATOM 1038 N N   . LYS A 1 150 ? -2.883  -4.137  31.258  1.00 77.68  ? 174 LYS A N   1 
ATOM 1039 C CA  . LYS A 1 150 ? -1.659  -4.106  30.474  1.00 76.47  ? 174 LYS A CA  1 
ATOM 1040 C C   . LYS A 1 150 ? -1.921  -4.828  29.166  1.00 73.73  ? 174 LYS A C   1 
ATOM 1041 O O   . LYS A 1 150 ? -1.663  -4.292  28.089  1.00 74.81  ? 174 LYS A O   1 
ATOM 1042 C CB  . LYS A 1 150 ? -0.517  -4.810  31.215  1.00 79.63  ? 174 LYS A CB  1 
ATOM 1043 C CG  . LYS A 1 150 ? 0.734   -5.011  30.363  1.00 80.64  ? 174 LYS A CG  1 
ATOM 1044 C CD  . LYS A 1 150 ? 1.862   -5.649  31.154  1.00 81.91  ? 174 LYS A CD  1 
ATOM 1045 C CE  . LYS A 1 150 ? 3.142   -5.713  30.318  1.00 84.23  ? 174 LYS A CE  1 
ATOM 1046 N NZ  . LYS A 1 150 ? 4.340   -6.110  31.126  1.00 86.29  ? 174 LYS A NZ  1 
ATOM 1047 N N   . SER A 1 151 ? -2.438  -6.048  29.268  1.00 69.43  ? 175 SER A N   1 
ATOM 1048 C CA  . SER A 1 151 ? -2.728  -6.844  28.087  1.00 66.68  ? 175 SER A CA  1 
ATOM 1049 C C   . SER A 1 151 ? -3.590  -6.072  27.101  1.00 65.04  ? 175 SER A C   1 
ATOM 1050 O O   . SER A 1 151 ? -3.322  -6.052  25.897  1.00 66.49  ? 175 SER A O   1 
ATOM 1051 C CB  . SER A 1 151 ? -3.442  -8.129  28.481  1.00 65.95  ? 175 SER A CB  1 
ATOM 1052 O OG  . SER A 1 151 ? -2.665  -8.873  29.399  1.00 65.80  ? 175 SER A OG  1 
ATOM 1053 N N   . ILE A 1 152 ? -4.626  -5.428  27.615  1.00 62.57  ? 176 ILE A N   1 
ATOM 1054 C CA  . ILE A 1 152 ? -5.515  -4.670  26.759  1.00 59.92  ? 176 ILE A CA  1 
ATOM 1055 C C   . ILE A 1 152 ? -4.805  -3.492  26.107  1.00 58.55  ? 176 ILE A C   1 
ATOM 1056 O O   . ILE A 1 152 ? -4.987  -3.242  24.920  1.00 58.54  ? 176 ILE A O   1 
ATOM 1057 C CB  . ILE A 1 152 ? -6.732  -4.182  27.548  1.00 58.94  ? 176 ILE A CB  1 
ATOM 1058 C CG1 . ILE A 1 152 ? -7.495  -5.396  28.094  1.00 57.08  ? 176 ILE A CG1 1 
ATOM 1059 C CG2 . ILE A 1 152 ? -7.632  -3.343  26.652  1.00 59.06  ? 176 ILE A CG2 1 
ATOM 1060 C CD1 . ILE A 1 152 ? -8.745  -5.039  28.861  1.00 58.16  ? 176 ILE A CD1 1 
ATOM 1061 N N   . ALA A 1 153 ? -3.990  -2.782  26.885  1.00 58.51  ? 177 ALA A N   1 
ATOM 1062 C CA  . ALA A 1 153 ? -3.238  -1.622  26.391  1.00 56.19  ? 177 ALA A CA  1 
ATOM 1063 C C   . ALA A 1 153 ? -2.298  -2.024  25.270  1.00 56.08  ? 177 ALA A C   1 
ATOM 1064 O O   . ALA A 1 153 ? -2.247  -1.380  24.216  1.00 55.33  ? 177 ALA A O   1 
ATOM 1065 C CB  . ALA A 1 153 ? -2.429  -0.996  27.525  1.00 55.56  ? 177 ALA A CB  1 
ATOM 1066 N N   . ASP A 1 154 ? -1.537  -3.085  25.512  1.00 56.69  ? 178 ASP A N   1 
ATOM 1067 C CA  . ASP A 1 154 ? -0.596  -3.568  24.522  1.00 56.87  ? 178 ASP A CA  1 
ATOM 1068 C C   . ASP A 1 154 ? -1.352  -3.927  23.269  1.00 55.11  ? 178 ASP A C   1 
ATOM 1069 O O   . ASP A 1 154 ? -1.153  -3.314  22.224  1.00 56.29  ? 178 ASP A O   1 
ATOM 1070 C CB  . ASP A 1 154 ? 0.165   -4.770  25.068  1.00 60.13  ? 178 ASP A CB  1 
ATOM 1071 C CG  . ASP A 1 154 ? 1.216   -4.367  26.094  1.00 65.24  ? 178 ASP A CG  1 
ATOM 1072 O OD1 . ASP A 1 154 ? 1.695   -5.251  26.838  1.00 67.54  ? 178 ASP A OD1 1 
ATOM 1073 O OD2 . ASP A 1 154 ? 1.566   -3.161  26.152  1.00 66.78  ? 178 ASP A OD2 1 
ATOM 1074 N N   . LEU A 1 155 ? -2.239  -4.905  23.374  1.00 53.26  ? 179 LEU A N   1 
ATOM 1075 C CA  . LEU A 1 155 ? -3.027  -5.314  22.225  1.00 51.83  ? 179 LEU A CA  1 
ATOM 1076 C C   . LEU A 1 155 ? -3.586  -4.105  21.474  1.00 50.88  ? 179 LEU A C   1 
ATOM 1077 O O   . LEU A 1 155 ? -3.664  -4.107  20.253  1.00 48.86  ? 179 LEU A O   1 
ATOM 1078 C CB  . LEU A 1 155 ? -4.169  -6.217  22.678  1.00 52.29  ? 179 LEU A CB  1 
ATOM 1079 C CG  . LEU A 1 155 ? -5.082  -6.677  21.551  1.00 53.98  ? 179 LEU A CG  1 
ATOM 1080 C CD1 . LEU A 1 155 ? -4.265  -7.284  20.419  1.00 53.04  ? 179 LEU A CD1 1 
ATOM 1081 C CD2 . LEU A 1 155 ? -6.062  -7.687  22.105  1.00 57.82  ? 179 LEU A CD2 1 
ATOM 1082 N N   . GLN A 1 156 ? -3.964  -3.066  22.209  1.00 53.60  ? 180 GLN A N   1 
ATOM 1083 C CA  . GLN A 1 156 ? -4.521  -1.864  21.597  1.00 56.39  ? 180 GLN A CA  1 
ATOM 1084 C C   . GLN A 1 156 ? -3.490  -1.156  20.712  1.00 54.81  ? 180 GLN A C   1 
ATOM 1085 O O   . GLN A 1 156 ? -3.784  -0.812  19.561  1.00 55.21  ? 180 GLN A O   1 
ATOM 1086 C CB  . GLN A 1 156 ? -5.052  -0.914  22.683  1.00 62.50  ? 180 GLN A CB  1 
ATOM 1087 C CG  . GLN A 1 156 ? -5.880  0.267   22.145  1.00 74.74  ? 180 GLN A CG  1 
ATOM 1088 C CD  . GLN A 1 156 ? -5.089  1.578   22.071  1.00 81.30  ? 180 GLN A CD  1 
ATOM 1089 O OE1 . GLN A 1 156 ? -5.435  2.485   21.300  1.00 84.55  ? 180 GLN A OE1 1 
ATOM 1090 N NE2 . GLN A 1 156 ? -4.032  1.688   22.888  1.00 83.86  ? 180 GLN A NE2 1 
ATOM 1091 N N   . ALA A 1 157 ? -2.288  -0.934  21.247  1.00 51.60  ? 181 ALA A N   1 
ATOM 1092 C CA  . ALA A 1 157 ? -1.200  -0.298  20.489  1.00 46.47  ? 181 ALA A CA  1 
ATOM 1093 C C   . ALA A 1 157 ? -0.807  -1.210  19.322  1.00 44.35  ? 181 ALA A C   1 
ATOM 1094 O O   . ALA A 1 157 ? -0.524  -0.763  18.207  1.00 43.98  ? 181 ALA A O   1 
ATOM 1095 C CB  . ALA A 1 157 ? -0.013  -0.097  21.385  1.00 46.66  ? 181 ALA A CB  1 
ATOM 1096 N N   . ARG A 1 158 ? -0.791  -2.505  19.612  1.00 41.68  ? 182 ARG A N   1 
ATOM 1097 C CA  . ARG A 1 158 ? -0.458  -3.512  18.637  1.00 39.87  ? 182 ARG A CA  1 
ATOM 1098 C C   . ARG A 1 158 ? -1.407  -3.340  17.446  1.00 40.08  ? 182 ARG A C   1 
ATOM 1099 O O   . ARG A 1 158 ? -0.958  -3.181  16.303  1.00 39.40  ? 182 ARG A O   1 
ATOM 1100 C CB  . ARG A 1 158 ? -0.606  -4.891  19.282  1.00 38.71  ? 182 ARG A CB  1 
ATOM 1101 C CG  . ARG A 1 158 ? 0.041   -6.017  18.514  1.00 37.38  ? 182 ARG A CG  1 
ATOM 1102 C CD  . ARG A 1 158 ? 1.169   -6.616  19.319  1.00 37.28  ? 182 ARG A CD  1 
ATOM 1103 N NE  . ARG A 1 158 ? 0.803   -7.853  20.021  1.00 36.53  ? 182 ARG A NE  1 
ATOM 1104 C CZ  . ARG A 1 158 ? 0.670   -9.057  19.450  1.00 34.80  ? 182 ARG A CZ  1 
ATOM 1105 N NH1 . ARG A 1 158 ? 0.858   -9.239  18.138  1.00 26.67  ? 182 ARG A NH1 1 
ATOM 1106 N NH2 . ARG A 1 158 ? 0.375   -10.096 20.220  1.00 37.90  ? 182 ARG A NH2 1 
ATOM 1107 N N   . ILE A 1 159 ? -2.713  -3.358  17.714  1.00 41.62  ? 183 ILE A N   1 
ATOM 1108 C CA  . ILE A 1 159 ? -3.713  -3.190  16.658  1.00 42.34  ? 183 ILE A CA  1 
ATOM 1109 C C   . ILE A 1 159 ? -3.494  -1.884  15.892  1.00 42.29  ? 183 ILE A C   1 
ATOM 1110 O O   . ILE A 1 159 ? -3.549  -1.847  14.659  1.00 40.68  ? 183 ILE A O   1 
ATOM 1111 C CB  . ILE A 1 159 ? -5.161  -3.135  17.219  1.00 42.30  ? 183 ILE A CB  1 
ATOM 1112 C CG1 . ILE A 1 159 ? -5.580  -4.494  17.775  1.00 44.11  ? 183 ILE A CG1 1 
ATOM 1113 C CG2 . ILE A 1 159 ? -6.139  -2.747  16.114  1.00 42.56  ? 183 ILE A CG2 1 
ATOM 1114 C CD1 . ILE A 1 159 ? -7.033  -4.528  18.240  1.00 45.11  ? 183 ILE A CD1 1 
ATOM 1115 N N   . GLN A 1 160 ? -3.243  -0.813  16.634  1.00 44.15  ? 184 GLN A N   1 
ATOM 1116 C CA  . GLN A 1 160 ? -3.052  0.483   16.016  1.00 47.04  ? 184 GLN A CA  1 
ATOM 1117 C C   . GLN A 1 160 ? -1.913  0.484   15.015  1.00 47.89  ? 184 GLN A C   1 
ATOM 1118 O O   . GLN A 1 160 ? -1.948  1.232   14.028  1.00 50.28  ? 184 GLN A O   1 
ATOM 1119 C CB  . GLN A 1 160 ? -2.812  1.547   17.077  1.00 50.08  ? 184 GLN A CB  1 
ATOM 1120 C CG  . GLN A 1 160 ? -3.036  2.958   16.550  1.00 58.99  ? 184 GLN A CG  1 
ATOM 1121 C CD  . GLN A 1 160 ? -2.843  4.020   17.621  1.00 65.47  ? 184 GLN A CD  1 
ATOM 1122 O OE1 . GLN A 1 160 ? -3.415  3.927   18.724  1.00 68.81  ? 184 GLN A OE1 1 
ATOM 1123 N NE2 . GLN A 1 160 ? -2.036  5.043   17.304  1.00 65.45  ? 184 GLN A NE2 1 
ATOM 1124 N N   . THR A 1 161 ? -0.905  -0.346  15.266  1.00 46.88  ? 185 THR A N   1 
ATOM 1125 C CA  . THR A 1 161 ? 0.234   -0.438  14.359  1.00 46.80  ? 185 THR A CA  1 
ATOM 1126 C C   . THR A 1 161 ? -0.210  -1.019  13.021  1.00 48.40  ? 185 THR A C   1 
ATOM 1127 O O   . THR A 1 161 ? 0.176   -0.520  11.958  1.00 49.31  ? 185 THR A O   1 
ATOM 1128 C CB  . THR A 1 161 ? 1.351   -1.334  14.933  1.00 45.60  ? 185 THR A CB  1 
ATOM 1129 O OG1 . THR A 1 161 ? 1.909   -0.713  16.097  1.00 46.79  ? 185 THR A OG1 1 
ATOM 1130 C CG2 . THR A 1 161 ? 2.451   -1.545  13.904  1.00 42.51  ? 185 THR A CG2 1 
ATOM 1131 N N   . SER A 1 162 ? -1.023  -2.072  13.078  1.00 48.36  ? 186 SER A N   1 
ATOM 1132 C CA  . SER A 1 162 ? -1.502  -2.720  11.869  1.00 49.70  ? 186 SER A CA  1 
ATOM 1133 C C   . SER A 1 162 ? -2.476  -1.802  11.176  1.00 51.90  ? 186 SER A C   1 
ATOM 1134 O O   . SER A 1 162 ? -2.747  -1.949  9.985   1.00 55.45  ? 186 SER A O   1 
ATOM 1135 C CB  . SER A 1 162 ? -2.182  -4.025  12.219  1.00 48.09  ? 186 SER A CB  1 
ATOM 1136 O OG  . SER A 1 162 ? -1.390  -4.722  13.156  1.00 55.46  ? 186 SER A OG  1 
ATOM 1137 N N   . GLN A 1 163 ? -3.018  -0.857  11.933  1.00 53.51  ? 187 GLN A N   1 
ATOM 1138 C CA  . GLN A 1 163 ? -3.953  0.105   11.369  1.00 53.45  ? 187 GLN A CA  1 
ATOM 1139 C C   . GLN A 1 163 ? -3.103  0.890   10.370  1.00 51.20  ? 187 GLN A C   1 
ATOM 1140 O O   . GLN A 1 163 ? -3.363  0.887   9.160   1.00 50.09  ? 187 GLN A O   1 
ATOM 1141 C CB  . GLN A 1 163 ? -4.464  1.036   12.473  1.00 57.63  ? 187 GLN A CB  1 
ATOM 1142 C CG  . GLN A 1 163 ? -5.724  1.832   12.143  1.00 62.67  ? 187 GLN A CG  1 
ATOM 1143 C CD  . GLN A 1 163 ? -6.979  1.234   12.779  1.00 67.37  ? 187 GLN A CD  1 
ATOM 1144 O OE1 . GLN A 1 163 ? -7.702  0.446   12.149  1.00 70.14  ? 187 GLN A OE1 1 
ATOM 1145 N NE2 . GLN A 1 163 ? -7.233  1.596   14.042  1.00 66.86  ? 187 GLN A NE2 1 
ATOM 1146 N N   . GLY A 1 164 ? -2.062  1.534   10.892  1.00 48.08  ? 188 GLY A N   1 
ATOM 1147 C CA  . GLY A 1 164 ? -1.173  2.318   10.057  1.00 45.99  ? 188 GLY A CA  1 
ATOM 1148 C C   . GLY A 1 164 ? -0.680  1.563   8.841   1.00 43.40  ? 188 GLY A C   1 
ATOM 1149 O O   . GLY A 1 164 ? -0.720  2.063   7.723   1.00 42.67  ? 188 GLY A O   1 
ATOM 1150 N N   . ALA A 1 165 ? -0.207  0.347   9.057   1.00 43.10  ? 189 ALA A N   1 
ATOM 1151 C CA  . ALA A 1 165 ? 0.288   -0.458  7.960   1.00 41.05  ? 189 ALA A CA  1 
ATOM 1152 C C   . ALA A 1 165 ? -0.754  -0.563  6.859   1.00 40.39  ? 189 ALA A C   1 
ATOM 1153 O O   . ALA A 1 165 ? -0.496  -0.190  5.721   1.00 38.94  ? 189 ALA A O   1 
ATOM 1154 C CB  . ALA A 1 165 ? 0.652   -1.835  8.459   1.00 41.20  ? 189 ALA A CB  1 
ATOM 1155 N N   . ILE A 1 166 ? -1.939  -1.058  7.205   1.00 43.60  ? 190 ILE A N   1 
ATOM 1156 C CA  . ILE A 1 166 ? -3.011  -1.237  6.226   1.00 45.12  ? 190 ILE A CA  1 
ATOM 1157 C C   . ILE A 1 166 ? -3.416  0.058   5.530   1.00 46.32  ? 190 ILE A C   1 
ATOM 1158 O O   . ILE A 1 166 ? -3.676  0.079   4.321   1.00 44.90  ? 190 ILE A O   1 
ATOM 1159 C CB  . ILE A 1 166 ? -4.231  -1.893  6.882   1.00 44.26  ? 190 ILE A CB  1 
ATOM 1160 C CG1 . ILE A 1 166 ? -3.814  -3.268  7.415   1.00 44.74  ? 190 ILE A CG1 1 
ATOM 1161 C CG2 . ILE A 1 166 ? -5.373  -2.013  5.872   1.00 42.74  ? 190 ILE A CG2 1 
ATOM 1162 C CD1 . ILE A 1 166 ? -4.943  -4.110  7.958   1.00 50.78  ? 190 ILE A CD1 1 
ATOM 1163 N N   . GLN A 1 167 ? -3.475  1.140   6.294   1.00 47.89  ? 191 GLN A N   1 
ATOM 1164 C CA  . GLN A 1 167 ? -3.806  2.421   5.706   1.00 50.00  ? 191 GLN A CA  1 
ATOM 1165 C C   . GLN A 1 167 ? -2.657  2.831   4.790   1.00 49.76  ? 191 GLN A C   1 
ATOM 1166 O O   . GLN A 1 167 ? -2.862  3.043   3.593   1.00 49.64  ? 191 GLN A O   1 
ATOM 1167 C CB  . GLN A 1 167 ? -4.026  3.453   6.802   1.00 53.62  ? 191 GLN A CB  1 
ATOM 1168 C CG  . GLN A 1 167 ? -5.434  3.397   7.376   1.00 62.32  ? 191 GLN A CG  1 
ATOM 1169 C CD  . GLN A 1 167 ? -5.548  4.128   8.704   1.00 68.10  ? 191 GLN A CD  1 
ATOM 1170 O OE1 . GLN A 1 167 ? -4.967  5.211   8.883   1.00 71.66  ? 191 GLN A OE1 1 
ATOM 1171 N NE2 . GLN A 1 167 ? -6.304  3.544   9.644   1.00 70.85  ? 191 GLN A NE2 1 
ATOM 1172 N N   . GLY A 1 168 ? -1.450  2.925   5.350   1.00 50.22  ? 192 GLY A N   1 
ATOM 1173 C CA  . GLY A 1 168 ? -0.284  3.281   4.560   1.00 49.64  ? 192 GLY A CA  1 
ATOM 1174 C C   . GLY A 1 168 ? -0.196  2.437   3.294   1.00 50.88  ? 192 GLY A C   1 
ATOM 1175 O O   . GLY A 1 168 ? 0.266   2.914   2.248   1.00 50.04  ? 192 GLY A O   1 
ATOM 1176 N N   . GLU A 1 169 ? -0.642  1.184   3.373   1.00 51.85  ? 193 GLU A N   1 
ATOM 1177 C CA  . GLU A 1 169 ? -0.606  0.312   2.209   1.00 53.25  ? 193 GLU A CA  1 
ATOM 1178 C C   . GLU A 1 169 ? -1.459  0.893   1.090   1.00 56.98  ? 193 GLU A C   1 
ATOM 1179 O O   . GLU A 1 169 ? -1.055  0.865   -0.078  1.00 58.29  ? 193 GLU A O   1 
ATOM 1180 C CB  . GLU A 1 169 ? -1.123  -1.086  2.549   1.00 49.16  ? 193 GLU A CB  1 
ATOM 1181 C CG  . GLU A 1 169 ? -0.988  -2.090  1.388   1.00 44.10  ? 193 GLU A CG  1 
ATOM 1182 C CD  . GLU A 1 169 ? 0.468   -2.402  1.030   1.00 44.10  ? 193 GLU A CD  1 
ATOM 1183 O OE1 . GLU A 1 169 ? 1.403   -1.739  1.562   1.00 44.93  ? 193 GLU A OE1 1 
ATOM 1184 O OE2 . GLU A 1 169 ? 0.678   -3.318  0.207   1.00 42.42  ? 193 GLU A OE2 1 
ATOM 1185 N N   . GLN A 1 170 ? -2.632  1.415   1.465   1.00 59.53  ? 194 GLN A N   1 
ATOM 1186 C CA  . GLN A 1 170 ? -3.601  2.016   0.540   1.00 60.49  ? 194 GLN A CA  1 
ATOM 1187 C C   . GLN A 1 170 ? -2.975  3.118   -0.310  1.00 60.73  ? 194 GLN A C   1 
ATOM 1188 O O   . GLN A 1 170 ? -3.219  3.200   -1.513  1.00 61.18  ? 194 GLN A O   1 
ATOM 1189 C CB  . GLN A 1 170 ? -4.776  2.595   1.330   1.00 61.25  ? 194 GLN A CB  1 
ATOM 1190 C CG  . GLN A 1 170 ? -6.065  2.720   0.543   1.00 63.82  ? 194 GLN A CG  1 
ATOM 1191 C CD  . GLN A 1 170 ? -6.549  1.382   0.001   1.00 67.76  ? 194 GLN A CD  1 
ATOM 1192 O OE1 . GLN A 1 170 ? -6.076  0.924   -1.038  1.00 71.03  ? 194 GLN A OE1 1 
ATOM 1193 N NE2 . GLN A 1 170 ? -7.488  0.741   0.713   1.00 67.21  ? 194 GLN A NE2 1 
ATOM 1194 N N   . ALA A 1 171 ? -2.179  3.972   0.324   1.00 61.00  ? 195 ALA A N   1 
ATOM 1195 C CA  . ALA A 1 171 ? -1.501  5.053   -0.382  1.00 61.05  ? 195 ALA A CA  1 
ATOM 1196 C C   . ALA A 1 171 ? -0.640  4.443   -1.502  1.00 61.88  ? 195 ALA A C   1 
ATOM 1197 O O   . ALA A 1 171 ? -0.791  4.798   -2.681  1.00 64.38  ? 195 ALA A O   1 
ATOM 1198 C CB  . ALA A 1 171 ? -0.622  5.859   0.600   1.00 58.51  ? 195 ALA A CB  1 
ATOM 1199 N N   . LYS A 1 172 ? 0.247   3.518   -1.124  1.00 60.89  ? 196 LYS A N   1 
ATOM 1200 C CA  . LYS A 1 172 ? 1.130   2.847   -2.080  1.00 59.07  ? 196 LYS A CA  1 
ATOM 1201 C C   . LYS A 1 172 ? 0.338   2.218   -3.224  1.00 57.89  ? 196 LYS A C   1 
ATOM 1202 O O   . LYS A 1 172 ? 0.820   2.135   -4.351  1.00 57.93  ? 196 LYS A O   1 
ATOM 1203 C CB  . LYS A 1 172 ? 1.962   1.761   -1.374  1.00 58.92  ? 196 LYS A CB  1 
ATOM 1204 C CG  . LYS A 1 172 ? 2.922   0.961   -2.292  1.00 55.78  ? 196 LYS A CG  1 
ATOM 1205 C CD  . LYS A 1 172 ? 3.751   -0.049  -1.478  1.00 53.01  ? 196 LYS A CD  1 
ATOM 1206 C CE  . LYS A 1 172 ? 4.471   -1.079  -2.354  1.00 51.43  ? 196 LYS A CE  1 
ATOM 1207 N NZ  . LYS A 1 172 ? 5.414   -1.954  -1.582  1.00 41.62  ? 196 LYS A NZ  1 
ATOM 1208 N N   . LEU A 1 173 ? -0.876  1.777   -2.936  1.00 56.32  ? 197 LEU A N   1 
ATOM 1209 C CA  . LEU A 1 173 ? -1.681  1.163   -3.968  1.00 57.10  ? 197 LEU A CA  1 
ATOM 1210 C C   . LEU A 1 173 ? -2.291  2.221   -4.875  1.00 58.00  ? 197 LEU A C   1 
ATOM 1211 O O   . LEU A 1 173 ? -2.286  2.063   -6.099  1.00 59.16  ? 197 LEU A O   1 
ATOM 1212 C CB  . LEU A 1 173 ? -2.769  0.297   -3.341  1.00 56.01  ? 197 LEU A CB  1 
ATOM 1213 C CG  . LEU A 1 173 ? -2.234  -0.829  -2.460  1.00 53.55  ? 197 LEU A CG  1 
ATOM 1214 C CD1 . LEU A 1 173 ? -3.064  -0.893  -1.192  1.00 52.80  ? 197 LEU A CD1 1 
ATOM 1215 C CD2 . LEU A 1 173 ? -2.260  -2.154  -3.208  1.00 52.62  ? 197 LEU A CD2 1 
ATOM 1216 N N   . ASN A 1 174 ? -2.811  3.299   -4.291  1.00 58.80  ? 198 ASN A N   1 
ATOM 1217 C CA  . ASN A 1 174 ? -3.404  4.351   -5.111  1.00 59.32  ? 198 ASN A CA  1 
ATOM 1218 C C   . ASN A 1 174 ? -2.316  4.804   -6.066  1.00 59.15  ? 198 ASN A C   1 
ATOM 1219 O O   . ASN A 1 174 ? -2.499  4.788   -7.286  1.00 62.03  ? 198 ASN A O   1 
ATOM 1220 C CB  . ASN A 1 174 ? -3.876  5.546   -4.271  1.00 59.82  ? 198 ASN A CB  1 
ATOM 1221 C CG  . ASN A 1 174 ? -4.995  5.182   -3.302  1.00 61.66  ? 198 ASN A CG  1 
ATOM 1222 O OD1 . ASN A 1 174 ? -5.853  4.320   -3.595  1.00 58.00  ? 198 ASN A OD1 1 
ATOM 1223 N ND2 . ASN A 1 174 ? -5.005  5.853   -2.142  1.00 59.31  ? 198 ASN A ND2 1 
ATOM 1224 N N   . LEU A 1 175 ? -1.175  5.200   -5.517  1.00 56.27  ? 199 LEU A N   1 
ATOM 1225 C CA  . LEU A 1 175 ? -0.093  5.624   -6.378  1.00 55.09  ? 199 LEU A CA  1 
ATOM 1226 C C   . LEU A 1 175 ? 0.098   4.514   -7.417  1.00 55.00  ? 199 LEU A C   1 
ATOM 1227 O O   . LEU A 1 175 ? 0.042   4.755   -8.627  1.00 55.06  ? 199 LEU A O   1 
ATOM 1228 C CB  . LEU A 1 175 ? 1.191   5.812   -5.572  1.00 52.35  ? 199 LEU A CB  1 
ATOM 1229 C CG  . LEU A 1 175 ? 2.302   6.651   -6.227  1.00 51.49  ? 199 LEU A CG  1 
ATOM 1230 C CD1 . LEU A 1 175 ? 3.576   6.505   -5.399  1.00 52.40  ? 199 LEU A CD1 1 
ATOM 1231 C CD2 . LEU A 1 175 ? 2.554   6.217   -7.667  1.00 49.09  ? 199 LEU A CD2 1 
ATOM 1232 N N   . MET A 1 176 ? 0.288   3.289   -6.944  1.00 54.36  ? 200 MET A N   1 
ATOM 1233 C CA  . MET A 1 176 ? 0.502   2.188   -7.858  1.00 55.31  ? 200 MET A CA  1 
ATOM 1234 C C   . MET A 1 176 ? -0.573  2.056   -8.922  1.00 58.31  ? 200 MET A C   1 
ATOM 1235 O O   . MET A 1 176 ? -0.274  1.670   -10.060 1.00 60.27  ? 200 MET A O   1 
ATOM 1236 C CB  . MET A 1 176 ? 0.677   0.872   -7.096  1.00 51.61  ? 200 MET A CB  1 
ATOM 1237 C CG  . MET A 1 176 ? 2.146   0.591   -6.746  1.00 47.75  ? 200 MET A CG  1 
ATOM 1238 S SD  . MET A 1 176 ? 2.396   -1.014  -5.992  1.00 45.25  ? 200 MET A SD  1 
ATOM 1239 C CE  . MET A 1 176 ? 1.772   -2.100  -7.306  1.00 39.54  ? 200 MET A CE  1 
ATOM 1240 N N   . ASN A 1 177 ? -1.815  2.381   -8.577  1.00 59.59  ? 201 ASN A N   1 
ATOM 1241 C CA  . ASN A 1 177 ? -2.887  2.288   -9.564  1.00 61.50  ? 201 ASN A CA  1 
ATOM 1242 C C   . ASN A 1 177 ? -2.885  3.518   -10.471 1.00 61.34  ? 201 ASN A C   1 
ATOM 1243 O O   . ASN A 1 177 ? -3.243  3.439   -11.649 1.00 59.95  ? 201 ASN A O   1 
ATOM 1244 C CB  . ASN A 1 177 ? -4.256  2.153   -8.897  1.00 62.59  ? 201 ASN A CB  1 
ATOM 1245 C CG  . ASN A 1 177 ? -5.381  1.993   -9.913  1.00 64.51  ? 201 ASN A CG  1 
ATOM 1246 O OD1 . ASN A 1 177 ? -5.495  0.955   -10.584 1.00 65.34  ? 201 ASN A OD1 1 
ATOM 1247 N ND2 . ASN A 1 177 ? -6.208  3.025   -10.043 1.00 63.83  ? 201 ASN A ND2 1 
ATOM 1248 N N   . MET A 1 178 ? -2.486  4.659   -9.920  1.00 61.78  ? 202 MET A N   1 
ATOM 1249 C CA  . MET A 1 178 ? -2.434  5.865   -10.726 1.00 63.28  ? 202 MET A CA  1 
ATOM 1250 C C   . MET A 1 178 ? -1.400  5.627   -11.819 1.00 66.10  ? 202 MET A C   1 
ATOM 1251 O O   . MET A 1 178 ? -1.522  6.143   -12.933 1.00 68.03  ? 202 MET A O   1 
ATOM 1252 C CB  . MET A 1 178 ? -2.021  7.078   -9.892  1.00 60.02  ? 202 MET A CB  1 
ATOM 1253 C CG  . MET A 1 178 ? -1.922  8.348   -10.710 1.00 55.30  ? 202 MET A CG  1 
ATOM 1254 S SD  . MET A 1 178 ? -1.351  9.737   -9.751  1.00 55.65  ? 202 MET A SD  1 
ATOM 1255 C CE  . MET A 1 178 ? 0.383   9.688   -10.086 1.00 54.86  ? 202 MET A CE  1 
ATOM 1256 N N   . LEU A 1 179 ? -0.384  4.832   -11.503 1.00 67.62  ? 203 LEU A N   1 
ATOM 1257 C CA  . LEU A 1 179 ? 0.644   4.556   -12.486 1.00 69.12  ? 203 LEU A CA  1 
ATOM 1258 C C   . LEU A 1 179 ? 0.204   3.552   -13.538 1.00 69.50  ? 203 LEU A C   1 
ATOM 1259 O O   . LEU A 1 179 ? 0.639   3.646   -14.679 1.00 69.94  ? 203 LEU A O   1 
ATOM 1260 C CB  . LEU A 1 179 ? 1.932   4.107   -11.799 1.00 68.90  ? 203 LEU A CB  1 
ATOM 1261 C CG  . LEU A 1 179 ? 2.448   5.207   -10.866 1.00 68.82  ? 203 LEU A CG  1 
ATOM 1262 C CD1 . LEU A 1 179 ? 3.908   4.959   -10.515 1.00 68.24  ? 203 LEU A CD1 1 
ATOM 1263 C CD2 . LEU A 1 179 ? 2.294   6.559   -11.546 1.00 66.96  ? 203 LEU A CD2 1 
ATOM 1264 N N   . GLN A 1 180 ? -0.657  2.603   -13.174 1.00 70.18  ? 204 GLN A N   1 
ATOM 1265 C CA  . GLN A 1 180 ? -1.149  1.627   -14.153 1.00 71.89  ? 204 GLN A CA  1 
ATOM 1266 C C   . GLN A 1 180 ? -1.984  2.402   -15.182 1.00 74.04  ? 204 GLN A C   1 
ATOM 1267 O O   . GLN A 1 180 ? -2.114  1.993   -16.344 1.00 73.21  ? 204 GLN A O   1 
ATOM 1268 C CB  . GLN A 1 180 ? -2.024  0.548   -13.480 1.00 69.94  ? 204 GLN A CB  1 
ATOM 1269 C CG  . GLN A 1 180 ? -1.277  -0.547  -12.689 1.00 68.96  ? 204 GLN A CG  1 
ATOM 1270 C CD  . GLN A 1 180 ? -0.962  -1.811  -13.515 1.00 66.70  ? 204 GLN A CD  1 
ATOM 1271 O OE1 . GLN A 1 180 ? -1.829  -2.358  -14.197 1.00 64.73  ? 204 GLN A OE1 1 
ATOM 1272 N NE2 . GLN A 1 180 ? 0.278   -2.280  -13.428 1.00 66.06  ? 204 GLN A NE2 1 
ATOM 1273 N N   . GLN A 1 181 ? -2.554  3.523   -14.733 1.00 76.40  ? 205 GLN A N   1 
ATOM 1274 C CA  . GLN A 1 181 ? -3.377  4.390   -15.582 1.00 77.83  ? 205 GLN A CA  1 
ATOM 1275 C C   . GLN A 1 181 ? -2.454  5.110   -16.566 1.00 78.89  ? 205 GLN A C   1 
ATOM 1276 O O   . GLN A 1 181 ? -2.546  4.918   -17.784 1.00 78.42  ? 205 GLN A O   1 
ATOM 1277 C CB  . GLN A 1 181 ? -4.132  5.409   -14.718 1.00 75.47  ? 205 GLN A CB  1 
ATOM 1278 N N   . SER A 1 182 ? -1.561  5.933   -16.019 1.00 79.21  ? 206 SER A N   1 
ATOM 1279 C CA  . SER A 1 182 ? -0.584  6.675   -16.810 1.00 80.21  ? 206 SER A CA  1 
ATOM 1280 C C   . SER A 1 182 ? 0.375   5.718   -17.547 1.00 80.49  ? 206 SER A C   1 
ATOM 1281 O O   . SER A 1 182 ? 1.273   6.160   -18.272 1.00 81.05  ? 206 SER A O   1 
ATOM 1282 C CB  . SER A 1 182 ? 0.214   7.606   -15.890 1.00 80.30  ? 206 SER A CB  1 
ATOM 1283 O OG  . SER A 1 182 ? 1.309   8.205   -16.567 1.00 82.01  ? 206 SER A OG  1 
ATOM 1284 N N   . GLN A 1 183 ? 0.182   4.412   -17.350 1.00 80.08  ? 207 GLN A N   1 
ATOM 1285 C CA  . GLN A 1 183 ? 1.013   3.385   -17.985 1.00 79.37  ? 207 GLN A CA  1 
ATOM 1286 C C   . GLN A 1 183 ? 0.304   2.817   -19.209 1.00 79.88  ? 207 GLN A C   1 
ATOM 1287 O O   . GLN A 1 183 ? 0.896   2.723   -20.281 1.00 79.71  ? 207 GLN A O   1 
ATOM 1288 C CB  . GLN A 1 183 ? 1.326   2.247   -16.996 1.00 78.62  ? 207 GLN A CB  1 
ATOM 1289 C CG  . GLN A 1 183 ? 2.767   2.217   -16.469 1.00 75.99  ? 207 GLN A CG  1 
ATOM 1290 C CD  . GLN A 1 183 ? 2.974   1.206   -15.334 1.00 75.84  ? 207 GLN A CD  1 
ATOM 1291 O OE1 . GLN A 1 183 ? 2.542   0.047   -15.418 1.00 72.94  ? 207 GLN A OE1 1 
ATOM 1292 N NE2 . GLN A 1 183 ? 3.646   1.644   -14.272 1.00 72.63  ? 207 GLN A NE2 1 
ATOM 1293 N N   . ASP A 1 184 ? -0.960  2.427   -19.048 1.00 81.72  ? 208 ASP A N   1 
ATOM 1294 C CA  . ASP A 1 184 ? -1.724  1.883   -20.169 1.00 83.58  ? 208 ASP A CA  1 
ATOM 1295 C C   . ASP A 1 184 ? -1.798  2.959   -21.251 1.00 84.67  ? 208 ASP A C   1 
ATOM 1296 O O   . ASP A 1 184 ? -1.809  2.647   -22.446 1.00 84.48  ? 208 ASP A O   1 
ATOM 1297 C CB  . ASP A 1 184 ? -3.139  1.485   -19.725 1.00 84.30  ? 208 ASP A CB  1 
ATOM 1298 C CG  . ASP A 1 184 ? -3.163  0.210   -18.887 1.00 84.78  ? 208 ASP A CG  1 
ATOM 1299 O OD1 . ASP A 1 184 ? -4.268  -0.172  -18.432 1.00 85.33  ? 208 ASP A OD1 1 
ATOM 1300 O OD2 . ASP A 1 184 ? -2.092  -0.409  -18.687 1.00 83.37  ? 208 ASP A OD2 1 
ATOM 1301 N N   . LYS A 1 185 ? -1.842  4.222   -20.817 1.00 85.66  ? 209 LYS A N   1 
ATOM 1302 C CA  . LYS A 1 185 ? -1.895  5.378   -21.718 1.00 85.35  ? 209 LYS A CA  1 
ATOM 1303 C C   . LYS A 1 185 ? -0.590  5.421   -22.508 1.00 85.96  ? 209 LYS A C   1 
ATOM 1304 O O   . LYS A 1 185 ? -0.569  5.211   -23.723 1.00 86.52  ? 209 LYS A O   1 
ATOM 1305 C CB  . LYS A 1 185 ? -2.031  6.687   -20.926 1.00 84.51  ? 209 LYS A CB  1 
ATOM 1306 C CG  . LYS A 1 185 ? -3.238  6.794   -19.988 1.00 86.67  ? 209 LYS A CG  1 
ATOM 1307 C CD  . LYS A 1 185 ? -4.573  6.763   -20.735 1.00 87.58  ? 209 LYS A CD  1 
ATOM 1308 C CE  . LYS A 1 185 ? -5.709  7.453   -19.949 1.00 88.80  ? 209 LYS A CE  1 
ATOM 1309 N NZ  . LYS A 1 185 ? -6.061  6.823   -18.642 1.00 86.50  ? 209 LYS A NZ  1 
ATOM 1310 N N   . LEU A 1 186 ? 0.498   5.694   -21.794 1.00 85.89  ? 210 LEU A N   1 
ATOM 1311 C CA  . LEU A 1 186 ? 1.832   5.764   -22.374 1.00 86.04  ? 210 LEU A CA  1 
ATOM 1312 C C   . LEU A 1 186 ? 2.099   4.563   -23.295 1.00 86.57  ? 210 LEU A C   1 
ATOM 1313 O O   . LEU A 1 186 ? 3.005   4.606   -24.122 1.00 86.68  ? 210 LEU A O   1 
ATOM 1314 C CB  . LEU A 1 186 ? 2.878   5.791   -21.250 1.00 85.31  ? 210 LEU A CB  1 
ATOM 1315 C CG  . LEU A 1 186 ? 4.228   6.488   -21.455 1.00 85.09  ? 210 LEU A CG  1 
ATOM 1316 C CD1 . LEU A 1 186 ? 4.047   7.991   -21.264 1.00 83.04  ? 210 LEU A CD1 1 
ATOM 1317 C CD2 . LEU A 1 186 ? 5.243   5.966   -20.443 1.00 85.13  ? 210 LEU A CD2 1 
ATOM 1318 N N   . LEU A 1 187 ? 1.316   3.493   -23.153 1.00 87.43  ? 211 LEU A N   1 
ATOM 1319 C CA  . LEU A 1 187 ? 1.502   2.300   -23.983 1.00 89.17  ? 211 LEU A CA  1 
ATOM 1320 C C   . LEU A 1 187 ? 0.870   2.459   -25.360 1.00 90.25  ? 211 LEU A C   1 
ATOM 1321 O O   . LEU A 1 187 ? 1.522   2.213   -26.378 1.00 89.73  ? 211 LEU A O   1 
ATOM 1322 C CB  . LEU A 1 187 ? 0.914   1.054   -23.301 1.00 89.16  ? 211 LEU A CB  1 
ATOM 1323 C CG  . LEU A 1 187 ? 1.165   -0.283  -24.022 1.00 88.23  ? 211 LEU A CG  1 
ATOM 1324 C CD1 . LEU A 1 187 ? 2.651   -0.622  -23.961 1.00 87.18  ? 211 LEU A CD1 1 
ATOM 1325 C CD2 . LEU A 1 187 ? 0.338   -1.396  -23.383 1.00 87.47  ? 211 LEU A CD2 1 
ATOM 1326 N N   . ARG A 1 188 ? -0.403  2.850   -25.393 1.00 91.65  ? 212 ARG A N   1 
ATOM 1327 C CA  . ARG A 1 188 ? -1.087  3.051   -26.667 1.00 92.39  ? 212 ARG A CA  1 
ATOM 1328 C C   . ARG A 1 188 ? -0.312  4.138   -27.405 1.00 92.36  ? 212 ARG A C   1 
ATOM 1329 O O   . ARG A 1 188 ? -0.144  4.072   -28.622 1.00 93.00  ? 212 ARG A O   1 
ATOM 1330 C CB  . ARG A 1 188 ? -2.544  3.484   -26.441 1.00 90.75  ? 212 ARG A CB  1 
ATOM 1331 N N   . ALA A 1 189 ? 0.181   5.119   -26.649 1.00 92.03  ? 213 ALA A N   1 
ATOM 1332 C CA  . ALA A 1 189 ? 0.952   6.223   -27.210 1.00 92.52  ? 213 ALA A CA  1 
ATOM 1333 C C   . ALA A 1 189 ? 2.191   5.718   -27.950 1.00 93.16  ? 213 ALA A C   1 
ATOM 1334 O O   . ALA A 1 189 ? 2.690   6.376   -28.861 1.00 92.79  ? 213 ALA A O   1 
ATOM 1335 C CB  . ALA A 1 189 ? 1.359   7.191   -26.105 1.00 92.19  ? 213 ALA A CB  1 
ATOM 1336 N N   . GLN A 1 190 ? 2.690   4.555   -27.548 1.00 95.75  ? 214 GLN A N   1 
ATOM 1337 C CA  . GLN A 1 190 ? 3.856   3.959   -28.194 1.00 97.95  ? 214 GLN A CA  1 
ATOM 1338 C C   . GLN A 1 190 ? 3.414   3.435   -29.555 1.00 99.93  ? 214 GLN A C   1 
ATOM 1339 O O   . GLN A 1 190 ? 4.110   3.612   -30.562 1.00 100.44 ? 214 GLN A O   1 
ATOM 1340 C CB  . GLN A 1 190 ? 4.402   2.804   -27.348 1.00 97.92  ? 214 GLN A CB  1 
ATOM 1341 C CG  . GLN A 1 190 ? 5.107   3.240   -26.072 1.00 97.59  ? 214 GLN A CG  1 
ATOM 1342 C CD  . GLN A 1 190 ? 6.610   3.325   -26.239 1.00 96.66  ? 214 GLN A CD  1 
ATOM 1343 O OE1 . GLN A 1 190 ? 7.281   2.304   -26.414 1.00 96.50  ? 214 GLN A OE1 1 
ATOM 1344 N NE2 . GLN A 1 190 ? 7.150   4.543   -26.194 1.00 96.01  ? 214 GLN A NE2 1 
ATOM 1345 N N   . LYS A 1 191 ? 2.244   2.798   -29.568 1.00 101.96 ? 215 LYS A N   1 
ATOM 1346 C CA  . LYS A 1 191 ? 1.657   2.233   -30.781 1.00 104.50 ? 215 LYS A CA  1 
ATOM 1347 C C   . LYS A 1 191 ? 1.149   3.357   -31.695 1.00 105.45 ? 215 LYS A C   1 
ATOM 1348 O O   . LYS A 1 191 ? 0.226   3.159   -32.490 1.00 105.03 ? 215 LYS A O   1 
ATOM 1349 C CB  . LYS A 1 191 ? 0.504   1.293   -30.403 1.00 105.02 ? 215 LYS A CB  1 
ATOM 1350 C CG  . LYS A 1 191 ? 0.892   0.208   -29.393 1.00 105.85 ? 215 LYS A CG  1 
ATOM 1351 C CD  . LYS A 1 191 ? -0.339  -0.333  -28.656 1.00 106.89 ? 215 LYS A CD  1 
ATOM 1352 C CE  . LYS A 1 191 ? 0.016   -1.351  -27.563 1.00 106.27 ? 215 LYS A CE  1 
ATOM 1353 N NZ  . LYS A 1 191 ? 0.468   -2.677  -28.091 1.00 105.24 ? 215 LYS A NZ  1 
ATOM 1354 N N   . ASP A 1 192 ? 1.763   4.536   -31.557 1.00 106.52 ? 216 ASP A N   1 
ATOM 1355 C CA  . ASP A 1 192 ? 1.428   5.722   -32.353 1.00 106.43 ? 216 ASP A CA  1 
ATOM 1356 C C   . ASP A 1 192 ? 2.376   5.820   -33.550 1.00 106.76 ? 216 ASP A C   1 
ATOM 1357 O O   . ASP A 1 192 ? 3.463   6.407   -33.469 1.00 106.06 ? 216 ASP A O   1 
ATOM 1358 C CB  . ASP A 1 192 ? 1.528   6.990   -31.493 1.00 105.66 ? 216 ASP A CB  1 
ATOM 1359 N N   . ARG A 1 193 ? 1.929   5.220   -34.651 1.00 107.13 ? 217 ARG A N   1 
ATOM 1360 C CA  . ARG A 1 193 ? 2.646   5.160   -35.920 1.00 106.62 ? 217 ARG A CA  1 
ATOM 1361 C C   . ARG A 1 193 ? 2.194   3.855   -36.573 1.00 106.43 ? 217 ARG A C   1 
ATOM 1362 O O   . ARG A 1 193 ? 1.759   3.845   -37.728 1.00 105.38 ? 217 ARG A O   1 
ATOM 1363 C CB  . ARG A 1 193 ? 4.158   5.142   -35.696 1.00 105.87 ? 217 ARG A CB  1 
ATOM 1364 N N   . ALA A 1 194 ? 2.279   2.766   -35.806 1.00 105.89 ? 218 ALA A N   1 
ATOM 1365 C CA  . ALA A 1 194 ? 1.890   1.433   -36.271 1.00 105.63 ? 218 ALA A CA  1 
ATOM 1366 C C   . ALA A 1 194 ? 0.365   1.245   -36.408 1.00 106.01 ? 218 ALA A C   1 
ATOM 1367 O O   . ALA A 1 194 ? -0.083  0.866   -37.512 1.00 105.56 ? 218 ALA A O   1 
ATOM 1368 C CB  . ALA A 1 194 ? 2.470   0.372   -35.333 1.00 104.45 ? 218 ALA A CB  1 
# 
